data_8VHU
#
_entry.id   8VHU
#
_cell.length_a   88.214
_cell.length_b   111.207
_cell.length_c   209.701
_cell.angle_alpha   90.00
_cell.angle_beta   90.00
_cell.angle_gamma   90.00
#
_symmetry.space_group_name_H-M   'P 21 21 21'
#
loop_
_entity.id
_entity.type
_entity.pdbx_description
1 polymer 'Fusion protein of Ribonucleoside-diphosphate reductase 1 subunits alpha and beta'
2 non-polymer "2'-DEOXYADENOSINE 5'-TRIPHOSPHATE"
3 non-polymer 'MAGNESIUM ION'
4 non-polymer 'SODIUM ION'
5 non-polymer 'CHLORIDE ION'
6 non-polymer GLYCEROL
7 water water
#
_entity_poly.entity_id   1
_entity_poly.type   'polypeptide(L)'
_entity_poly.pdbx_seq_one_letter_code
;MGSSHHHHHHSSGLVPRGSMNQNLLVTKRDGSTERINLDKIHRVLDWAAEGLHNVSISQVELRSHIQFYDGIKTSDIHET
IIKAAADLISRDAPDYQYLAARLAIFHLRKKAYGQFEPPALYDHVVKMVEMGKYDNHLLEDYTEEEFKQMDTFIDHDRDM
TFSYAAVKQLEGKYLVQNRVTGEIYESAQFLYILVAACLFSNYPRETRLQYVKRFYDAVSTFKISLPTPIMSGVRTPTRQ
FSSCVLIECGDSLDSINATSSAIVKYVSQRAGIGINAGRIRALGSPIRGGEAFHTGCIPFYKHFQTAVKSCSQGGVRGGA
ATLFYPMWHLEVESLLVLKNNRGVEGNRVRHMDYGVQINKLMYTRLLKGEDITLFSPSDVPGLYDAFFADQEEFERLYTK
YEKDDSIRKQRVKAVELFSLMMQERASTGRIYIQNVDHCNTHSPFDPAIAPVRQSNLCLEIALPTKPLNDVNDENGEIAL
CTLSAFNLGAINNLDELEELAILAVRALDALLDYQDYPIPAAKRGAMGRRTLGIGVINFAYYLAKHGKRYSDGSANNLTH
KTFEAIQYYLLKASNELAKEQGACPWFNETTYAKGILPIDTYKKDLDTIANEPLHYDWEALRESIKTHGLRNSTLSALMP
SETSSQISNATNGIEPPRGYVSIKASKDGILRQVVPDYEHLHDAYELLWEMPGNDGYLQLVGIMQKFIDQSISANTNYDP
SRFPSGKVPMQQLLKDLLTAYKFGVKTLYYQNTRDGAEDAQDDLVPSIQDDGSDNVQVAPQEVEVSSYLVGQIDSEVDTD
DLSNFQL
;
_entity_poly.pdbx_strand_id   A,B
#
loop_
_chem_comp.id
_chem_comp.type
_chem_comp.name
_chem_comp.formula
CL non-polymer 'CHLORIDE ION' 'Cl -1'
DTP non-polymer '2'-DEOXYADENOSINE 5'-TRIPHOSPHATE' 'C10 H16 N5 O12 P3'
GOL non-polymer GLYCEROL 'C3 H8 O3'
MG non-polymer 'MAGNESIUM ION' 'Mg 2'
NA non-polymer 'SODIUM ION' 'Na 1'
#
# COMPACT_ATOMS: atom_id res chain seq x y z
N LEU A 24 43.30 3.62 47.02
CA LEU A 24 42.82 3.93 45.68
C LEU A 24 41.65 4.91 45.72
N LEU A 25 41.35 5.50 44.57
CA LEU A 25 40.30 6.51 44.49
C LEU A 25 39.13 6.08 43.61
N VAL A 26 37.92 6.44 44.04
CA VAL A 26 36.75 6.36 43.18
C VAL A 26 36.52 7.74 42.57
N THR A 27 35.79 7.77 41.46
CA THR A 27 35.39 9.04 40.87
C THR A 27 33.91 9.30 41.15
N LYS A 28 33.62 10.37 41.86
CA LYS A 28 32.25 10.71 42.21
C LYS A 28 31.48 11.16 40.97
N ARG A 29 30.17 11.35 41.12
CA ARG A 29 29.33 11.76 39.99
C ARG A 29 29.67 13.17 39.50
N ASP A 30 30.22 14.00 40.38
CA ASP A 30 30.56 15.37 40.01
C ASP A 30 31.96 15.48 39.42
N GLY A 31 32.63 14.35 39.26
CA GLY A 31 33.95 14.33 38.63
C GLY A 31 35.12 14.38 39.61
N SER A 32 34.84 14.71 40.86
CA SER A 32 35.88 14.75 41.89
C SER A 32 36.27 13.33 42.31
N THR A 33 37.43 13.20 42.94
CA THR A 33 37.91 11.91 43.41
C THR A 33 37.80 11.79 44.94
N GLU A 34 37.75 10.55 45.42
CA GLU A 34 37.51 10.28 46.83
C GLU A 34 38.05 8.89 47.18
N ARG A 35 38.63 8.76 48.37
CA ARG A 35 39.15 7.46 48.81
C ARG A 35 38.04 6.42 48.86
N ILE A 36 38.37 5.19 48.47
CA ILE A 36 37.41 4.10 48.48
C ILE A 36 36.85 3.84 49.87
N ASN A 37 35.52 3.84 49.97
CA ASN A 37 34.86 3.56 51.23
C ASN A 37 33.72 2.57 51.01
N LEU A 38 33.98 1.30 51.33
CA LEU A 38 33.01 0.23 51.12
C LEU A 38 31.74 0.42 51.94
N ASP A 39 31.85 1.16 53.05
CA ASP A 39 30.70 1.42 53.90
C ASP A 39 29.60 2.19 53.17
N LYS A 40 30.01 3.01 52.20
CA LYS A 40 29.06 3.78 51.40
C LYS A 40 28.22 2.83 50.53
N ILE A 41 28.86 1.76 50.05
CA ILE A 41 28.16 0.74 49.29
C ILE A 41 27.21 -0.03 50.21
N HIS A 42 27.68 -0.35 51.41
CA HIS A 42 26.87 -1.10 52.36
C HIS A 42 25.64 -0.29 52.78
N ARG A 43 25.83 1.02 52.99
CA ARG A 43 24.76 1.92 53.39
C ARG A 43 23.60 1.94 52.41
N VAL A 44 23.89 2.12 51.12
CA VAL A 44 22.83 2.20 50.12
C VAL A 44 22.14 0.85 49.95
N LEU A 45 22.87 -0.23 50.13
CA LEU A 45 22.29 -1.57 50.10
C LEU A 45 21.36 -1.76 51.30
N ASP A 46 21.78 -1.24 52.44
CA ASP A 46 20.99 -1.29 53.65
C ASP A 46 19.69 -0.51 53.50
N TRP A 47 19.79 0.67 52.90
CA TRP A 47 18.62 1.49 52.63
C TRP A 47 17.63 0.76 51.73
N ALA A 48 18.12 0.17 50.65
CA ALA A 48 17.26 -0.47 49.67
C ALA A 48 16.67 -1.78 50.17
N ALA A 49 17.28 -2.38 51.19
CA ALA A 49 16.85 -3.67 51.72
C ALA A 49 15.83 -3.52 52.84
N GLU A 50 15.54 -2.29 53.23
CA GLU A 50 14.61 -2.03 54.32
C GLU A 50 13.25 -2.67 54.10
N GLY A 51 12.81 -3.47 55.06
CA GLY A 51 11.50 -4.09 55.02
C GLY A 51 11.40 -5.35 54.18
N LEU A 52 12.49 -5.71 53.51
CA LEU A 52 12.49 -6.86 52.63
C LEU A 52 12.81 -8.16 53.37
N HIS A 53 12.29 -9.27 52.86
CA HIS A 53 12.53 -10.58 53.46
C HIS A 53 13.51 -11.42 52.64
N ASN A 54 14.30 -12.23 53.33
CA ASN A 54 15.21 -13.19 52.71
C ASN A 54 16.17 -12.59 51.70
N VAL A 55 16.61 -11.35 51.93
CA VAL A 55 17.62 -10.76 51.09
C VAL A 55 18.94 -10.68 51.85
N SER A 56 20.03 -10.98 51.15
CA SER A 56 21.34 -10.99 51.78
C SER A 56 22.24 -9.92 51.19
N ILE A 57 22.51 -8.88 51.97
CA ILE A 57 23.42 -7.82 51.56
C ILE A 57 24.81 -8.40 51.32
N SER A 58 25.24 -9.32 52.18
CA SER A 58 26.51 -10.01 51.98
C SER A 58 26.58 -10.67 50.62
N GLN A 59 25.51 -11.37 50.23
CA GLN A 59 25.49 -12.07 48.96
C GLN A 59 25.53 -11.10 47.79
N VAL A 60 24.80 -9.99 47.89
CA VAL A 60 24.83 -8.96 46.86
C VAL A 60 26.26 -8.43 46.68
N GLU A 61 26.95 -8.24 47.80
CA GLU A 61 28.32 -7.75 47.77
C GLU A 61 29.27 -8.77 47.16
N LEU A 62 29.09 -10.04 47.52
CA LEU A 62 29.91 -11.12 46.97
C LEU A 62 29.65 -11.26 45.46
N ARG A 63 28.38 -11.20 45.07
CA ARG A 63 28.01 -11.32 43.66
C ARG A 63 28.55 -10.20 42.78
N SER A 64 28.85 -9.06 43.38
CA SER A 64 29.30 -7.91 42.62
C SER A 64 30.72 -8.08 42.08
N HIS A 65 31.59 -8.73 42.84
CA HIS A 65 33.02 -8.88 42.51
C HIS A 65 33.62 -7.58 41.96
N ILE A 66 33.34 -6.46 42.62
CA ILE A 66 33.71 -5.16 42.06
C ILE A 66 35.22 -5.01 41.87
N GLN A 67 35.62 -4.85 40.61
CA GLN A 67 37.02 -4.63 40.27
C GLN A 67 37.41 -3.18 40.52
N PHE A 68 38.03 -2.92 41.66
CA PHE A 68 38.42 -1.57 42.02
C PHE A 68 39.71 -1.12 41.36
N TYR A 69 39.58 -0.42 40.24
CA TYR A 69 40.72 0.20 39.58
C TYR A 69 40.70 1.70 39.86
N ASP A 70 41.86 2.34 39.81
CA ASP A 70 41.95 3.76 40.14
C ASP A 70 41.16 4.61 39.14
N GLY A 71 40.21 5.37 39.65
CA GLY A 71 39.38 6.22 38.81
C GLY A 71 38.04 5.61 38.47
N ILE A 72 37.72 4.49 39.12
CA ILE A 72 36.46 3.81 38.89
C ILE A 72 35.29 4.72 39.30
N LYS A 73 34.31 4.85 38.42
CA LYS A 73 33.18 5.74 38.66
C LYS A 73 32.20 5.12 39.65
N THR A 74 31.67 5.95 40.54
CA THR A 74 30.64 5.50 41.48
C THR A 74 29.37 5.12 40.74
N SER A 75 29.17 5.71 39.57
CA SER A 75 28.00 5.41 38.75
C SER A 75 28.12 4.01 38.16
N ASP A 76 29.33 3.60 37.83
CA ASP A 76 29.58 2.26 37.33
C ASP A 76 29.54 1.25 38.47
N ILE A 77 30.02 1.65 39.64
CA ILE A 77 29.92 0.82 40.84
C ILE A 77 28.45 0.53 41.16
N HIS A 78 27.63 1.57 41.06
CA HIS A 78 26.21 1.42 41.39
C HIS A 78 25.49 0.52 40.39
N GLU A 79 25.87 0.60 39.13
CA GLU A 79 25.23 -0.23 38.11
C GLU A 79 25.62 -1.69 38.27
N THR A 80 26.86 -1.93 38.69
CA THR A 80 27.33 -3.28 38.98
C THR A 80 26.51 -3.92 40.09
N ILE A 81 26.19 -3.12 41.11
CA ILE A 81 25.47 -3.60 42.28
C ILE A 81 23.98 -3.80 41.99
N ILE A 82 23.43 -2.94 41.13
CA ILE A 82 22.05 -3.11 40.68
C ILE A 82 21.89 -4.45 39.97
N LYS A 83 22.81 -4.74 39.05
CA LYS A 83 22.76 -5.95 38.26
C LYS A 83 22.94 -7.20 39.12
N ALA A 84 23.83 -7.11 40.12
CA ALA A 84 24.06 -8.22 41.03
C ALA A 84 22.78 -8.54 41.81
N ALA A 85 22.13 -7.51 42.33
CA ALA A 85 20.86 -7.68 43.04
C ALA A 85 19.81 -8.26 42.10
N ALA A 86 19.78 -7.76 40.86
CA ALA A 86 18.82 -8.24 39.86
C ALA A 86 19.05 -9.70 39.52
N ASP A 87 20.32 -10.11 39.50
CA ASP A 87 20.66 -11.49 39.15
C ASP A 87 20.30 -12.47 40.27
N LEU A 88 19.97 -11.94 41.44
CA LEU A 88 19.64 -12.77 42.58
C LEU A 88 18.13 -13.00 42.72
N ILE A 89 17.34 -12.36 41.86
CA ILE A 89 15.90 -12.56 41.84
C ILE A 89 15.56 -14.02 41.58
N SER A 90 14.79 -14.62 42.48
CA SER A 90 14.39 -16.02 42.35
C SER A 90 13.12 -16.29 43.14
N ARG A 91 12.53 -17.46 42.97
CA ARG A 91 11.29 -17.77 43.68
C ARG A 91 11.56 -17.97 45.18
N ASP A 92 12.78 -18.35 45.53
CA ASP A 92 13.15 -18.51 46.93
C ASP A 92 13.46 -17.17 47.58
N ALA A 93 13.93 -16.21 46.78
CA ALA A 93 14.18 -14.86 47.30
C ALA A 93 13.61 -13.79 46.36
N PRO A 94 12.27 -13.69 46.30
CA PRO A 94 11.62 -12.75 45.39
C PRO A 94 11.89 -11.28 45.72
N ASP A 95 12.18 -10.97 46.98
CA ASP A 95 12.32 -9.57 47.38
C ASP A 95 13.55 -8.88 46.79
N TYR A 96 14.41 -9.65 46.12
CA TYR A 96 15.50 -9.03 45.34
C TYR A 96 14.93 -8.20 44.20
N GLN A 97 13.70 -8.53 43.80
CA GLN A 97 12.95 -7.74 42.82
C GLN A 97 12.87 -6.28 43.24
N TYR A 98 12.69 -6.07 44.54
CA TYR A 98 12.47 -4.74 45.08
C TYR A 98 13.78 -4.10 45.52
N LEU A 99 14.73 -4.94 45.96
CA LEU A 99 16.06 -4.45 46.30
C LEU A 99 16.71 -3.79 45.08
N ALA A 100 16.69 -4.52 43.96
CA ALA A 100 17.28 -4.02 42.72
C ALA A 100 16.55 -2.78 42.22
N ALA A 101 15.23 -2.80 42.32
CA ALA A 101 14.39 -1.70 41.85
C ALA A 101 14.71 -0.41 42.60
N ARG A 102 14.84 -0.50 43.92
CA ARG A 102 15.11 0.68 44.73
C ARG A 102 16.50 1.24 44.44
N LEU A 103 17.45 0.36 44.18
CA LEU A 103 18.79 0.77 43.78
C LEU A 103 18.72 1.48 42.43
N ALA A 104 17.87 0.98 41.54
CA ALA A 104 17.66 1.58 40.23
C ALA A 104 16.99 2.95 40.36
N ILE A 105 15.95 3.02 41.18
CA ILE A 105 15.24 4.27 41.44
C ILE A 105 16.20 5.34 41.97
N PHE A 106 17.03 4.94 42.93
CA PHE A 106 18.10 5.78 43.46
C PHE A 106 18.96 6.35 42.34
N HIS A 107 19.42 5.45 41.47
CA HIS A 107 20.24 5.81 40.32
C HIS A 107 19.54 6.81 39.41
N LEU A 108 18.24 6.61 39.21
CA LEU A 108 17.45 7.46 38.33
C LEU A 108 17.22 8.85 38.94
N ARG A 109 17.08 8.90 40.26
CA ARG A 109 16.96 10.18 40.96
C ARG A 109 18.20 11.03 40.71
N LYS A 110 19.37 10.39 40.74
CA LYS A 110 20.64 11.08 40.54
C LYS A 110 20.78 11.58 39.11
N LYS A 111 20.36 10.76 38.15
CA LYS A 111 20.47 11.12 36.73
C LYS A 111 19.57 12.30 36.37
N ALA A 112 18.45 12.43 37.06
CA ALA A 112 17.44 13.41 36.69
C ALA A 112 17.53 14.70 37.51
N TYR A 113 18.01 14.59 38.74
CA TYR A 113 17.94 15.70 39.68
C TYR A 113 19.29 16.06 40.29
N GLY A 114 20.29 15.18 40.11
CA GLY A 114 21.60 15.41 40.70
C GLY A 114 21.59 15.18 42.20
N GLN A 115 20.51 14.58 42.68
CA GLN A 115 20.33 14.28 44.09
C GLN A 115 19.15 13.32 44.24
N PHE A 116 18.94 12.78 45.44
CA PHE A 116 17.87 11.82 45.65
C PHE A 116 16.50 12.51 45.70
N GLU A 117 16.40 13.59 46.47
CA GLU A 117 15.13 14.29 46.63
C GLU A 117 14.78 15.10 45.38
N PRO A 118 13.59 14.84 44.80
CA PRO A 118 13.10 15.58 43.63
C PRO A 118 12.84 17.06 43.95
N PRO A 119 12.90 17.94 42.93
CA PRO A 119 12.62 19.35 43.13
C PRO A 119 11.14 19.58 43.39
N ALA A 120 10.76 20.81 43.74
CA ALA A 120 9.36 21.16 43.87
C ALA A 120 8.67 20.95 42.53
N LEU A 121 7.40 20.55 42.56
CA LEU A 121 6.66 20.23 41.34
C LEU A 121 6.61 21.39 40.34
N TYR A 122 6.33 22.59 40.84
CA TYR A 122 6.23 23.77 39.98
C TYR A 122 7.54 24.10 39.28
N ASP A 123 8.63 24.03 40.03
CA ASP A 123 9.95 24.29 39.47
C ASP A 123 10.30 23.24 38.43
N HIS A 124 9.93 22.00 38.69
CA HIS A 124 10.15 20.91 37.75
C HIS A 124 9.35 21.14 36.46
N VAL A 125 8.08 21.52 36.61
CA VAL A 125 7.20 21.71 35.45
C VAL A 125 7.67 22.88 34.58
N VAL A 126 8.02 23.99 35.21
CA VAL A 126 8.52 25.15 34.49
C VAL A 126 9.78 24.80 33.69
N LYS A 127 10.69 24.07 34.33
CA LYS A 127 11.93 23.68 33.69
C LYS A 127 11.68 22.80 32.46
N MET A 128 10.80 21.82 32.62
CA MET A 128 10.48 20.90 31.54
C MET A 128 9.73 21.56 30.37
N VAL A 129 8.87 22.52 30.68
CA VAL A 129 8.16 23.26 29.63
C VAL A 129 9.15 24.13 28.87
N GLU A 130 10.06 24.77 29.60
CA GLU A 130 11.11 25.58 28.99
C GLU A 130 11.97 24.74 28.05
N MET A 131 12.23 23.49 28.45
CA MET A 131 13.01 22.57 27.63
C MET A 131 12.17 21.93 26.53
N GLY A 132 10.87 22.22 26.52
CA GLY A 132 9.97 21.70 25.51
C GLY A 132 9.60 20.24 25.72
N LYS A 133 9.73 19.77 26.95
CA LYS A 133 9.47 18.36 27.26
C LYS A 133 8.07 18.13 27.82
N TYR A 134 7.51 19.16 28.47
CA TYR A 134 6.14 19.10 28.94
C TYR A 134 5.26 20.03 28.13
N ASP A 135 3.97 19.74 28.07
CA ASP A 135 3.01 20.58 27.37
C ASP A 135 2.90 21.95 28.05
N ASN A 136 2.96 23.01 27.26
CA ASN A 136 2.93 24.36 27.81
C ASN A 136 1.57 24.70 28.42
N HIS A 137 0.56 23.91 28.10
CA HIS A 137 -0.79 24.17 28.60
C HIS A 137 -0.91 23.91 30.10
N LEU A 138 0.01 23.11 30.63
CA LEU A 138 0.05 22.86 32.08
C LEU A 138 0.15 24.16 32.87
N LEU A 139 0.99 25.08 32.40
CA LEU A 139 1.19 26.34 33.10
C LEU A 139 0.03 27.31 32.89
N GLU A 140 -0.80 27.03 31.89
CA GLU A 140 -1.99 27.84 31.64
C GLU A 140 -3.18 27.37 32.46
N ASP A 141 -3.27 26.06 32.67
CA ASP A 141 -4.44 25.47 33.33
C ASP A 141 -4.33 25.52 34.86
N TYR A 142 -3.11 25.57 35.36
CA TYR A 142 -2.89 25.58 36.80
C TYR A 142 -1.96 26.71 37.22
N THR A 143 -2.33 27.41 38.31
CA THR A 143 -1.48 28.45 38.86
C THR A 143 -0.34 27.83 39.65
N GLU A 144 0.64 28.65 40.04
CA GLU A 144 1.75 28.15 40.83
C GLU A 144 1.24 27.59 42.15
N GLU A 145 0.26 28.27 42.73
CA GLU A 145 -0.36 27.83 43.97
C GLU A 145 -0.97 26.45 43.84
N GLU A 146 -1.62 26.19 42.72
CA GLU A 146 -2.27 24.90 42.50
C GLU A 146 -1.24 23.79 42.33
N PHE A 147 -0.08 24.12 41.76
CA PHE A 147 1.00 23.15 41.67
C PHE A 147 1.58 22.85 43.04
N LYS A 148 1.64 23.87 43.90
CA LYS A 148 2.07 23.68 45.29
C LYS A 148 1.14 22.71 45.99
N GLN A 149 -0.16 22.89 45.75
CA GLN A 149 -1.19 22.02 46.31
C GLN A 149 -1.02 20.58 45.80
N MET A 150 -0.75 20.44 44.51
CA MET A 150 -0.58 19.11 43.92
C MET A 150 0.69 18.44 44.42
N ASP A 151 1.70 19.24 44.76
CA ASP A 151 2.95 18.70 45.26
C ASP A 151 2.72 18.00 46.61
N THR A 152 1.78 18.52 47.39
CA THR A 152 1.47 17.94 48.68
C THR A 152 0.72 16.61 48.53
N PHE A 153 0.08 16.40 47.37
CA PHE A 153 -0.57 15.13 47.08
C PHE A 153 0.48 14.04 46.89
N ILE A 154 1.58 14.42 46.25
CA ILE A 154 2.62 13.49 45.83
C ILE A 154 3.33 12.80 47.00
N ASP A 155 3.54 11.49 46.88
CA ASP A 155 4.39 10.75 47.79
C ASP A 155 5.51 10.09 46.99
N HIS A 156 6.68 10.73 46.99
CA HIS A 156 7.80 10.22 46.19
C HIS A 156 8.33 8.88 46.68
N ASP A 157 8.00 8.53 47.92
CA ASP A 157 8.42 7.25 48.47
C ASP A 157 7.67 6.09 47.82
N ARG A 158 6.64 6.41 47.05
CA ARG A 158 5.90 5.38 46.32
C ARG A 158 6.74 4.79 45.19
N ASP A 159 7.83 5.48 44.82
CA ASP A 159 8.79 4.92 43.88
C ASP A 159 9.45 3.66 44.43
N MET A 160 9.48 3.54 45.75
CA MET A 160 10.10 2.38 46.40
C MET A 160 9.18 1.15 46.41
N THR A 161 8.03 1.26 45.75
CA THR A 161 7.08 0.15 45.68
C THR A 161 7.09 -0.54 44.32
N PHE A 162 7.91 -0.04 43.40
CA PHE A 162 8.07 -0.68 42.09
C PHE A 162 8.97 -1.91 42.17
N SER A 163 8.69 -2.91 41.35
CA SER A 163 9.59 -4.05 41.20
C SER A 163 10.63 -3.71 40.14
N TYR A 164 11.64 -4.55 40.00
CA TYR A 164 12.74 -4.25 39.07
C TYR A 164 12.26 -4.24 37.62
N ALA A 165 11.39 -5.17 37.26
CA ALA A 165 10.83 -5.20 35.92
C ALA A 165 10.05 -3.92 35.62
N ALA A 166 9.35 -3.41 36.64
CA ALA A 166 8.58 -2.18 36.52
C ALA A 166 9.49 -0.99 36.22
N VAL A 167 10.58 -0.87 36.96
CA VAL A 167 11.50 0.24 36.81
C VAL A 167 12.13 0.22 35.42
N LYS A 168 12.43 -0.97 34.92
CA LYS A 168 12.97 -1.12 33.58
C LYS A 168 11.98 -0.64 32.51
N GLN A 169 10.70 -0.87 32.74
CA GLN A 169 9.65 -0.38 31.83
C GLN A 169 9.56 1.13 31.90
N LEU A 170 9.55 1.67 33.12
CA LEU A 170 9.53 3.12 33.34
C LEU A 170 10.70 3.78 32.63
N GLU A 171 11.89 3.23 32.86
CA GLU A 171 13.11 3.74 32.27
C GLU A 171 13.12 3.58 30.75
N GLY A 172 12.55 2.48 30.29
CA GLY A 172 12.58 2.13 28.88
C GLY A 172 11.65 2.94 28.00
N LYS A 173 10.42 3.15 28.44
CA LYS A 173 9.41 3.74 27.56
C LYS A 173 8.46 4.76 28.16
N TYR A 174 8.50 4.97 29.48
CA TYR A 174 7.50 5.83 30.10
C TYR A 174 8.05 7.19 30.55
N LEU A 175 9.19 7.18 31.25
CA LEU A 175 9.74 8.41 31.78
C LEU A 175 10.22 9.32 30.66
N VAL A 176 9.82 10.60 30.71
CA VAL A 176 10.25 11.58 29.74
C VAL A 176 11.77 11.67 29.73
N GLN A 177 12.36 11.53 28.54
CA GLN A 177 13.80 11.43 28.43
C GLN A 177 14.28 11.84 27.05
N ASN A 178 15.58 12.09 26.94
CA ASN A 178 16.21 12.33 25.65
C ASN A 178 17.05 11.12 25.28
N ARG A 179 16.50 10.25 24.44
CA ARG A 179 17.07 8.92 24.21
C ARG A 179 18.34 8.93 23.37
N VAL A 180 18.55 10.00 22.60
CA VAL A 180 19.78 10.13 21.83
C VAL A 180 20.91 10.54 22.77
N THR A 181 20.53 10.98 23.97
CA THR A 181 21.48 11.27 25.03
C THR A 181 21.37 10.20 26.11
N GLY A 182 20.13 9.78 26.39
CA GLY A 182 19.88 8.73 27.36
C GLY A 182 19.41 9.25 28.71
N GLU A 183 19.69 10.52 28.98
CA GLU A 183 19.40 11.10 30.29
C GLU A 183 17.91 11.15 30.60
N ILE A 184 17.59 10.87 31.86
CA ILE A 184 16.21 10.87 32.34
C ILE A 184 15.86 12.26 32.90
N TYR A 185 14.64 12.72 32.67
CA TYR A 185 14.24 14.06 33.07
C TYR A 185 13.26 14.08 34.23
N GLU A 186 12.56 12.96 34.45
CA GLU A 186 11.52 12.92 35.47
C GLU A 186 11.58 11.65 36.29
N SER A 187 10.74 11.59 37.32
CA SER A 187 10.57 10.40 38.12
C SER A 187 9.11 9.99 38.08
N ALA A 188 8.82 8.78 38.57
CA ALA A 188 7.51 8.15 38.38
C ALA A 188 6.34 8.94 38.96
N GLN A 189 6.54 9.59 40.11
CA GLN A 189 5.42 10.29 40.73
C GLN A 189 5.09 11.59 39.99
N PHE A 190 6.08 12.16 39.31
CA PHE A 190 5.81 13.33 38.47
C PHE A 190 4.99 12.92 37.25
N LEU A 191 5.27 11.72 36.74
CA LEU A 191 4.48 11.17 35.65
C LEU A 191 3.02 11.06 36.07
N TYR A 192 2.77 10.33 37.17
CA TYR A 192 1.41 10.08 37.64
C TYR A 192 0.63 11.37 37.96
N ILE A 193 1.25 12.30 38.66
CA ILE A 193 0.56 13.51 39.09
C ILE A 193 0.15 14.37 37.89
N LEU A 194 0.98 14.37 36.84
CA LEU A 194 0.74 15.25 35.70
C LEU A 194 -0.18 14.59 34.66
N VAL A 195 -0.19 13.27 34.63
CA VAL A 195 -1.21 12.54 33.87
C VAL A 195 -2.56 12.90 34.46
N ALA A 196 -2.65 12.83 35.78
CA ALA A 196 -3.86 13.21 36.51
C ALA A 196 -4.24 14.67 36.25
N ALA A 197 -3.25 15.56 36.33
CA ALA A 197 -3.50 16.99 36.17
C ALA A 197 -4.02 17.33 34.78
N CYS A 198 -3.44 16.69 33.76
CA CYS A 198 -3.83 16.96 32.38
C CYS A 198 -5.23 16.45 32.07
N LEU A 199 -5.52 15.21 32.49
CA LEU A 199 -6.81 14.60 32.16
C LEU A 199 -7.98 15.32 32.83
N PHE A 200 -7.76 15.84 34.03
CA PHE A 200 -8.84 16.53 34.75
C PHE A 200 -8.70 18.05 34.71
N SER A 201 -7.91 18.57 33.78
CA SER A 201 -7.62 20.00 33.71
C SER A 201 -8.85 20.86 33.43
N ASN A 202 -9.83 20.31 32.72
CA ASN A 202 -11.01 21.09 32.33
C ASN A 202 -12.11 21.09 33.39
N TYR A 203 -11.90 20.37 34.48
CA TYR A 203 -12.90 20.30 35.53
C TYR A 203 -13.00 21.63 36.29
N PRO A 204 -14.19 21.94 36.81
CA PRO A 204 -14.38 23.16 37.60
C PRO A 204 -13.54 23.13 38.87
N ARG A 205 -13.16 24.30 39.36
CA ARG A 205 -12.27 24.40 40.52
C ARG A 205 -12.87 23.78 41.79
N GLU A 206 -14.19 23.68 41.83
CA GLU A 206 -14.87 23.08 42.98
C GLU A 206 -14.46 21.62 43.20
N THR A 207 -14.11 20.93 42.11
CA THR A 207 -13.83 19.50 42.21
C THR A 207 -12.51 19.08 41.55
N ARG A 208 -11.87 19.98 40.82
CA ARG A 208 -10.75 19.60 39.97
C ARG A 208 -9.57 18.96 40.73
N LEU A 209 -9.03 19.68 41.71
CA LEU A 209 -7.87 19.19 42.44
C LEU A 209 -8.20 17.95 43.28
N GLN A 210 -9.46 17.81 43.67
CA GLN A 210 -9.90 16.63 44.39
C GLN A 210 -9.86 15.41 43.46
N TYR A 211 -10.27 15.61 42.21
CA TYR A 211 -10.17 14.54 41.21
C TYR A 211 -8.72 14.21 40.93
N VAL A 212 -7.88 15.24 40.86
CA VAL A 212 -6.46 15.05 40.57
C VAL A 212 -5.79 14.18 41.64
N LYS A 213 -6.04 14.51 42.91
CA LYS A 213 -5.49 13.74 44.02
C LYS A 213 -5.96 12.30 44.01
N ARG A 214 -7.27 12.11 43.85
CA ARG A 214 -7.86 10.77 43.89
C ARG A 214 -7.37 9.92 42.73
N PHE A 215 -7.24 10.50 41.54
CA PHE A 215 -6.74 9.74 40.40
C PHE A 215 -5.26 9.43 40.56
N TYR A 216 -4.49 10.42 41.02
CA TYR A 216 -3.07 10.20 41.27
C TYR A 216 -2.86 9.06 42.27
N ASP A 217 -3.67 9.05 43.33
CA ASP A 217 -3.56 8.00 44.33
C ASP A 217 -3.93 6.65 43.74
N ALA A 218 -4.96 6.63 42.90
CA ALA A 218 -5.41 5.40 42.26
C ALA A 218 -4.33 4.77 41.37
N VAL A 219 -3.64 5.59 40.57
CA VAL A 219 -2.64 5.04 39.66
C VAL A 219 -1.31 4.79 40.35
N SER A 220 -0.91 5.65 41.28
CA SER A 220 0.38 5.54 41.94
C SER A 220 0.41 4.39 42.95
N THR A 221 -0.76 3.94 43.38
CA THR A 221 -0.87 2.77 44.24
C THR A 221 -1.39 1.57 43.43
N PHE A 222 -1.28 1.68 42.12
CA PHE A 222 -1.55 0.57 41.21
C PHE A 222 -2.98 0.03 41.27
N LYS A 223 -3.94 0.87 41.65
CA LYS A 223 -5.34 0.46 41.63
C LYS A 223 -5.85 0.47 40.19
N ILE A 224 -5.45 1.50 39.46
CA ILE A 224 -5.79 1.63 38.04
C ILE A 224 -4.52 1.58 37.20
N SER A 225 -4.54 0.73 36.19
CA SER A 225 -3.40 0.57 35.29
C SER A 225 -3.69 1.27 33.96
N LEU A 226 -2.78 2.13 33.54
CA LEU A 226 -2.97 2.90 32.32
C LEU A 226 -2.10 2.35 31.18
N PRO A 227 -2.60 2.45 29.94
CA PRO A 227 -1.86 1.94 28.79
C PRO A 227 -0.68 2.83 28.40
N THR A 228 0.25 2.26 27.64
CA THR A 228 1.51 2.90 27.29
C THR A 228 1.39 4.28 26.61
N PRO A 229 0.44 4.46 25.66
CA PRO A 229 0.35 5.80 25.05
C PRO A 229 0.06 6.91 26.07
N ILE A 230 -0.73 6.59 27.09
CA ILE A 230 -1.07 7.55 28.13
C ILE A 230 0.09 7.77 29.09
N MET A 231 0.69 6.67 29.55
CA MET A 231 1.81 6.74 30.47
C MET A 231 2.96 7.55 29.88
N SER A 232 3.26 7.32 28.61
CA SER A 232 4.41 7.96 27.99
C SER A 232 4.11 9.34 27.43
N GLY A 233 2.84 9.62 27.14
CA GLY A 233 2.49 10.80 26.36
C GLY A 233 1.73 11.93 27.03
N VAL A 234 0.81 11.59 27.94
CA VAL A 234 -0.02 12.62 28.57
C VAL A 234 0.80 13.43 29.57
N ARG A 235 1.05 14.69 29.21
CA ARG A 235 1.81 15.74 29.92
C ARG A 235 2.85 16.31 28.96
N THR A 236 3.08 15.59 27.86
CA THR A 236 4.01 16.02 26.82
C THR A 236 3.25 16.78 25.73
N PRO A 237 3.95 17.52 24.85
CA PRO A 237 3.23 18.32 23.85
C PRO A 237 2.44 17.53 22.80
N THR A 238 2.45 16.21 22.86
CA THR A 238 1.74 15.40 21.86
C THR A 238 0.24 15.29 22.15
N ARG A 239 -0.52 14.89 21.13
CA ARG A 239 -1.92 14.56 21.30
C ARG A 239 -2.23 13.21 20.63
N GLN A 240 -1.18 12.47 20.30
CA GLN A 240 -1.32 11.13 19.72
C GLN A 240 -1.43 10.07 20.80
N PHE A 241 -2.63 9.56 21.02
CA PHE A 241 -2.83 8.57 22.08
C PHE A 241 -3.59 7.34 21.62
N SER A 242 -4.22 7.42 20.45
CA SER A 242 -5.00 6.29 19.92
C SER A 242 -4.08 5.14 19.49
N SER A 243 -4.26 3.97 20.10
CA SER A 243 -3.41 2.82 19.81
C SER A 243 -4.21 1.62 19.30
N CYS A 244 -5.50 1.84 19.06
CA CYS A 244 -6.44 0.76 18.80
C CYS A 244 -7.44 1.16 17.72
N VAL A 245 -7.19 0.74 16.48
CA VAL A 245 -7.98 1.21 15.33
C VAL A 245 -8.67 0.09 14.54
N LEU A 246 -9.97 0.25 14.32
CA LEU A 246 -10.75 -0.73 13.57
C LEU A 246 -11.31 -0.11 12.29
N ILE A 247 -10.90 -0.65 11.14
CA ILE A 247 -11.30 -0.11 9.85
C ILE A 247 -12.02 -1.15 9.01
N GLU A 248 -13.20 -0.82 8.52
CA GLU A 248 -13.97 -1.72 7.67
C GLU A 248 -13.86 -1.32 6.20
N CYS A 249 -13.47 -2.27 5.36
CA CYS A 249 -13.26 -2.01 3.94
C CYS A 249 -14.50 -2.36 3.11
N GLY A 250 -14.87 -1.49 2.19
CA GLY A 250 -15.96 -1.76 1.27
C GLY A 250 -15.48 -2.51 0.04
N ASP A 251 -16.42 -3.06 -0.73
CA ASP A 251 -16.07 -3.81 -1.93
C ASP A 251 -15.94 -2.87 -3.13
N SER A 252 -14.97 -1.98 -3.08
CA SER A 252 -14.74 -1.03 -4.16
C SER A 252 -13.30 -0.52 -4.11
N LEU A 253 -12.79 -0.07 -5.25
CA LEU A 253 -11.44 0.50 -5.29
C LEU A 253 -11.31 1.71 -4.37
N ASP A 254 -12.33 2.58 -4.39
CA ASP A 254 -12.31 3.77 -3.56
C ASP A 254 -12.17 3.44 -2.08
N SER A 255 -12.93 2.47 -1.61
CA SER A 255 -12.87 2.10 -0.19
C SER A 255 -11.58 1.35 0.14
N ILE A 256 -11.11 0.54 -0.80
CA ILE A 256 -9.84 -0.17 -0.62
C ILE A 256 -8.72 0.86 -0.45
N ASN A 257 -8.73 1.88 -1.31
CA ASN A 257 -7.79 2.97 -1.22
C ASN A 257 -7.90 3.75 0.10
N ALA A 258 -9.13 4.04 0.50
CA ALA A 258 -9.38 4.78 1.74
C ALA A 258 -8.89 3.99 2.93
N THR A 259 -9.17 2.69 2.92
CA THR A 259 -8.76 1.80 4.00
C THR A 259 -7.24 1.78 4.09
N SER A 260 -6.58 1.58 2.96
CA SER A 260 -5.12 1.60 2.90
C SER A 260 -4.54 2.90 3.45
N SER A 261 -5.12 4.02 3.05
CA SER A 261 -4.67 5.33 3.53
C SER A 261 -4.85 5.45 5.05
N ALA A 262 -6.00 5.01 5.54
CA ALA A 262 -6.28 5.05 6.97
C ALA A 262 -5.28 4.21 7.76
N ILE A 263 -4.94 3.04 7.21
CA ILE A 263 -3.94 2.17 7.82
C ILE A 263 -2.59 2.88 7.95
N VAL A 264 -2.13 3.47 6.85
CA VAL A 264 -0.86 4.18 6.83
C VAL A 264 -0.82 5.29 7.88
N LYS A 265 -1.87 6.10 7.93
CA LYS A 265 -1.95 7.20 8.87
C LYS A 265 -1.82 6.72 10.33
N TYR A 266 -2.56 5.67 10.66
CA TYR A 266 -2.60 5.22 12.06
C TYR A 266 -1.42 4.34 12.46
N VAL A 267 -0.80 3.61 11.54
CA VAL A 267 0.39 2.84 11.91
C VAL A 267 1.57 3.77 12.07
N SER A 268 1.49 4.95 11.45
CA SER A 268 2.51 5.96 11.65
C SER A 268 2.45 6.47 13.08
N GLN A 269 1.31 6.28 13.74
CA GLN A 269 1.16 6.58 15.16
C GLN A 269 1.30 5.31 15.99
N ARG A 270 1.79 4.26 15.35
CA ARG A 270 2.04 2.97 15.99
C ARG A 270 0.79 2.37 16.66
N ALA A 271 -0.36 2.61 16.06
CA ALA A 271 -1.59 1.96 16.51
C ALA A 271 -1.67 0.56 15.94
N GLY A 272 -2.28 -0.36 16.70
CA GLY A 272 -2.61 -1.68 16.19
C GLY A 272 -3.86 -1.59 15.33
N ILE A 273 -3.90 -2.34 14.25
CA ILE A 273 -5.00 -2.22 13.29
C ILE A 273 -5.86 -3.49 13.21
N GLY A 274 -7.18 -3.30 13.23
CA GLY A 274 -8.10 -4.37 12.89
C GLY A 274 -8.74 -4.02 11.56
N ILE A 275 -8.59 -4.91 10.57
CA ILE A 275 -9.10 -4.66 9.23
C ILE A 275 -10.18 -5.66 8.85
N ASN A 276 -11.37 -5.17 8.51
CA ASN A 276 -12.39 -6.05 7.95
C ASN A 276 -12.36 -5.95 6.43
N ALA A 277 -11.88 -7.00 5.78
CA ALA A 277 -11.78 -7.04 4.32
C ALA A 277 -12.69 -8.11 3.74
N GLY A 278 -13.60 -8.62 4.56
CA GLY A 278 -14.49 -9.69 4.16
C GLY A 278 -15.44 -9.37 3.03
N ARG A 279 -15.76 -8.09 2.84
CA ARG A 279 -16.68 -7.68 1.79
C ARG A 279 -16.10 -7.81 0.39
N ILE A 280 -14.78 -7.74 0.28
CA ILE A 280 -14.12 -7.77 -1.02
C ILE A 280 -14.49 -9.05 -1.78
N ARG A 281 -15.03 -8.89 -2.98
CA ARG A 281 -15.55 -10.03 -3.73
C ARG A 281 -14.43 -10.96 -4.19
N ALA A 282 -14.82 -12.19 -4.54
CA ALA A 282 -13.86 -13.24 -4.81
C ALA A 282 -13.22 -13.15 -6.19
N LEU A 283 -12.03 -13.72 -6.29
CA LEU A 283 -11.33 -13.92 -7.56
C LEU A 283 -12.29 -14.44 -8.63
N GLY A 284 -12.29 -13.80 -9.79
CA GLY A 284 -13.11 -14.24 -10.90
C GLY A 284 -14.48 -13.57 -10.98
N SER A 285 -14.86 -12.86 -9.92
CA SER A 285 -16.13 -12.15 -9.90
C SER A 285 -16.20 -11.11 -10.99
N PRO A 286 -17.36 -11.01 -11.66
CA PRO A 286 -17.54 -9.97 -12.67
C PRO A 286 -17.48 -8.57 -12.04
N ILE A 287 -17.09 -7.59 -12.85
CA ILE A 287 -17.10 -6.19 -12.42
C ILE A 287 -17.80 -5.37 -13.49
N ARG A 288 -18.85 -4.65 -13.09
CA ARG A 288 -19.68 -3.87 -14.01
C ARG A 288 -20.21 -4.68 -15.19
N GLY A 289 -20.66 -5.91 -14.97
CA GLY A 289 -21.21 -6.67 -16.08
C GLY A 289 -20.97 -8.17 -16.23
N GLY A 290 -19.71 -8.61 -16.30
CA GLY A 290 -18.55 -7.76 -16.08
C GLY A 290 -17.78 -7.26 -17.29
N GLU A 291 -17.51 -5.96 -17.27
CA GLU A 291 -16.58 -5.34 -18.22
C GLU A 291 -15.15 -5.75 -17.86
N ALA A 292 -14.98 -6.13 -16.60
CA ALA A 292 -13.71 -6.66 -16.12
C ALA A 292 -13.99 -7.80 -15.15
N PHE A 293 -12.94 -8.49 -14.72
CA PHE A 293 -13.11 -9.56 -13.76
C PHE A 293 -12.10 -9.44 -12.63
N HIS A 294 -12.55 -9.81 -11.44
CA HIS A 294 -11.78 -9.61 -10.22
C HIS A 294 -10.54 -10.49 -10.19
N THR A 295 -9.41 -9.92 -9.79
CA THR A 295 -8.15 -10.64 -9.79
C THR A 295 -7.80 -11.22 -8.43
N GLY A 296 -8.74 -11.12 -7.49
CA GLY A 296 -8.61 -11.79 -6.20
C GLY A 296 -8.42 -10.87 -5.00
N CYS A 297 -8.73 -11.41 -3.82
CA CYS A 297 -8.56 -10.68 -2.56
C CYS A 297 -7.09 -10.53 -2.17
N ILE A 298 -6.30 -11.55 -2.49
CA ILE A 298 -4.92 -11.62 -2.01
C ILE A 298 -4.04 -10.43 -2.46
N PRO A 299 -4.14 -10.02 -3.74
CA PRO A 299 -3.35 -8.82 -4.09
C PRO A 299 -3.73 -7.58 -3.29
N PHE A 300 -5.00 -7.47 -2.92
CA PHE A 300 -5.44 -6.34 -2.09
C PHE A 300 -4.97 -6.52 -0.65
N TYR A 301 -4.98 -7.75 -0.15
CA TYR A 301 -4.45 -8.04 1.18
C TYR A 301 -2.98 -7.66 1.24
N LYS A 302 -2.25 -7.98 0.18
CA LYS A 302 -0.84 -7.63 0.10
C LYS A 302 -0.65 -6.12 0.17
N HIS A 303 -1.58 -5.39 -0.44
CA HIS A 303 -1.54 -3.94 -0.41
C HIS A 303 -1.79 -3.42 1.00
N PHE A 304 -2.72 -4.05 1.71
CA PHE A 304 -2.97 -3.70 3.10
C PHE A 304 -1.75 -3.99 3.96
N GLN A 305 -1.05 -5.07 3.66
CA GLN A 305 0.15 -5.43 4.41
C GLN A 305 1.27 -4.42 4.24
N THR A 306 1.51 -3.96 3.02
CA THR A 306 2.56 -2.97 2.81
C THR A 306 2.17 -1.63 3.42
N ALA A 307 0.86 -1.41 3.56
CA ALA A 307 0.37 -0.24 4.27
C ALA A 307 0.71 -0.34 5.76
N VAL A 308 0.45 -1.51 6.32
CA VAL A 308 0.75 -1.81 7.72
C VAL A 308 2.24 -1.66 8.01
N LYS A 309 3.07 -2.04 7.04
CA LYS A 309 4.52 -2.06 7.22
C LYS A 309 5.20 -0.81 6.67
N SER A 310 4.41 0.16 6.20
CA SER A 310 4.95 1.32 5.50
C SER A 310 5.84 2.19 6.39
N CYS A 311 5.57 2.19 7.70
CA CYS A 311 6.35 3.00 8.62
C CYS A 311 7.19 2.15 9.55
N SER A 312 7.64 1.00 9.04
CA SER A 312 8.49 0.09 9.81
C SER A 312 9.81 -0.14 9.10
N GLN A 313 10.91 -0.18 9.86
CA GLN A 313 12.21 -0.47 9.27
C GLN A 313 12.22 -1.87 8.68
N GLY A 314 12.54 -1.97 7.39
CA GLY A 314 12.61 -3.24 6.71
C GLY A 314 14.02 -3.82 6.73
N ARG A 317 10.55 -5.32 12.52
CA ARG A 317 9.47 -5.35 13.49
C ARG A 317 8.73 -4.02 13.55
N GLY A 318 7.41 -4.09 13.67
CA GLY A 318 6.58 -2.91 13.71
C GLY A 318 5.44 -3.02 12.72
N GLY A 319 4.30 -2.39 13.05
CA GLY A 319 3.14 -2.47 12.20
C GLY A 319 2.43 -3.80 12.42
N ALA A 320 1.32 -3.75 13.13
CA ALA A 320 0.61 -4.98 13.51
C ALA A 320 -0.86 -4.87 13.14
N ALA A 321 -1.36 -5.89 12.44
CA ALA A 321 -2.75 -5.90 12.01
C ALA A 321 -3.36 -7.29 12.03
N THR A 322 -4.64 -7.34 12.37
CA THR A 322 -5.44 -8.55 12.21
C THR A 322 -6.52 -8.27 11.17
N LEU A 323 -6.61 -9.14 10.16
CA LEU A 323 -7.58 -8.96 9.09
C LEU A 323 -8.71 -9.99 9.23
N PHE A 324 -9.95 -9.54 9.05
CA PHE A 324 -11.12 -10.38 9.29
C PHE A 324 -11.88 -10.73 8.01
N TYR A 325 -12.39 -11.95 7.96
CA TYR A 325 -13.19 -12.41 6.83
C TYR A 325 -14.10 -13.56 7.26
N PRO A 326 -15.26 -13.72 6.60
CA PRO A 326 -16.18 -14.79 6.97
C PRO A 326 -15.69 -16.17 6.53
N MET A 327 -16.10 -17.20 7.28
CA MET A 327 -15.71 -18.58 6.98
C MET A 327 -16.25 -19.05 5.62
N TRP A 328 -17.40 -18.50 5.23
CA TRP A 328 -18.06 -18.94 4.00
C TRP A 328 -17.62 -18.19 2.74
N HIS A 329 -16.61 -17.34 2.87
CA HIS A 329 -16.09 -16.61 1.72
C HIS A 329 -15.55 -17.59 0.68
N LEU A 330 -15.77 -17.30 -0.59
CA LEU A 330 -15.42 -18.23 -1.67
C LEU A 330 -13.93 -18.56 -1.69
N GLU A 331 -13.10 -17.64 -1.23
CA GLU A 331 -11.64 -17.84 -1.25
C GLU A 331 -11.09 -18.35 0.08
N VAL A 332 -11.96 -18.70 1.01
CA VAL A 332 -11.55 -18.96 2.40
C VAL A 332 -10.41 -19.98 2.54
N GLU A 333 -10.39 -21.01 1.69
CA GLU A 333 -9.33 -22.01 1.82
C GLU A 333 -7.97 -21.45 1.39
N SER A 334 -7.99 -20.48 0.48
CA SER A 334 -6.77 -19.79 0.10
C SER A 334 -6.35 -18.79 1.16
N LEU A 335 -7.34 -18.19 1.83
CA LEU A 335 -7.09 -17.19 2.86
C LEU A 335 -6.54 -17.82 4.15
N LEU A 336 -7.03 -19.00 4.50
CA LEU A 336 -6.64 -19.65 5.74
C LEU A 336 -5.16 -20.00 5.78
N VAL A 337 -4.54 -20.16 4.61
CA VAL A 337 -3.15 -20.59 4.55
C VAL A 337 -2.18 -19.45 4.23
N LEU A 338 -2.61 -18.20 4.42
CA LEU A 338 -1.79 -17.05 4.06
C LEU A 338 -0.54 -16.87 4.93
N LYS A 339 -0.55 -17.42 6.13
CA LYS A 339 0.62 -17.32 7.03
C LYS A 339 1.52 -18.53 6.91
N ASN A 340 1.04 -19.55 6.18
CA ASN A 340 1.76 -20.80 6.00
C ASN A 340 3.17 -20.59 5.43
N ASN A 341 4.16 -21.22 6.05
CA ASN A 341 5.55 -21.08 5.62
C ASN A 341 5.82 -21.73 4.27
N ARG A 342 4.97 -22.68 3.90
CA ARG A 342 5.04 -23.30 2.58
C ARG A 342 4.38 -22.40 1.54
N GLY A 343 4.43 -22.82 0.28
CA GLY A 343 3.78 -22.08 -0.79
C GLY A 343 4.63 -20.97 -1.38
N VAL A 344 4.23 -20.49 -2.55
CA VAL A 344 4.95 -19.42 -3.24
C VAL A 344 4.58 -18.08 -2.61
N GLU A 345 5.34 -17.04 -2.91
CA GLU A 345 5.10 -15.72 -2.33
C GLU A 345 3.80 -15.11 -2.86
N GLY A 346 3.37 -15.53 -4.04
CA GLY A 346 2.17 -15.02 -4.67
C GLY A 346 0.89 -15.33 -3.92
N ASN A 347 0.87 -16.44 -3.19
CA ASN A 347 -0.32 -16.82 -2.43
C ASN A 347 -0.08 -16.83 -0.93
N ARG A 348 0.80 -15.93 -0.48
CA ARG A 348 1.09 -15.80 0.95
C ARG A 348 1.12 -14.34 1.38
N VAL A 349 0.47 -14.06 2.51
CA VAL A 349 0.53 -12.76 3.15
C VAL A 349 0.78 -13.01 4.63
N ARG A 350 2.07 -13.20 4.97
CA ARG A 350 2.46 -13.80 6.25
C ARG A 350 2.59 -12.83 7.43
N HIS A 351 2.68 -11.53 7.14
CA HIS A 351 2.98 -10.57 8.21
C HIS A 351 1.77 -9.81 8.71
N MET A 352 0.60 -10.42 8.55
CA MET A 352 -0.60 -9.97 9.23
C MET A 352 -1.25 -11.17 9.92
N ASP A 353 -2.08 -10.93 10.92
CA ASP A 353 -2.84 -12.00 11.53
C ASP A 353 -4.26 -11.99 10.97
N TYR A 354 -5.04 -13.04 11.23
CA TYR A 354 -6.36 -13.16 10.63
C TYR A 354 -7.41 -13.63 11.60
N GLY A 355 -8.64 -13.13 11.41
CA GLY A 355 -9.76 -13.53 12.23
C GLY A 355 -10.86 -14.15 11.39
N VAL A 356 -11.12 -15.43 11.62
CA VAL A 356 -12.18 -16.12 10.89
C VAL A 356 -13.52 -15.93 11.57
N GLN A 357 -14.49 -15.42 10.82
CA GLN A 357 -15.81 -15.12 11.38
C GLN A 357 -16.78 -16.27 11.18
N ILE A 358 -17.40 -16.70 12.27
CA ILE A 358 -18.22 -17.91 12.31
C ILE A 358 -19.54 -17.64 13.02
N ASN A 359 -20.60 -18.34 12.63
CA ASN A 359 -21.87 -18.25 13.35
C ASN A 359 -22.46 -19.63 13.61
N LYS A 360 -23.64 -19.67 14.22
CA LYS A 360 -24.25 -20.93 14.64
C LYS A 360 -24.44 -21.92 13.49
N LEU A 361 -24.87 -21.42 12.33
CA LEU A 361 -25.12 -22.28 11.19
C LEU A 361 -23.86 -23.03 10.77
N MET A 362 -22.72 -22.33 10.78
CA MET A 362 -21.45 -22.95 10.43
C MET A 362 -21.12 -24.12 11.36
N TYR A 363 -21.23 -23.88 12.66
CA TYR A 363 -20.99 -24.92 13.67
C TYR A 363 -21.94 -26.10 13.50
N THR A 364 -23.19 -25.79 13.15
CA THR A 364 -24.21 -26.81 12.99
C THR A 364 -23.86 -27.76 11.84
N ARG A 365 -23.36 -27.21 10.74
CA ARG A 365 -22.96 -28.03 9.60
C ARG A 365 -21.82 -28.97 10.01
N LEU A 366 -20.96 -28.50 10.91
CA LEU A 366 -19.88 -29.32 11.44
C LEU A 366 -20.40 -30.48 12.27
N LEU A 367 -21.32 -30.18 13.19
CA LEU A 367 -21.87 -31.19 14.10
C LEU A 367 -22.61 -32.30 13.33
N LYS A 368 -23.32 -31.91 12.28
CA LYS A 368 -24.11 -32.87 11.51
C LYS A 368 -23.27 -33.53 10.43
N GLY A 369 -21.99 -33.17 10.37
CA GLY A 369 -21.10 -33.72 9.36
C GLY A 369 -21.55 -33.38 7.95
N GLU A 370 -22.06 -32.16 7.76
CA GLU A 370 -22.60 -31.76 6.46
C GLU A 370 -21.65 -30.83 5.72
N ASP A 371 -22.10 -30.31 4.58
CA ASP A 371 -21.29 -29.38 3.80
C ASP A 371 -21.49 -27.94 4.22
N ILE A 372 -20.47 -27.13 3.99
CA ILE A 372 -20.60 -25.69 4.05
C ILE A 372 -20.46 -25.18 2.61
N THR A 373 -21.32 -24.25 2.23
CA THR A 373 -21.25 -23.69 0.89
C THR A 373 -20.52 -22.36 0.90
N LEU A 374 -19.53 -22.22 0.04
CA LEU A 374 -18.74 -21.00 -0.05
C LEU A 374 -19.32 -20.07 -1.11
N PHE A 375 -19.46 -18.79 -0.75
CA PHE A 375 -20.01 -17.78 -1.65
C PHE A 375 -19.11 -16.56 -1.74
N SER A 376 -19.07 -15.93 -2.90
CA SER A 376 -18.57 -14.56 -2.99
C SER A 376 -19.69 -13.66 -2.48
N PRO A 377 -19.37 -12.76 -1.52
CA PRO A 377 -20.35 -11.84 -0.95
C PRO A 377 -21.13 -11.07 -2.03
N SER A 378 -20.50 -10.82 -3.16
CA SER A 378 -21.10 -10.09 -4.27
C SER A 378 -22.20 -10.90 -4.96
N ASP A 379 -22.17 -12.22 -4.83
CA ASP A 379 -23.12 -13.08 -5.53
C ASP A 379 -24.32 -13.47 -4.68
N VAL A 380 -24.33 -13.02 -3.43
CA VAL A 380 -25.39 -13.41 -2.50
C VAL A 380 -25.98 -12.19 -1.78
N PRO A 381 -26.86 -11.45 -2.48
CA PRO A 381 -27.45 -10.22 -1.96
C PRO A 381 -28.07 -10.38 -0.58
N GLY A 382 -27.60 -9.60 0.39
CA GLY A 382 -28.18 -9.56 1.72
C GLY A 382 -27.52 -10.50 2.71
N LEU A 383 -26.75 -11.47 2.21
CA LEU A 383 -26.19 -12.50 3.07
C LEU A 383 -25.14 -11.94 4.04
N TYR A 384 -24.25 -11.10 3.53
CA TYR A 384 -23.15 -10.57 4.35
C TYR A 384 -23.68 -9.80 5.56
N ASP A 385 -24.63 -8.91 5.33
CA ASP A 385 -25.21 -8.12 6.42
C ASP A 385 -25.93 -9.00 7.43
N ALA A 386 -26.75 -9.93 6.95
CA ALA A 386 -27.50 -10.84 7.81
C ALA A 386 -26.57 -11.70 8.66
N PHE A 387 -25.40 -12.00 8.13
CA PHE A 387 -24.40 -12.81 8.83
C PHE A 387 -24.08 -12.24 10.21
N PHE A 388 -24.09 -10.91 10.30
CA PHE A 388 -23.78 -10.24 11.57
C PHE A 388 -25.04 -9.80 12.33
N ALA A 389 -26.04 -9.33 11.61
CA ALA A 389 -27.15 -8.62 12.24
C ALA A 389 -28.41 -9.46 12.51
N ASP A 390 -28.62 -10.51 11.72
CA ASP A 390 -29.88 -11.25 11.78
C ASP A 390 -29.70 -12.73 11.43
N GLN A 391 -29.54 -13.57 12.44
CA GLN A 391 -29.26 -14.99 12.21
C GLN A 391 -30.39 -15.71 11.49
N GLU A 392 -31.63 -15.41 11.84
CA GLU A 392 -32.78 -16.01 11.16
C GLU A 392 -32.75 -15.68 9.67
N GLU A 393 -32.45 -14.43 9.35
CA GLU A 393 -32.43 -13.96 7.97
C GLU A 393 -31.25 -14.56 7.21
N PHE A 394 -30.12 -14.72 7.91
CA PHE A 394 -28.96 -15.36 7.30
C PHE A 394 -29.29 -16.79 6.90
N GLU A 395 -29.93 -17.52 7.80
CA GLU A 395 -30.29 -18.91 7.54
C GLU A 395 -31.26 -19.00 6.37
N ARG A 396 -32.23 -18.09 6.33
CA ARG A 396 -33.17 -18.06 5.21
C ARG A 396 -32.44 -17.82 3.90
N LEU A 397 -31.59 -16.80 3.88
CA LEU A 397 -30.83 -16.45 2.68
C LEU A 397 -29.82 -17.54 2.30
N TYR A 398 -29.11 -18.06 3.28
CA TYR A 398 -28.08 -19.07 3.04
C TYR A 398 -28.64 -20.31 2.33
N THR A 399 -29.72 -20.86 2.87
CA THR A 399 -30.32 -22.06 2.30
C THR A 399 -30.97 -21.77 0.95
N LYS A 400 -31.58 -20.59 0.82
CA LYS A 400 -32.16 -20.17 -0.44
C LYS A 400 -31.11 -20.13 -1.54
N TYR A 401 -29.97 -19.53 -1.22
CA TYR A 401 -28.89 -19.36 -2.19
C TYR A 401 -28.16 -20.67 -2.46
N GLU A 402 -28.13 -21.56 -1.47
CA GLU A 402 -27.60 -22.91 -1.67
C GLU A 402 -28.41 -23.67 -2.72
N LYS A 403 -29.72 -23.44 -2.75
CA LYS A 403 -30.60 -24.16 -3.66
C LYS A 403 -30.67 -23.51 -5.04
N ASP A 404 -30.16 -22.29 -5.14
CA ASP A 404 -30.14 -21.57 -6.42
C ASP A 404 -28.94 -22.01 -7.26
N ASP A 405 -29.22 -22.80 -8.30
CA ASP A 405 -28.15 -23.33 -9.14
C ASP A 405 -27.50 -22.27 -10.02
N SER A 406 -28.17 -21.13 -10.19
CA SER A 406 -27.63 -20.06 -11.03
C SER A 406 -26.57 -19.23 -10.29
N ILE A 407 -26.43 -19.47 -8.99
CA ILE A 407 -25.48 -18.72 -8.19
C ILE A 407 -24.16 -19.44 -8.03
N ARG A 408 -23.08 -18.77 -8.44
CA ARG A 408 -21.72 -19.28 -8.29
C ARG A 408 -21.45 -19.68 -6.84
N LYS A 409 -20.97 -20.90 -6.64
CA LYS A 409 -20.71 -21.41 -5.30
C LYS A 409 -19.70 -22.55 -5.33
N GLN A 410 -19.18 -22.90 -4.16
CA GLN A 410 -18.41 -24.13 -4.02
C GLN A 410 -18.78 -24.80 -2.70
N ARG A 411 -18.95 -26.11 -2.73
CA ARG A 411 -19.28 -26.86 -1.53
C ARG A 411 -18.04 -27.58 -0.98
N VAL A 412 -17.84 -27.46 0.34
CA VAL A 412 -16.77 -28.17 1.01
C VAL A 412 -17.32 -28.82 2.28
N LYS A 413 -16.77 -29.98 2.64
CA LYS A 413 -17.14 -30.63 3.89
C LYS A 413 -16.81 -29.72 5.05
N ALA A 414 -17.74 -29.58 5.99
CA ALA A 414 -17.53 -28.70 7.14
C ALA A 414 -16.34 -29.19 7.96
N VAL A 415 -16.16 -30.51 8.03
CA VAL A 415 -15.02 -31.09 8.73
C VAL A 415 -13.72 -30.63 8.10
N GLU A 416 -13.64 -30.71 6.78
CA GLU A 416 -12.44 -30.31 6.06
C GLU A 416 -12.12 -28.83 6.29
N LEU A 417 -13.13 -27.98 6.16
CA LEU A 417 -12.94 -26.54 6.31
C LEU A 417 -12.52 -26.18 7.74
N PHE A 418 -13.24 -26.71 8.73
CA PHE A 418 -12.92 -26.44 10.12
C PHE A 418 -11.55 -27.00 10.49
N SER A 419 -11.20 -28.17 9.94
CA SER A 419 -9.91 -28.78 10.24
C SER A 419 -8.76 -27.96 9.69
N LEU A 420 -8.92 -27.48 8.45
CA LEU A 420 -7.93 -26.60 7.83
C LEU A 420 -7.69 -25.36 8.68
N MET A 421 -8.79 -24.76 9.16
CA MET A 421 -8.71 -23.57 9.99
C MET A 421 -7.95 -23.81 11.29
N MET A 422 -8.31 -24.87 12.00
CA MET A 422 -7.69 -25.16 13.29
C MET A 422 -6.25 -25.61 13.11
N GLN A 423 -5.95 -26.23 11.98
CA GLN A 423 -4.59 -26.63 11.66
C GLN A 423 -3.68 -25.41 11.52
N GLU A 424 -4.14 -24.42 10.77
CA GLU A 424 -3.37 -23.19 10.59
C GLU A 424 -3.33 -22.37 11.88
N ARG A 425 -4.41 -22.42 12.64
CA ARG A 425 -4.44 -21.79 13.95
C ARG A 425 -3.42 -22.43 14.87
N ALA A 426 -3.31 -23.75 14.82
CA ALA A 426 -2.37 -24.49 15.65
C ALA A 426 -0.93 -24.19 15.26
N SER A 427 -0.63 -24.27 13.97
CA SER A 427 0.74 -24.10 13.48
C SER A 427 1.26 -22.67 13.66
N THR A 428 0.40 -21.68 13.49
CA THR A 428 0.83 -20.28 13.60
C THR A 428 0.49 -19.65 14.94
N GLY A 429 -0.59 -20.12 15.57
CA GLY A 429 -1.06 -19.54 16.81
C GLY A 429 -1.84 -18.27 16.59
N ARG A 430 -1.92 -17.84 15.33
CA ARG A 430 -2.41 -16.49 15.02
C ARG A 430 -3.50 -16.47 13.96
N ILE A 431 -4.24 -17.57 13.87
CA ILE A 431 -5.51 -17.56 13.16
C ILE A 431 -6.61 -17.52 14.20
N TYR A 432 -7.31 -16.39 14.26
CA TYR A 432 -8.26 -16.13 15.33
C TYR A 432 -9.70 -16.45 14.93
N ILE A 433 -10.57 -16.52 15.92
CA ILE A 433 -11.98 -16.82 15.70
C ILE A 433 -12.85 -15.69 16.24
N GLN A 434 -13.87 -15.31 15.46
CA GLN A 434 -14.89 -14.39 15.98
C GLN A 434 -16.27 -14.97 15.76
N ASN A 435 -16.98 -15.24 16.85
CA ASN A 435 -18.36 -15.68 16.78
C ASN A 435 -19.26 -14.46 16.63
N VAL A 436 -19.56 -14.11 15.38
CA VAL A 436 -20.22 -12.84 15.08
C VAL A 436 -21.67 -12.77 15.54
N ASP A 437 -22.31 -13.93 15.72
CA ASP A 437 -23.67 -13.93 16.24
C ASP A 437 -23.67 -13.57 17.71
N HIS A 438 -22.75 -14.15 18.47
CA HIS A 438 -22.56 -13.80 19.87
C HIS A 438 -22.24 -12.31 20.05
N CYS A 439 -21.49 -11.77 19.10
CA CYS A 439 -21.08 -10.37 19.17
C CYS A 439 -22.25 -9.41 18.97
N ASN A 440 -23.37 -9.92 18.48
CA ASN A 440 -24.50 -9.07 18.15
C ASN A 440 -25.80 -9.42 18.88
N THR A 441 -25.91 -10.65 19.38
CA THR A 441 -27.06 -11.02 20.19
C THR A 441 -26.82 -10.63 21.65
N HIS A 442 -25.55 -10.55 22.02
CA HIS A 442 -25.16 -10.13 23.35
C HIS A 442 -24.23 -8.93 23.19
N SER A 443 -24.82 -7.74 23.14
CA SER A 443 -24.08 -6.57 22.74
C SER A 443 -24.73 -5.29 23.24
N PRO A 444 -23.91 -4.26 23.52
CA PRO A 444 -24.45 -2.95 23.85
C PRO A 444 -25.00 -2.21 22.62
N PHE A 445 -24.88 -2.81 21.44
CA PHE A 445 -25.34 -2.14 20.22
C PHE A 445 -26.50 -2.85 19.55
N ASP A 446 -27.45 -2.06 19.06
CA ASP A 446 -28.57 -2.56 18.26
C ASP A 446 -28.06 -2.94 16.87
N PRO A 447 -28.05 -4.24 16.56
CA PRO A 447 -27.47 -4.74 15.31
C PRO A 447 -28.24 -4.29 14.07
N ALA A 448 -29.48 -3.83 14.26
CA ALA A 448 -30.27 -3.29 13.15
C ALA A 448 -29.87 -1.85 12.84
N ILE A 449 -29.07 -1.25 13.71
CA ILE A 449 -28.62 0.12 13.52
C ILE A 449 -27.11 0.22 13.45
N ALA A 450 -26.43 -0.47 14.37
CA ALA A 450 -24.97 -0.39 14.48
C ALA A 450 -24.34 -1.73 14.81
N PRO A 451 -24.35 -2.67 13.85
CA PRO A 451 -23.84 -4.02 14.10
C PRO A 451 -22.32 -4.07 14.29
N VAL A 452 -21.86 -5.08 15.02
CA VAL A 452 -20.43 -5.34 15.18
C VAL A 452 -19.99 -6.34 14.12
N ARG A 453 -19.07 -5.92 13.25
CA ARG A 453 -18.73 -6.78 12.11
C ARG A 453 -17.24 -7.14 12.06
N GLN A 454 -16.52 -6.81 13.13
CA GLN A 454 -15.11 -7.16 13.23
C GLN A 454 -14.60 -7.03 14.65
N SER A 455 -13.29 -7.16 14.81
CA SER A 455 -12.64 -6.89 16.09
C SER A 455 -11.35 -6.13 15.82
N ASN A 456 -10.49 -6.04 16.84
CA ASN A 456 -9.23 -5.35 16.71
C ASN A 456 -8.06 -6.33 16.57
N LEU A 457 -6.84 -5.79 16.64
CA LEU A 457 -5.63 -6.60 16.57
C LEU A 457 -5.62 -7.75 17.57
N CYS A 458 -6.11 -7.51 18.78
CA CYS A 458 -5.98 -8.48 19.87
C CYS A 458 -7.29 -9.14 20.28
N LEU A 459 -8.34 -8.90 19.51
CA LEU A 459 -9.59 -9.67 19.58
C LEU A 459 -10.43 -9.43 20.82
N GLU A 460 -10.24 -8.30 21.50
CA GLU A 460 -11.08 -7.99 22.66
C GLU A 460 -12.04 -6.82 22.37
N ILE A 461 -11.78 -6.09 21.29
CA ILE A 461 -12.60 -4.93 20.95
C ILE A 461 -13.76 -5.34 20.04
N ALA A 462 -14.95 -4.81 20.31
CA ALA A 462 -16.14 -5.11 19.52
C ALA A 462 -17.00 -3.87 19.36
N LEU A 463 -16.78 -3.15 18.26
CA LEU A 463 -17.40 -1.84 18.06
C LEU A 463 -17.95 -1.71 16.64
N PRO A 464 -18.94 -0.84 16.44
CA PRO A 464 -19.48 -0.60 15.09
C PRO A 464 -18.47 0.08 14.18
N THR A 465 -18.58 -0.20 12.89
CA THR A 465 -17.75 0.45 11.87
C THR A 465 -18.58 0.70 10.61
N LYS A 466 -18.03 1.49 9.70
CA LYS A 466 -18.66 1.72 8.41
C LYS A 466 -17.59 2.09 7.40
N PRO A 467 -17.63 1.46 6.22
CA PRO A 467 -16.64 1.70 5.17
C PRO A 467 -16.51 3.18 4.79
N LEU A 468 -15.29 3.57 4.41
CA LEU A 468 -15.03 4.92 3.91
C LEU A 468 -14.91 4.87 2.41
N ASN A 469 -15.41 5.88 1.71
CA ASN A 469 -15.23 5.96 0.26
C ASN A 469 -14.07 6.87 -0.09
N ASP A 470 -13.46 7.43 0.94
CA ASP A 470 -12.31 8.33 0.82
C ASP A 470 -11.68 8.46 2.21
N VAL A 471 -10.39 8.73 2.27
CA VAL A 471 -9.71 8.77 3.57
C VAL A 471 -10.28 9.90 4.44
N ASN A 472 -10.81 10.92 3.79
CA ASN A 472 -11.43 12.05 4.50
C ASN A 472 -12.95 11.99 4.48
N ASP A 473 -13.50 10.82 4.18
CA ASP A 473 -14.95 10.63 4.11
C ASP A 473 -15.60 10.90 5.47
N GLU A 474 -16.48 11.89 5.50
CA GLU A 474 -17.16 12.29 6.72
C GLU A 474 -18.36 11.38 7.03
N ASN A 475 -18.59 10.37 6.21
CA ASN A 475 -19.74 9.49 6.38
C ASN A 475 -19.36 8.08 6.79
N GLY A 476 -18.06 7.79 6.76
CA GLY A 476 -17.59 6.49 7.20
C GLY A 476 -17.48 6.47 8.72
N GLU A 477 -17.15 5.32 9.28
CA GLU A 477 -16.88 5.26 10.71
C GLU A 477 -15.75 4.30 11.02
N ILE A 478 -14.68 4.85 11.59
CA ILE A 478 -13.57 4.07 12.08
C ILE A 478 -13.71 3.96 13.60
N ALA A 479 -13.62 2.74 14.12
CA ALA A 479 -13.80 2.53 15.55
C ALA A 479 -12.50 2.75 16.30
N LEU A 480 -12.59 3.48 17.40
CA LEU A 480 -11.46 3.69 18.29
C LEU A 480 -11.88 3.30 19.70
N CYS A 481 -10.92 2.89 20.51
CA CYS A 481 -11.22 2.61 21.90
C CYS A 481 -10.08 3.04 22.81
N THR A 482 -10.44 3.65 23.93
CA THR A 482 -9.45 4.03 24.93
C THR A 482 -9.45 2.99 26.05
N LEU A 483 -8.26 2.50 26.38
CA LEU A 483 -8.14 1.38 27.30
C LEU A 483 -7.64 1.76 28.68
N SER A 484 -7.95 0.89 29.64
CA SER A 484 -7.37 0.90 30.98
C SER A 484 -7.74 -0.42 31.65
N ALA A 485 -7.27 -0.62 32.87
CA ALA A 485 -7.60 -1.85 33.61
C ALA A 485 -7.59 -1.63 35.11
N PHE A 486 -8.47 -2.35 35.80
CA PHE A 486 -8.45 -2.41 37.25
C PHE A 486 -7.48 -3.49 37.68
N ASN A 487 -6.72 -3.22 38.74
CA ASN A 487 -5.81 -4.21 39.28
C ASN A 487 -6.49 -4.98 40.42
N LEU A 488 -6.95 -6.19 40.11
CA LEU A 488 -7.71 -6.99 41.06
C LEU A 488 -6.86 -7.42 42.25
N GLY A 489 -5.54 -7.34 42.12
CA GLY A 489 -4.65 -7.71 43.21
C GLY A 489 -4.47 -6.59 44.21
N ALA A 490 -4.81 -5.36 43.81
CA ALA A 490 -4.55 -4.18 44.65
C ALA A 490 -5.78 -3.72 45.42
N ILE A 491 -6.95 -4.22 45.04
CA ILE A 491 -8.17 -3.88 45.77
C ILE A 491 -8.38 -4.84 46.92
N ASN A 492 -9.04 -4.38 47.98
CA ASN A 492 -9.28 -5.21 49.16
C ASN A 492 -10.72 -5.69 49.23
N ASN A 493 -11.59 -5.01 48.49
CA ASN A 493 -12.97 -5.46 48.33
C ASN A 493 -13.57 -4.89 47.05
N LEU A 494 -14.61 -5.54 46.56
CA LEU A 494 -15.21 -5.17 45.28
C LEU A 494 -15.90 -3.81 45.32
N ASP A 495 -16.29 -3.37 46.51
CA ASP A 495 -16.98 -2.09 46.66
C ASP A 495 -16.04 -0.90 46.45
N GLU A 496 -14.74 -1.18 46.42
CA GLU A 496 -13.76 -0.14 46.09
C GLU A 496 -13.86 0.23 44.61
N LEU A 497 -14.46 -0.66 43.82
CA LEU A 497 -14.60 -0.42 42.39
C LEU A 497 -15.54 0.73 42.06
N GLU A 498 -16.40 1.10 43.01
CA GLU A 498 -17.33 2.19 42.77
C GLU A 498 -16.57 3.48 42.49
N GLU A 499 -15.66 3.84 43.39
CA GLU A 499 -14.85 5.03 43.22
C GLU A 499 -13.84 4.88 42.10
N LEU A 500 -13.25 3.69 41.99
CA LEU A 500 -12.25 3.44 40.96
C LEU A 500 -12.86 3.56 39.57
N ALA A 501 -14.10 3.09 39.41
CA ALA A 501 -14.80 3.19 38.13
C ALA A 501 -15.10 4.66 37.80
N ILE A 502 -15.48 5.42 38.81
CA ILE A 502 -15.71 6.85 38.65
C ILE A 502 -14.46 7.53 38.11
N LEU A 503 -13.32 7.23 38.72
CA LEU A 503 -12.05 7.83 38.33
C LEU A 503 -11.59 7.37 36.94
N ALA A 504 -11.69 6.07 36.67
CA ALA A 504 -11.24 5.52 35.40
C ALA A 504 -12.09 6.03 34.23
N VAL A 505 -13.41 5.99 34.40
CA VAL A 505 -14.32 6.37 33.32
C VAL A 505 -14.16 7.86 32.98
N ARG A 506 -14.11 8.70 34.00
CA ARG A 506 -14.01 10.13 33.80
C ARG A 506 -12.66 10.53 33.19
N ALA A 507 -11.59 9.87 33.61
CA ALA A 507 -10.26 10.18 33.09
C ALA A 507 -10.14 9.81 31.61
N LEU A 508 -10.69 8.67 31.24
CA LEU A 508 -10.65 8.24 29.84
C LEU A 508 -11.60 9.07 28.99
N ASP A 509 -12.78 9.39 29.53
CA ASP A 509 -13.75 10.18 28.80
C ASP A 509 -13.20 11.57 28.50
N ALA A 510 -12.39 12.10 29.42
CA ALA A 510 -11.76 13.39 29.21
C ALA A 510 -10.69 13.30 28.13
N LEU A 511 -10.01 12.16 28.08
CA LEU A 511 -8.98 11.94 27.08
C LEU A 511 -9.56 11.97 25.67
N LEU A 512 -10.80 11.50 25.53
CA LEU A 512 -11.50 11.53 24.24
C LEU A 512 -11.55 12.94 23.66
N ASP A 513 -11.80 13.93 24.52
CA ASP A 513 -11.87 15.33 24.10
C ASP A 513 -10.47 15.94 23.99
N TYR A 514 -9.50 15.30 24.61
CA TYR A 514 -8.14 15.82 24.70
C TYR A 514 -7.30 15.42 23.49
N GLN A 515 -7.42 14.16 23.08
CA GLN A 515 -6.58 13.61 22.02
C GLN A 515 -6.95 14.11 20.63
N ASP A 516 -6.04 13.90 19.67
CA ASP A 516 -6.28 14.29 18.28
C ASP A 516 -6.86 13.15 17.47
N TYR A 517 -7.46 13.50 16.34
CA TYR A 517 -8.03 12.53 15.43
C TYR A 517 -7.60 12.85 14.00
N PRO A 518 -6.64 12.08 13.46
CA PRO A 518 -6.07 12.35 12.13
C PRO A 518 -7.06 12.06 11.01
N ILE A 519 -8.11 11.30 11.31
CA ILE A 519 -9.09 10.91 10.30
C ILE A 519 -10.51 11.22 10.77
N PRO A 520 -11.28 11.97 9.96
CA PRO A 520 -12.65 12.37 10.32
C PRO A 520 -13.57 11.21 10.70
N ALA A 521 -13.49 10.09 9.98
CA ALA A 521 -14.34 8.95 10.27
C ALA A 521 -14.04 8.36 11.65
N ALA A 522 -12.83 8.60 12.14
CA ALA A 522 -12.43 8.10 13.45
C ALA A 522 -12.92 9.02 14.56
N LYS A 523 -12.86 10.32 14.31
CA LYS A 523 -13.39 11.29 15.25
C LYS A 523 -14.90 11.11 15.41
N ARG A 524 -15.57 10.77 14.32
CA ARG A 524 -17.02 10.51 14.34
C ARG A 524 -17.42 9.41 15.31
N GLY A 525 -16.75 8.27 15.21
CA GLY A 525 -17.02 7.15 16.09
C GLY A 525 -16.72 7.48 17.53
N ALA A 526 -15.61 8.17 17.76
CA ALA A 526 -15.18 8.51 19.10
C ALA A 526 -16.13 9.52 19.76
N MET A 527 -16.46 10.59 19.04
CA MET A 527 -17.35 11.60 19.59
C MET A 527 -18.80 11.10 19.63
N GLY A 528 -19.17 10.30 18.64
CA GLY A 528 -20.53 9.77 18.58
C GLY A 528 -20.85 8.77 19.67
N ARG A 529 -19.94 7.83 19.91
CA ARG A 529 -20.21 6.72 20.82
C ARG A 529 -19.43 6.80 22.14
N ARG A 530 -18.30 7.50 22.12
CA ARG A 530 -17.43 7.66 23.29
C ARG A 530 -17.11 6.32 23.94
N THR A 531 -16.64 5.38 23.14
CA THR A 531 -16.46 4.00 23.58
C THR A 531 -15.17 3.80 24.38
N LEU A 532 -15.31 3.16 25.54
CA LEU A 532 -14.18 2.85 26.40
C LEU A 532 -14.00 1.33 26.50
N GLY A 533 -12.80 0.91 26.89
CA GLY A 533 -12.51 -0.49 27.08
C GLY A 533 -11.67 -0.69 28.32
N ILE A 534 -12.34 -0.86 29.45
CA ILE A 534 -11.65 -1.03 30.73
C ILE A 534 -11.68 -2.48 31.15
N GLY A 535 -10.50 -3.06 31.40
CA GLY A 535 -10.39 -4.47 31.73
C GLY A 535 -9.80 -4.73 33.10
N VAL A 536 -9.08 -5.86 33.22
CA VAL A 536 -8.46 -6.23 34.49
C VAL A 536 -7.05 -6.77 34.30
N ILE A 537 -6.25 -6.65 35.35
CA ILE A 537 -4.99 -7.37 35.44
C ILE A 537 -4.93 -8.07 36.79
N ASN A 538 -3.95 -8.95 36.96
CA ASN A 538 -3.75 -9.69 38.21
C ASN A 538 -4.89 -10.63 38.56
N PHE A 539 -5.59 -11.15 37.55
CA PHE A 539 -6.70 -12.06 37.81
C PHE A 539 -6.23 -13.36 38.45
N ALA A 540 -5.12 -13.91 37.94
CA ALA A 540 -4.57 -15.15 38.47
C ALA A 540 -4.17 -15.02 39.93
N TYR A 541 -3.54 -13.89 40.26
CA TYR A 541 -3.14 -13.59 41.62
C TYR A 541 -4.37 -13.41 42.50
N TYR A 542 -5.39 -12.77 41.92
CA TYR A 542 -6.68 -12.56 42.59
C TYR A 542 -7.33 -13.89 42.96
N LEU A 543 -7.33 -14.84 42.04
CA LEU A 543 -7.89 -16.17 42.31
C LEU A 543 -7.08 -16.91 43.37
N ALA A 544 -5.77 -16.75 43.32
CA ALA A 544 -4.89 -17.46 44.24
C ALA A 544 -5.09 -17.00 45.68
N LYS A 545 -5.23 -15.70 45.88
CA LYS A 545 -5.38 -15.17 47.23
C LYS A 545 -6.76 -15.47 47.79
N HIS A 546 -7.70 -15.84 46.92
CA HIS A 546 -9.02 -16.28 47.38
C HIS A 546 -9.13 -17.80 47.44
N GLY A 547 -8.01 -18.49 47.22
CA GLY A 547 -7.97 -19.93 47.30
C GLY A 547 -8.73 -20.64 46.18
N LYS A 548 -8.88 -19.97 45.04
CA LYS A 548 -9.58 -20.55 43.90
C LYS A 548 -8.62 -20.94 42.78
N ARG A 549 -9.12 -21.72 41.82
CA ARG A 549 -8.32 -22.18 40.70
C ARG A 549 -9.07 -22.03 39.37
N TYR A 550 -8.33 -22.12 38.27
CA TYR A 550 -8.92 -22.02 36.93
C TYR A 550 -9.68 -23.27 36.49
N SER A 551 -9.11 -24.43 36.78
CA SER A 551 -9.47 -25.65 36.05
C SER A 551 -10.57 -26.50 36.66
N ASP A 552 -10.96 -26.25 37.90
CA ASP A 552 -11.86 -27.17 38.59
C ASP A 552 -13.25 -26.60 38.84
N GLY A 553 -13.48 -25.36 38.40
CA GLY A 553 -14.79 -24.74 38.56
C GLY A 553 -14.93 -24.01 39.89
N SER A 554 -13.87 -24.02 40.69
CA SER A 554 -13.91 -23.41 42.02
C SER A 554 -13.96 -21.88 41.95
N ALA A 555 -13.68 -21.33 40.78
CA ALA A 555 -13.63 -19.87 40.63
C ALA A 555 -14.85 -19.31 39.91
N ASN A 556 -15.78 -20.19 39.54
CA ASN A 556 -16.94 -19.77 38.76
C ASN A 556 -17.81 -18.72 39.45
N ASN A 557 -18.25 -19.00 40.67
CA ASN A 557 -19.09 -18.06 41.40
C ASN A 557 -18.37 -16.76 41.74
N LEU A 558 -17.10 -16.85 42.11
CA LEU A 558 -16.31 -15.67 42.44
C LEU A 558 -16.13 -14.78 41.21
N THR A 559 -15.85 -15.41 40.08
CA THR A 559 -15.69 -14.69 38.82
C THR A 559 -16.98 -13.97 38.46
N HIS A 560 -18.11 -14.64 38.69
CA HIS A 560 -19.43 -14.06 38.45
C HIS A 560 -19.64 -12.83 39.33
N LYS A 561 -19.35 -12.98 40.61
CA LYS A 561 -19.48 -11.90 41.59
C LYS A 561 -18.56 -10.74 41.24
N THR A 562 -17.35 -11.07 40.79
CA THR A 562 -16.33 -10.08 40.52
C THR A 562 -16.68 -9.21 39.31
N PHE A 563 -17.10 -9.85 38.22
CA PHE A 563 -17.34 -9.11 36.99
C PHE A 563 -18.72 -8.47 36.95
N GLU A 564 -19.61 -8.90 37.84
CA GLU A 564 -20.86 -8.17 38.04
C GLU A 564 -20.56 -6.81 38.67
N ALA A 565 -19.71 -6.82 39.69
CA ALA A 565 -19.33 -5.60 40.39
C ALA A 565 -18.64 -4.62 39.46
N ILE A 566 -17.74 -5.14 38.63
CA ILE A 566 -17.00 -4.33 37.68
C ILE A 566 -17.95 -3.63 36.70
N GLN A 567 -18.80 -4.39 36.05
CA GLN A 567 -19.70 -3.82 35.05
C GLN A 567 -20.75 -2.92 35.68
N TYR A 568 -21.30 -3.32 36.82
CA TYR A 568 -22.28 -2.50 37.53
C TYR A 568 -21.72 -1.11 37.85
N TYR A 569 -20.50 -1.07 38.39
CA TYR A 569 -19.92 0.20 38.81
C TYR A 569 -19.42 1.02 37.64
N LEU A 570 -18.94 0.36 36.59
CA LEU A 570 -18.57 1.05 35.35
C LEU A 570 -19.80 1.72 34.75
N LEU A 571 -20.91 0.98 34.69
CA LEU A 571 -22.17 1.51 34.18
C LEU A 571 -22.69 2.64 35.05
N LYS A 572 -22.60 2.45 36.35
CA LYS A 572 -23.05 3.47 37.31
C LYS A 572 -22.27 4.77 37.14
N ALA A 573 -20.97 4.65 36.94
CA ALA A 573 -20.11 5.82 36.76
C ALA A 573 -20.44 6.56 35.47
N SER A 574 -20.59 5.80 34.38
CA SER A 574 -20.87 6.38 33.08
C SER A 574 -22.27 6.98 33.04
N ASN A 575 -23.20 6.38 33.79
CA ASN A 575 -24.56 6.91 33.91
C ASN A 575 -24.58 8.22 34.70
N GLU A 576 -23.80 8.27 35.77
CA GLU A 576 -23.68 9.50 36.55
C GLU A 576 -22.98 10.59 35.74
N LEU A 577 -22.00 10.19 34.94
CA LEU A 577 -21.30 11.13 34.07
C LEU A 577 -22.26 11.67 33.01
N ALA A 578 -23.19 10.83 32.57
CA ALA A 578 -24.21 11.25 31.61
C ALA A 578 -25.12 12.31 32.21
N LYS A 579 -25.54 12.11 33.47
CA LYS A 579 -26.38 13.09 34.15
C LYS A 579 -25.70 14.44 34.24
N GLU A 580 -24.39 14.41 34.44
CA GLU A 580 -23.60 15.61 34.66
C GLU A 580 -23.27 16.33 33.35
N GLN A 581 -22.80 15.58 32.35
CA GLN A 581 -22.23 16.20 31.15
C GLN A 581 -22.97 15.86 29.86
N GLY A 582 -23.97 14.97 29.95
CA GLY A 582 -24.75 14.59 28.78
C GLY A 582 -24.37 13.22 28.25
N ALA A 583 -25.36 12.43 27.86
CA ALA A 583 -25.11 11.12 27.26
C ALA A 583 -24.43 11.27 25.91
N CYS A 584 -23.74 10.22 25.45
CA CYS A 584 -23.08 10.28 24.15
C CYS A 584 -24.12 10.51 23.04
N PRO A 585 -23.73 11.28 22.01
CA PRO A 585 -24.66 11.70 20.95
C PRO A 585 -25.40 10.54 20.27
N TRP A 586 -24.72 9.40 20.10
CA TRP A 586 -25.32 8.27 19.42
C TRP A 586 -25.79 7.20 20.40
N PHE A 587 -26.22 7.63 21.58
CA PHE A 587 -26.67 6.70 22.61
C PHE A 587 -27.91 5.92 22.20
N ASN A 588 -28.75 6.50 21.35
CA ASN A 588 -29.98 5.84 20.94
C ASN A 588 -29.73 4.70 19.96
N GLU A 589 -28.47 4.45 19.63
CA GLU A 589 -28.12 3.30 18.78
C GLU A 589 -27.77 2.09 19.64
N THR A 590 -27.78 2.27 20.95
CA THR A 590 -27.41 1.19 21.86
C THR A 590 -28.60 0.34 22.30
N THR A 591 -28.31 -0.83 22.85
CA THR A 591 -29.37 -1.66 23.44
C THR A 591 -29.70 -1.11 24.82
N TYR A 592 -28.72 -0.45 25.45
CA TYR A 592 -28.95 0.22 26.73
C TYR A 592 -30.10 1.22 26.64
N ALA A 593 -30.16 1.96 25.53
CA ALA A 593 -31.21 2.95 25.31
C ALA A 593 -32.59 2.31 25.19
N LYS A 594 -32.62 1.03 24.83
CA LYS A 594 -33.86 0.29 24.75
C LYS A 594 -34.34 -0.18 26.12
N GLY A 595 -33.48 -0.01 27.13
CA GLY A 595 -33.76 -0.52 28.46
C GLY A 595 -33.30 -1.95 28.61
N ILE A 596 -32.34 -2.35 27.77
CA ILE A 596 -31.81 -3.71 27.78
C ILE A 596 -30.41 -3.73 28.40
N LEU A 597 -30.18 -4.72 29.26
CA LEU A 597 -28.90 -4.85 29.97
C LEU A 597 -28.19 -6.16 29.61
N PRO A 598 -26.87 -6.22 29.80
CA PRO A 598 -26.14 -7.47 29.53
C PRO A 598 -26.68 -8.68 30.30
N ILE A 599 -27.33 -8.43 31.43
CA ILE A 599 -27.90 -9.53 32.22
C ILE A 599 -29.19 -10.08 31.59
N ASP A 600 -29.62 -9.47 30.49
CA ASP A 600 -30.82 -9.92 29.79
C ASP A 600 -30.48 -10.77 28.56
N THR A 601 -29.27 -10.59 28.03
CA THR A 601 -28.93 -11.10 26.71
C THR A 601 -27.80 -12.11 26.68
N TYR A 602 -27.31 -12.51 27.86
CA TYR A 602 -26.16 -13.41 27.91
C TYR A 602 -26.54 -14.82 27.45
N LYS A 603 -25.54 -15.61 27.07
CA LYS A 603 -25.74 -16.99 26.66
C LYS A 603 -26.30 -17.80 27.83
N LYS A 604 -27.51 -18.34 27.65
CA LYS A 604 -28.22 -18.97 28.77
C LYS A 604 -27.53 -20.19 29.36
N ASP A 605 -26.63 -20.81 28.60
CA ASP A 605 -25.88 -21.96 29.10
C ASP A 605 -25.05 -21.61 30.34
N LEU A 606 -24.77 -20.33 30.53
CA LEU A 606 -24.01 -19.86 31.69
C LEU A 606 -24.73 -20.16 33.01
N ASP A 607 -26.04 -20.34 32.93
CA ASP A 607 -26.84 -20.65 34.12
C ASP A 607 -26.45 -21.99 34.71
N THR A 608 -25.86 -22.86 33.90
CA THR A 608 -25.51 -24.20 34.33
C THR A 608 -24.13 -24.29 34.99
N ILE A 609 -23.32 -23.24 34.84
CA ILE A 609 -21.96 -23.29 35.37
C ILE A 609 -21.68 -22.25 36.46
N ALA A 610 -22.74 -21.63 36.96
CA ALA A 610 -22.64 -20.70 38.08
C ALA A 610 -24.00 -20.50 38.73
N ASN A 611 -24.01 -20.31 40.05
CA ASN A 611 -25.25 -20.02 40.77
C ASN A 611 -25.11 -18.80 41.68
N GLU A 612 -24.14 -17.96 41.40
CA GLU A 612 -23.96 -16.72 42.17
C GLU A 612 -25.05 -15.72 41.80
N PRO A 613 -25.80 -15.26 42.80
CA PRO A 613 -26.86 -14.27 42.56
C PRO A 613 -26.31 -12.86 42.34
N LEU A 614 -27.07 -12.02 41.64
CA LEU A 614 -26.70 -10.63 41.47
C LEU A 614 -26.74 -9.92 42.83
N HIS A 615 -25.71 -9.14 43.13
CA HIS A 615 -25.62 -8.47 44.43
C HIS A 615 -26.01 -7.00 44.35
N TYR A 616 -26.10 -6.47 43.13
CA TYR A 616 -26.38 -5.05 42.95
C TYR A 616 -27.73 -4.81 42.27
N ASP A 617 -28.25 -3.60 42.45
CA ASP A 617 -29.58 -3.25 41.97
C ASP A 617 -29.56 -2.88 40.49
N TRP A 618 -29.70 -3.88 39.62
CA TRP A 618 -29.66 -3.66 38.18
C TRP A 618 -30.95 -3.05 37.65
N GLU A 619 -32.05 -3.27 38.34
CA GLU A 619 -33.35 -2.75 37.90
C GLU A 619 -33.41 -1.24 38.11
N ALA A 620 -32.88 -0.77 39.23
CA ALA A 620 -32.79 0.67 39.48
C ALA A 620 -31.85 1.29 38.47
N LEU A 621 -30.75 0.59 38.16
CA LEU A 621 -29.79 1.05 37.18
C LEU A 621 -30.42 1.07 35.79
N ARG A 622 -31.22 0.04 35.49
CA ARG A 622 -31.93 -0.05 34.22
C ARG A 622 -32.78 1.18 33.98
N GLU A 623 -33.48 1.62 35.02
CA GLU A 623 -34.34 2.79 34.93
C GLU A 623 -33.52 4.08 34.77
N SER A 624 -32.44 4.17 35.53
CA SER A 624 -31.59 5.35 35.49
C SER A 624 -30.93 5.50 34.12
N ILE A 625 -30.54 4.38 33.53
CA ILE A 625 -29.91 4.39 32.21
C ILE A 625 -30.91 4.80 31.13
N LYS A 626 -32.15 4.32 31.23
CA LYS A 626 -33.15 4.65 30.23
C LYS A 626 -33.56 6.12 30.29
N THR A 627 -33.36 6.74 31.44
CA THR A 627 -33.78 8.13 31.65
C THR A 627 -32.67 9.13 31.35
N HIS A 628 -31.45 8.83 31.81
CA HIS A 628 -30.34 9.77 31.69
C HIS A 628 -29.27 9.30 30.71
N GLY A 629 -29.31 8.02 30.37
CA GLY A 629 -28.39 7.48 29.39
C GLY A 629 -27.03 7.13 29.94
N LEU A 630 -26.10 6.85 29.03
CA LEU A 630 -24.71 6.60 29.38
C LEU A 630 -23.81 7.57 28.63
N ARG A 631 -22.76 8.02 29.28
CA ARG A 631 -21.77 8.88 28.64
C ARG A 631 -21.02 8.08 27.58
N ASN A 632 -20.92 6.78 27.80
CA ASN A 632 -20.12 5.90 26.96
C ASN A 632 -20.92 4.67 26.49
N SER A 633 -20.85 4.40 25.19
CA SER A 633 -21.59 3.27 24.61
C SER A 633 -21.05 1.93 25.08
N THR A 634 -19.75 1.86 25.34
CA THR A 634 -19.12 0.69 25.95
C THR A 634 -18.20 1.11 27.07
N LEU A 635 -18.03 0.25 28.07
CA LEU A 635 -17.16 0.54 29.21
C LEU A 635 -16.07 -0.52 29.39
N SER A 636 -16.42 -1.78 29.11
CA SER A 636 -15.54 -2.88 29.46
C SER A 636 -15.05 -3.70 28.26
N ALA A 637 -13.80 -4.16 28.36
CA ALA A 637 -13.18 -5.08 27.42
C ALA A 637 -11.95 -5.67 28.08
N LEU A 638 -11.71 -6.96 27.92
CA LEU A 638 -10.58 -7.60 28.61
C LEU A 638 -9.40 -7.80 27.67
N MET A 639 -8.47 -6.84 27.72
N MET A 639 -8.49 -6.82 27.67
CA MET A 639 -7.28 -6.85 26.87
CA MET A 639 -7.35 -6.84 26.77
C MET A 639 -6.17 -7.73 27.47
C MET A 639 -6.19 -7.64 27.35
N PRO A 640 -5.13 -8.05 26.67
N PRO A 640 -5.19 -7.97 26.53
CA PRO A 640 -4.00 -8.82 27.21
CA PRO A 640 -3.94 -8.45 27.12
C PRO A 640 -3.20 -8.08 28.28
C PRO A 640 -3.17 -7.26 27.65
N SER A 641 -2.76 -6.86 27.96
N SER A 641 -2.42 -7.43 28.74
CA SER A 641 -1.94 -6.06 28.87
CA SER A 641 -1.65 -6.34 29.29
C SER A 641 -0.72 -6.82 29.38
C SER A 641 -0.23 -6.79 29.57
N GLU A 642 0.30 -6.94 28.54
N GLU A 642 0.47 -7.20 28.52
CA GLU A 642 1.52 -7.65 28.90
CA GLU A 642 1.81 -7.76 28.67
C GLU A 642 2.60 -6.68 29.39
C GLU A 642 2.83 -6.73 29.12
N THR A 643 2.52 -5.45 28.91
CA THR A 643 3.46 -4.39 29.30
C THR A 643 2.99 -3.61 30.51
N SER A 644 1.72 -3.24 30.53
CA SER A 644 1.19 -2.41 31.60
C SER A 644 1.11 -3.18 32.91
N SER A 645 1.00 -4.50 32.83
CA SER A 645 0.98 -5.34 34.02
C SER A 645 2.30 -5.31 34.76
N GLN A 646 3.39 -5.13 34.02
CA GLN A 646 4.73 -5.16 34.61
C GLN A 646 4.95 -4.03 35.59
N ILE A 647 4.27 -2.91 35.35
CA ILE A 647 4.39 -1.73 36.21
C ILE A 647 3.96 -2.02 37.64
N SER A 648 2.87 -2.78 37.77
CA SER A 648 2.33 -3.10 39.08
C SER A 648 2.72 -4.51 39.53
N ASN A 649 3.64 -5.12 38.78
CA ASN A 649 4.06 -6.50 39.03
C ASN A 649 2.87 -7.45 39.05
N ALA A 650 1.93 -7.25 38.14
CA ALA A 650 0.70 -8.04 38.11
C ALA A 650 0.85 -9.24 37.19
N THR A 651 0.09 -10.30 37.46
CA THR A 651 -0.04 -11.38 36.49
C THR A 651 -0.79 -10.80 35.30
N ASN A 652 -0.44 -11.27 34.10
CA ASN A 652 -0.89 -10.63 32.87
C ASN A 652 -2.37 -10.85 32.55
N GLY A 653 -3.15 -9.77 32.61
CA GLY A 653 -4.56 -9.81 32.29
C GLY A 653 -5.32 -10.88 33.06
N ILE A 654 -6.02 -11.75 32.34
CA ILE A 654 -6.74 -12.85 32.96
C ILE A 654 -6.01 -14.18 32.79
N GLU A 655 -4.82 -14.14 32.19
CA GLU A 655 -4.05 -15.34 31.91
C GLU A 655 -3.33 -15.86 33.14
N PRO A 656 -3.29 -17.19 33.30
CA PRO A 656 -2.46 -17.80 34.35
C PRO A 656 -0.98 -17.70 34.00
N PRO A 657 -0.11 -17.59 35.01
CA PRO A 657 1.33 -17.50 34.77
C PRO A 657 1.88 -18.77 34.11
N ARG A 658 2.89 -18.63 33.27
CA ARG A 658 3.58 -19.78 32.68
C ARG A 658 4.38 -20.51 33.74
N GLY A 659 5.07 -19.74 34.56
CA GLY A 659 5.84 -20.26 35.67
C GLY A 659 5.80 -19.27 36.81
N TYR A 660 6.41 -19.62 37.93
CA TYR A 660 6.44 -18.72 39.07
C TYR A 660 7.35 -17.52 38.78
N VAL A 661 8.36 -17.76 37.96
CA VAL A 661 9.30 -16.70 37.57
C VAL A 661 9.31 -16.52 36.05
N SER A 662 9.00 -15.32 35.60
CA SER A 662 9.05 -15.00 34.18
C SER A 662 10.38 -14.36 33.82
N ILE A 663 10.87 -14.62 32.62
CA ILE A 663 12.19 -14.16 32.21
C ILE A 663 12.17 -13.45 30.85
N LYS A 664 12.69 -12.23 30.83
CA LYS A 664 12.89 -11.52 29.59
C LYS A 664 14.38 -11.19 29.41
N ALA A 665 15.08 -12.02 28.64
CA ALA A 665 16.51 -11.83 28.42
C ALA A 665 16.77 -10.71 27.42
N SER A 666 16.43 -9.49 27.80
CA SER A 666 16.57 -8.34 26.91
C SER A 666 17.41 -7.22 27.53
N LYS A 667 17.92 -6.34 26.67
CA LYS A 667 18.65 -5.14 27.07
C LYS A 667 19.88 -5.42 27.93
N ASP A 668 19.84 -4.96 29.17
CA ASP A 668 20.98 -5.03 30.08
C ASP A 668 21.43 -6.47 30.34
N GLY A 669 20.47 -7.39 30.35
CA GLY A 669 20.77 -8.79 30.60
C GLY A 669 19.52 -9.63 30.74
N ILE A 670 19.46 -10.43 31.81
CA ILE A 670 18.29 -11.25 32.07
C ILE A 670 17.39 -10.61 33.12
N LEU A 671 16.17 -10.28 32.70
CA LEU A 671 15.21 -9.59 33.57
C LEU A 671 14.19 -10.56 34.14
N ARG A 672 14.20 -10.72 35.46
CA ARG A 672 13.31 -11.68 36.11
C ARG A 672 12.18 -11.00 36.86
N GLN A 673 11.02 -11.66 36.86
CA GLN A 673 9.84 -11.17 37.54
C GLN A 673 9.14 -12.34 38.23
N VAL A 674 8.84 -12.17 39.52
CA VAL A 674 8.19 -13.23 40.28
C VAL A 674 6.72 -12.87 40.56
N VAL A 675 5.84 -13.87 40.43
CA VAL A 675 4.41 -13.68 40.67
C VAL A 675 4.17 -13.09 42.06
N PRO A 676 3.15 -12.22 42.18
CA PRO A 676 2.84 -11.56 43.46
C PRO A 676 2.68 -12.53 44.62
N ASP A 677 3.45 -12.32 45.68
CA ASP A 677 3.34 -13.09 46.91
C ASP A 677 3.50 -14.59 46.70
N TYR A 678 4.51 -14.96 45.92
CA TYR A 678 4.86 -16.37 45.74
C TYR A 678 5.12 -17.01 47.10
N GLU A 679 5.67 -16.22 48.01
CA GLU A 679 6.05 -16.68 49.34
C GLU A 679 4.91 -17.41 50.06
N HIS A 680 3.71 -16.89 49.93
CA HIS A 680 2.57 -17.47 50.66
C HIS A 680 1.59 -18.22 49.76
N LEU A 681 1.71 -18.04 48.45
CA LEU A 681 0.69 -18.54 47.54
C LEU A 681 1.20 -19.53 46.48
N HIS A 682 2.43 -20.02 46.63
CA HIS A 682 3.02 -20.88 45.61
C HIS A 682 2.16 -22.11 45.32
N ASP A 683 1.63 -22.73 46.37
CA ASP A 683 0.73 -23.87 46.20
C ASP A 683 -0.67 -23.43 45.75
N ALA A 684 -0.99 -22.16 45.99
CA ALA A 684 -2.30 -21.62 45.64
C ALA A 684 -2.39 -21.25 44.17
N TYR A 685 -1.25 -20.91 43.57
CA TYR A 685 -1.20 -20.60 42.14
C TYR A 685 -1.43 -21.85 41.29
N GLU A 686 -2.02 -21.65 40.11
CA GLU A 686 -2.17 -22.75 39.17
C GLU A 686 -1.54 -22.35 37.84
N LEU A 687 -0.35 -22.89 37.58
CA LEU A 687 0.41 -22.52 36.38
C LEU A 687 -0.27 -23.01 35.11
N LEU A 688 0.01 -22.35 33.99
CA LEU A 688 -0.65 -22.62 32.73
C LEU A 688 -0.55 -24.09 32.29
N TRP A 689 0.64 -24.67 32.40
CA TRP A 689 0.84 -26.02 31.90
C TRP A 689 0.53 -27.08 32.96
N GLU A 690 -0.07 -26.64 34.06
CA GLU A 690 -0.57 -27.57 35.06
C GLU A 690 -2.08 -27.81 34.85
N MET A 691 -2.66 -27.08 33.91
CA MET A 691 -4.07 -27.23 33.58
C MET A 691 -4.34 -28.56 32.88
N PRO A 692 -5.40 -29.26 33.30
CA PRO A 692 -5.84 -30.48 32.61
C PRO A 692 -6.31 -30.20 31.18
N GLY A 693 -6.78 -28.97 30.94
CA GLY A 693 -7.27 -28.59 29.64
C GLY A 693 -7.68 -27.14 29.57
N ASN A 694 -8.60 -26.82 28.67
CA ASN A 694 -9.04 -25.44 28.46
C ASN A 694 -10.43 -25.16 29.03
N ASP A 695 -11.12 -26.21 29.47
CA ASP A 695 -12.53 -26.07 29.86
C ASP A 695 -12.75 -25.14 31.05
N GLY A 696 -11.92 -25.26 32.08
CA GLY A 696 -12.06 -24.42 33.26
C GLY A 696 -11.89 -22.95 32.91
N TYR A 697 -10.89 -22.66 32.11
CA TYR A 697 -10.60 -21.30 31.68
C TYR A 697 -11.74 -20.74 30.81
N LEU A 698 -12.22 -21.56 29.88
CA LEU A 698 -13.27 -21.12 28.97
C LEU A 698 -14.58 -20.84 29.68
N GLN A 699 -14.87 -21.61 30.73
CA GLN A 699 -16.05 -21.36 31.55
C GLN A 699 -15.93 -20.00 32.24
N LEU A 700 -14.73 -19.68 32.73
CA LEU A 700 -14.51 -18.40 33.38
C LEU A 700 -14.69 -17.24 32.39
N VAL A 701 -14.14 -17.41 31.19
CA VAL A 701 -14.28 -16.40 30.15
C VAL A 701 -15.75 -16.18 29.80
N GLY A 702 -16.49 -17.27 29.68
CA GLY A 702 -17.91 -17.20 29.40
C GLY A 702 -18.65 -16.44 30.48
N ILE A 703 -18.30 -16.70 31.73
CA ILE A 703 -18.89 -16.00 32.87
C ILE A 703 -18.55 -14.51 32.84
N MET A 704 -17.29 -14.19 32.55
CA MET A 704 -16.88 -12.80 32.39
C MET A 704 -17.69 -12.11 31.30
N GLN A 705 -17.83 -12.80 30.17
CA GLN A 705 -18.46 -12.23 28.98
C GLN A 705 -19.92 -11.87 29.22
N LYS A 706 -20.53 -12.50 30.21
CA LYS A 706 -21.89 -12.17 30.61
C LYS A 706 -22.05 -10.67 30.88
N PHE A 707 -21.01 -10.06 31.45
CA PHE A 707 -21.07 -8.67 31.86
C PHE A 707 -20.26 -7.74 30.96
N ILE A 708 -19.21 -8.26 30.34
CA ILE A 708 -18.32 -7.45 29.49
C ILE A 708 -19.03 -6.89 28.26
N ASP A 709 -18.92 -5.58 28.06
CA ASP A 709 -19.53 -4.88 26.92
C ASP A 709 -19.00 -5.39 25.58
N GLN A 710 -17.69 -5.50 25.48
CA GLN A 710 -17.06 -5.88 24.23
C GLN A 710 -16.68 -7.35 24.28
N SER A 711 -15.40 -7.66 24.05
CA SER A 711 -14.97 -9.04 24.10
C SER A 711 -13.76 -9.24 25.00
N ILE A 712 -13.11 -10.39 24.82
CA ILE A 712 -12.06 -10.85 25.72
C ILE A 712 -10.96 -11.50 24.90
N SER A 713 -9.71 -11.18 25.18
CA SER A 713 -8.60 -11.79 24.42
C SER A 713 -8.31 -13.19 24.96
N ALA A 714 -9.30 -14.07 24.79
CA ALA A 714 -9.23 -15.43 25.31
C ALA A 714 -8.20 -16.29 24.57
N ASN A 715 -7.33 -16.92 25.34
CA ASN A 715 -6.31 -17.82 24.80
C ASN A 715 -6.75 -19.28 24.88
N THR A 716 -6.32 -20.10 23.92
CA THR A 716 -6.38 -21.56 24.10
C THR A 716 -4.95 -22.06 24.27
N ASN A 717 -4.79 -23.15 25.02
CA ASN A 717 -3.46 -23.65 25.34
C ASN A 717 -3.39 -25.17 25.23
N TYR A 718 -2.29 -25.68 24.67
CA TYR A 718 -2.13 -27.12 24.52
C TYR A 718 -0.69 -27.55 24.76
N ASP A 719 -0.52 -28.62 25.52
CA ASP A 719 0.78 -29.24 25.74
C ASP A 719 0.80 -30.59 25.03
N PRO A 720 1.55 -30.68 23.92
CA PRO A 720 1.65 -31.90 23.12
C PRO A 720 2.06 -33.13 23.93
N SER A 721 2.83 -32.93 25.00
CA SER A 721 3.31 -34.04 25.80
C SER A 721 2.21 -34.65 26.67
N ARG A 722 1.07 -33.97 26.76
CA ARG A 722 -0.07 -34.48 27.51
C ARG A 722 -0.89 -35.47 26.69
N PHE A 723 -0.61 -35.53 25.39
CA PHE A 723 -1.35 -36.38 24.47
C PHE A 723 -0.48 -37.51 23.94
N PRO A 724 -1.10 -38.66 23.61
CA PRO A 724 -0.36 -39.78 23.03
C PRO A 724 0.37 -39.41 21.74
N SER A 725 1.58 -39.94 21.57
CA SER A 725 2.41 -39.70 20.39
C SER A 725 2.78 -38.21 20.22
N GLY A 726 2.57 -37.44 21.28
CA GLY A 726 2.97 -36.04 21.29
C GLY A 726 2.22 -35.15 20.31
N LYS A 727 1.06 -35.60 19.85
CA LYS A 727 0.27 -34.80 18.92
C LYS A 727 -1.06 -34.35 19.52
N VAL A 728 -1.34 -33.06 19.43
CA VAL A 728 -2.64 -32.53 19.82
C VAL A 728 -3.67 -32.93 18.76
N PRO A 729 -4.66 -33.75 19.17
CA PRO A 729 -5.67 -34.25 18.22
C PRO A 729 -6.63 -33.16 17.75
N MET A 730 -7.00 -33.22 16.48
CA MET A 730 -7.93 -32.25 15.90
C MET A 730 -9.28 -32.32 16.61
N GLN A 731 -9.62 -33.52 17.09
CA GLN A 731 -10.86 -33.72 17.84
C GLN A 731 -10.93 -32.82 19.07
N GLN A 732 -9.78 -32.63 19.73
CA GLN A 732 -9.73 -31.81 20.94
C GLN A 732 -9.79 -30.32 20.60
N LEU A 733 -9.11 -29.93 19.53
CA LEU A 733 -9.15 -28.55 19.05
C LEU A 733 -10.59 -28.14 18.76
N LEU A 734 -11.35 -29.06 18.15
CA LEU A 734 -12.73 -28.77 17.76
C LEU A 734 -13.66 -28.75 18.97
N LYS A 735 -13.45 -29.66 19.92
CA LYS A 735 -14.26 -29.69 21.14
C LYS A 735 -14.14 -28.39 21.93
N ASP A 736 -12.91 -27.88 22.07
CA ASP A 736 -12.69 -26.64 22.80
C ASP A 736 -13.32 -25.46 22.08
N LEU A 737 -13.23 -25.48 20.75
CA LEU A 737 -13.84 -24.46 19.92
C LEU A 737 -15.35 -24.40 20.15
N LEU A 738 -15.97 -25.58 20.23
CA LEU A 738 -17.40 -25.72 20.43
C LEU A 738 -17.80 -25.35 21.86
N THR A 739 -16.93 -25.68 22.81
CA THR A 739 -17.16 -25.35 24.20
C THR A 739 -17.19 -23.84 24.39
N ALA A 740 -16.24 -23.17 23.75
CA ALA A 740 -16.19 -21.71 23.77
C ALA A 740 -17.51 -21.12 23.28
N TYR A 741 -17.96 -21.58 22.12
CA TYR A 741 -19.22 -21.10 21.56
C TYR A 741 -20.39 -21.34 22.51
N LYS A 742 -20.43 -22.55 23.08
CA LYS A 742 -21.51 -22.96 23.97
C LYS A 742 -21.73 -22.00 25.13
N PHE A 743 -20.65 -21.45 25.66
CA PHE A 743 -20.74 -20.55 26.80
C PHE A 743 -20.63 -19.07 26.41
N GLY A 744 -20.94 -18.78 25.15
CA GLY A 744 -21.08 -17.41 24.69
C GLY A 744 -19.82 -16.63 24.43
N VAL A 745 -18.68 -17.32 24.37
CA VAL A 745 -17.40 -16.68 24.10
C VAL A 745 -17.40 -16.04 22.71
N LYS A 746 -17.11 -14.75 22.66
CA LYS A 746 -17.22 -13.98 21.43
C LYS A 746 -16.03 -14.16 20.49
N THR A 747 -14.83 -14.28 21.06
CA THR A 747 -13.62 -14.37 20.27
C THR A 747 -12.60 -15.36 20.85
N LEU A 748 -11.70 -15.82 20.00
CA LEU A 748 -10.53 -16.57 20.45
C LEU A 748 -9.27 -15.91 19.90
N TYR A 749 -8.40 -15.52 20.81
CA TYR A 749 -7.13 -14.88 20.48
C TYR A 749 -6.07 -15.97 20.27
N TYR A 750 -4.89 -15.81 20.87
CA TYR A 750 -3.78 -16.75 20.70
C TYR A 750 -4.15 -18.21 20.99
N GLN A 751 -3.63 -19.12 20.17
CA GLN A 751 -3.46 -20.50 20.62
C GLN A 751 -2.00 -20.70 21.00
N ASN A 752 -1.79 -21.05 22.26
CA ASN A 752 -0.44 -21.27 22.76
C ASN A 752 -0.11 -22.77 22.76
N THR A 753 0.98 -23.13 22.11
CA THR A 753 1.46 -24.51 22.10
C THR A 753 2.78 -24.58 22.84
N ARG A 754 2.83 -25.38 23.91
CA ARG A 754 4.02 -25.48 24.75
C ARG A 754 5.21 -26.01 23.96
N ASP A 755 6.37 -25.40 24.19
CA ASP A 755 7.60 -25.84 23.54
C ASP A 755 8.51 -26.53 24.56
N GLY A 756 8.15 -27.75 24.92
CA GLY A 756 8.92 -28.52 25.88
C GLY A 756 8.18 -28.71 27.20
N GLU A 796 -9.68 -38.59 11.10
CA GLU A 796 -9.15 -38.10 12.37
C GLU A 796 -10.24 -37.37 13.17
N VAL A 797 -11.30 -36.98 12.48
CA VAL A 797 -12.40 -36.26 13.13
C VAL A 797 -13.69 -37.08 13.08
N ASP A 798 -14.33 -37.24 14.23
CA ASP A 798 -15.59 -37.98 14.31
C ASP A 798 -16.74 -37.04 14.68
N THR A 799 -17.61 -36.76 13.71
CA THR A 799 -18.73 -35.84 13.92
C THR A 799 -19.81 -36.45 14.79
N ASP A 800 -19.88 -37.78 14.82
CA ASP A 800 -20.82 -38.46 15.69
C ASP A 800 -20.46 -38.20 17.15
N ASP A 801 -19.16 -38.13 17.42
CA ASP A 801 -18.66 -37.82 18.76
C ASP A 801 -18.94 -36.37 19.12
N LEU A 802 -19.10 -35.52 18.10
CA LEU A 802 -19.40 -34.11 18.31
C LEU A 802 -20.90 -33.86 18.28
N SER A 803 -21.67 -34.82 17.76
CA SER A 803 -23.11 -34.70 17.64
C SER A 803 -23.79 -34.51 19.00
N ASN A 804 -23.14 -34.97 20.06
CA ASN A 804 -23.67 -34.83 21.41
C ASN A 804 -23.74 -33.38 21.85
N PHE A 805 -22.91 -32.54 21.22
CA PHE A 805 -22.71 -31.17 21.68
C PHE A 805 -23.95 -30.29 21.53
N GLN A 806 -24.24 -29.54 22.59
CA GLN A 806 -25.32 -28.58 22.57
C GLN A 806 -24.77 -27.16 22.43
N LEU A 807 -24.93 -26.58 21.24
CA LEU A 807 -24.43 -25.24 20.96
C LEU A 807 -25.08 -24.18 21.87
N LEU B 38 -15.62 -29.29 -51.79
CA LEU B 38 -14.25 -29.39 -52.29
C LEU B 38 -13.86 -28.19 -53.13
N ASP B 39 -14.51 -28.04 -54.29
CA ASP B 39 -14.21 -26.93 -55.19
C ASP B 39 -14.59 -25.58 -54.58
N LYS B 40 -15.51 -25.61 -53.63
CA LYS B 40 -15.92 -24.40 -52.92
C LYS B 40 -14.75 -23.87 -52.09
N ILE B 41 -13.94 -24.78 -51.58
CA ILE B 41 -12.74 -24.44 -50.83
C ILE B 41 -11.63 -24.00 -51.79
N HIS B 42 -11.48 -24.73 -52.90
CA HIS B 42 -10.46 -24.45 -53.89
C HIS B 42 -10.63 -23.06 -54.50
N ARG B 43 -11.87 -22.61 -54.62
CA ARG B 43 -12.17 -21.30 -55.19
C ARG B 43 -11.75 -20.17 -54.25
N VAL B 44 -11.99 -20.35 -52.96
CA VAL B 44 -11.62 -19.35 -51.97
C VAL B 44 -10.09 -19.23 -51.89
N LEU B 45 -9.41 -20.36 -51.99
CA LEU B 45 -7.95 -20.39 -52.05
C LEU B 45 -7.44 -19.66 -53.28
N ASP B 46 -8.09 -19.92 -54.42
CA ASP B 46 -7.78 -19.21 -55.66
C ASP B 46 -8.00 -17.72 -55.51
N TRP B 47 -9.08 -17.36 -54.80
CA TRP B 47 -9.42 -15.97 -54.56
C TRP B 47 -8.40 -15.27 -53.65
N ALA B 48 -8.00 -15.96 -52.59
CA ALA B 48 -7.07 -15.39 -51.62
C ALA B 48 -5.66 -15.25 -52.17
N ALA B 49 -5.34 -16.06 -53.18
CA ALA B 49 -4.01 -16.08 -53.77
C ALA B 49 -3.88 -15.14 -54.95
N GLU B 50 -4.92 -14.35 -55.21
CA GLU B 50 -4.93 -13.41 -56.33
C GLU B 50 -3.86 -12.33 -56.17
N GLY B 51 -2.96 -12.25 -57.14
CA GLY B 51 -1.95 -11.21 -57.17
C GLY B 51 -0.77 -11.45 -56.25
N LEU B 52 -0.62 -12.68 -55.76
CA LEU B 52 0.48 -13.01 -54.87
C LEU B 52 1.58 -13.77 -55.61
N HIS B 53 2.80 -13.67 -55.12
CA HIS B 53 3.94 -14.33 -55.75
C HIS B 53 4.50 -15.45 -54.89
N ASN B 54 4.92 -16.52 -55.55
CA ASN B 54 5.60 -17.64 -54.91
C ASN B 54 4.77 -18.31 -53.80
N VAL B 55 3.45 -18.32 -53.97
CA VAL B 55 2.58 -19.08 -53.08
C VAL B 55 2.00 -20.27 -53.83
N SER B 56 1.78 -21.37 -53.12
CA SER B 56 1.28 -22.59 -53.74
C SER B 56 0.01 -23.09 -53.04
N ILE B 57 -1.10 -23.06 -53.77
CA ILE B 57 -2.37 -23.56 -53.24
C ILE B 57 -2.26 -25.05 -52.93
N SER B 58 -1.50 -25.76 -53.75
CA SER B 58 -1.22 -27.17 -53.53
C SER B 58 -0.59 -27.40 -52.16
N GLN B 59 0.33 -26.51 -51.78
CA GLN B 59 1.00 -26.61 -50.49
C GLN B 59 0.04 -26.34 -49.33
N VAL B 60 -0.87 -25.38 -49.51
CA VAL B 60 -1.83 -25.07 -48.46
C VAL B 60 -2.79 -26.23 -48.24
N GLU B 61 -3.30 -26.80 -49.34
CA GLU B 61 -4.17 -27.97 -49.28
C GLU B 61 -3.47 -29.12 -48.59
N LEU B 62 -2.24 -29.39 -49.02
CA LEU B 62 -1.43 -30.47 -48.47
C LEU B 62 -1.19 -30.30 -46.97
N ARG B 63 -0.76 -29.11 -46.58
CA ARG B 63 -0.44 -28.81 -45.18
C ARG B 63 -1.63 -28.87 -44.26
N SER B 64 -2.81 -28.57 -44.81
CA SER B 64 -4.03 -28.47 -44.00
C SER B 64 -4.60 -29.84 -43.61
N HIS B 65 -4.27 -30.87 -44.39
CA HIS B 65 -4.80 -32.22 -44.20
C HIS B 65 -6.33 -32.22 -44.20
N ILE B 66 -6.95 -31.28 -44.92
CA ILE B 66 -8.40 -31.15 -44.97
C ILE B 66 -9.08 -32.41 -45.51
N GLN B 67 -8.37 -33.12 -46.39
CA GLN B 67 -8.92 -34.29 -47.05
C GLN B 67 -9.04 -35.48 -46.09
N PHE B 68 -8.41 -35.38 -44.93
CA PHE B 68 -8.37 -36.49 -43.98
C PHE B 68 -8.80 -36.03 -42.59
N ASP B 76 -14.04 -25.78 -36.95
CA ASP B 76 -14.52 -25.96 -38.30
C ASP B 76 -13.37 -26.23 -39.27
N ILE B 77 -13.69 -26.37 -40.56
CA ILE B 77 -12.70 -26.76 -41.56
C ILE B 77 -11.88 -25.57 -42.08
N HIS B 78 -12.52 -24.41 -42.19
CA HIS B 78 -11.87 -23.23 -42.78
C HIS B 78 -10.73 -22.71 -41.89
N GLU B 79 -10.86 -22.93 -40.60
CA GLU B 79 -9.85 -22.47 -39.64
C GLU B 79 -8.53 -23.23 -39.78
N THR B 80 -8.62 -24.50 -40.19
CA THR B 80 -7.43 -25.31 -40.41
C THR B 80 -6.68 -24.80 -41.64
N ILE B 81 -7.41 -24.43 -42.67
CA ILE B 81 -6.84 -23.92 -43.91
C ILE B 81 -6.09 -22.61 -43.67
N ILE B 82 -6.68 -21.74 -42.85
CA ILE B 82 -6.05 -20.48 -42.49
C ILE B 82 -4.70 -20.71 -41.81
N LYS B 83 -4.68 -21.64 -40.85
CA LYS B 83 -3.48 -21.93 -40.08
C LYS B 83 -2.37 -22.54 -40.94
N ALA B 84 -2.76 -23.39 -41.88
CA ALA B 84 -1.80 -24.00 -42.79
C ALA B 84 -1.12 -22.94 -43.65
N ALA B 85 -1.90 -21.96 -44.11
CA ALA B 85 -1.35 -20.88 -44.92
C ALA B 85 -0.40 -20.02 -44.09
N ALA B 86 -0.80 -19.74 -42.86
CA ALA B 86 0.02 -18.93 -41.95
C ALA B 86 1.32 -19.63 -41.59
N ASP B 87 1.29 -20.95 -41.52
CA ASP B 87 2.48 -21.74 -41.22
C ASP B 87 3.47 -21.76 -42.38
N LEU B 88 3.02 -21.32 -43.55
CA LEU B 88 3.87 -21.27 -44.73
C LEU B 88 4.54 -19.90 -44.92
N ILE B 89 4.25 -18.98 -44.00
CA ILE B 89 4.90 -17.67 -44.03
C ILE B 89 6.40 -17.81 -43.79
N SER B 90 7.20 -17.30 -44.73
CA SER B 90 8.65 -17.42 -44.64
C SER B 90 9.36 -16.35 -45.46
N ARG B 91 10.68 -16.33 -45.37
CA ARG B 91 11.50 -15.39 -46.12
C ARG B 91 11.40 -15.63 -47.62
N ASP B 92 11.35 -16.90 -48.01
CA ASP B 92 11.32 -17.27 -49.42
C ASP B 92 9.96 -16.97 -50.04
N ALA B 93 8.92 -17.03 -49.22
CA ALA B 93 7.57 -16.79 -49.70
C ALA B 93 6.77 -15.95 -48.69
N PRO B 94 7.11 -14.65 -48.59
CA PRO B 94 6.45 -13.77 -47.62
C PRO B 94 4.98 -13.53 -47.92
N ASP B 95 4.57 -13.69 -49.18
CA ASP B 95 3.20 -13.39 -49.60
C ASP B 95 2.15 -14.28 -48.93
N TYR B 96 2.58 -15.38 -48.29
CA TYR B 96 1.66 -16.21 -47.54
C TYR B 96 1.01 -15.42 -46.40
N GLN B 97 1.67 -14.37 -45.93
CA GLN B 97 1.12 -13.54 -44.87
C GLN B 97 -0.14 -12.81 -45.35
N TYR B 98 -0.28 -12.65 -46.66
CA TYR B 98 -1.46 -12.01 -47.22
C TYR B 98 -2.49 -13.05 -47.63
N LEU B 99 -2.03 -14.22 -48.05
CA LEU B 99 -2.92 -15.32 -48.39
C LEU B 99 -3.72 -15.74 -47.14
N ALA B 100 -3.00 -15.90 -46.03
CA ALA B 100 -3.63 -16.31 -44.78
C ALA B 100 -4.56 -15.23 -44.23
N ALA B 101 -4.12 -13.98 -44.35
CA ALA B 101 -4.92 -12.84 -43.89
C ALA B 101 -6.25 -12.76 -44.61
N ARG B 102 -6.21 -12.94 -45.93
CA ARG B 102 -7.41 -12.84 -46.76
C ARG B 102 -8.37 -13.99 -46.50
N LEU B 103 -7.81 -15.18 -46.28
CA LEU B 103 -8.61 -16.33 -45.86
C LEU B 103 -9.28 -16.03 -44.54
N ALA B 104 -8.53 -15.42 -43.62
CA ALA B 104 -9.04 -15.07 -42.30
C ALA B 104 -10.13 -14.00 -42.41
N ILE B 105 -9.87 -12.95 -43.18
CA ILE B 105 -10.85 -11.90 -43.42
C ILE B 105 -12.15 -12.49 -43.97
N PHE B 106 -12.03 -13.36 -44.95
CA PHE B 106 -13.17 -14.05 -45.54
C PHE B 106 -13.97 -14.77 -44.47
N HIS B 107 -13.26 -15.45 -43.57
CA HIS B 107 -13.88 -16.21 -42.50
C HIS B 107 -14.61 -15.31 -41.50
N LEU B 108 -14.03 -14.14 -41.22
CA LEU B 108 -14.60 -13.21 -40.26
C LEU B 108 -15.86 -12.54 -40.80
N ARG B 109 -15.88 -12.30 -42.11
CA ARG B 109 -17.06 -11.74 -42.77
C ARG B 109 -18.26 -12.68 -42.60
N LYS B 110 -18.04 -13.95 -42.88
CA LYS B 110 -19.08 -14.97 -42.72
C LYS B 110 -19.50 -15.07 -41.25
N LYS B 111 -18.51 -14.99 -40.36
CA LYS B 111 -18.73 -15.11 -38.93
C LYS B 111 -19.55 -13.94 -38.38
N ALA B 112 -19.37 -12.76 -38.97
CA ALA B 112 -20.03 -11.56 -38.46
C ALA B 112 -21.33 -11.23 -39.18
N TYR B 113 -21.40 -11.56 -40.47
CA TYR B 113 -22.51 -11.11 -41.29
C TYR B 113 -23.29 -12.26 -41.93
N GLY B 114 -22.68 -13.45 -41.98
CA GLY B 114 -23.31 -14.59 -42.62
C GLY B 114 -23.09 -14.58 -44.12
N GLN B 115 -22.27 -13.63 -44.56
CA GLN B 115 -21.94 -13.46 -45.96
C GLN B 115 -20.69 -12.61 -46.07
N PHE B 116 -20.03 -12.62 -47.23
CA PHE B 116 -18.81 -11.85 -47.39
C PHE B 116 -19.09 -10.35 -47.40
N GLU B 117 -20.14 -9.95 -48.11
CA GLU B 117 -20.48 -8.53 -48.20
C GLU B 117 -21.12 -8.02 -46.91
N PRO B 118 -20.48 -7.02 -46.28
CA PRO B 118 -21.00 -6.39 -45.05
C PRO B 118 -22.34 -5.70 -45.30
N PRO B 119 -23.14 -5.53 -44.24
CA PRO B 119 -24.43 -4.84 -44.38
C PRO B 119 -24.24 -3.34 -44.54
N ALA B 120 -25.32 -2.62 -44.80
CA ALA B 120 -25.27 -1.16 -44.85
C ALA B 120 -24.80 -0.64 -43.50
N LEU B 121 -24.00 0.43 -43.51
CA LEU B 121 -23.43 0.99 -42.29
C LEU B 121 -24.51 1.35 -41.27
N TYR B 122 -25.60 1.93 -41.73
CA TYR B 122 -26.68 2.33 -40.83
C TYR B 122 -27.33 1.13 -40.16
N ASP B 123 -27.66 0.11 -40.95
CA ASP B 123 -28.26 -1.12 -40.42
C ASP B 123 -27.33 -1.80 -39.43
N HIS B 124 -26.02 -1.73 -39.69
CA HIS B 124 -25.04 -2.31 -38.79
C HIS B 124 -25.00 -1.59 -37.45
N VAL B 125 -24.91 -0.26 -37.51
CA VAL B 125 -24.82 0.57 -36.32
C VAL B 125 -26.07 0.44 -35.44
N VAL B 126 -27.24 0.45 -36.08
CA VAL B 126 -28.49 0.28 -35.37
C VAL B 126 -28.52 -1.05 -34.62
N LYS B 127 -28.14 -2.11 -35.32
CA LYS B 127 -28.10 -3.45 -34.72
C LYS B 127 -27.16 -3.52 -33.52
N MET B 128 -25.99 -2.90 -33.65
CA MET B 128 -24.98 -2.96 -32.61
C MET B 128 -25.31 -2.10 -31.40
N VAL B 129 -25.98 -0.98 -31.63
CA VAL B 129 -26.42 -0.12 -30.54
C VAL B 129 -27.49 -0.84 -29.71
N GLU B 130 -28.39 -1.53 -30.39
CA GLU B 130 -29.40 -2.33 -29.72
C GLU B 130 -28.77 -3.44 -28.89
N MET B 131 -27.69 -4.02 -29.41
CA MET B 131 -26.96 -5.07 -28.69
C MET B 131 -26.07 -4.48 -27.60
N GLY B 132 -25.98 -3.16 -27.55
CA GLY B 132 -25.21 -2.48 -26.54
C GLY B 132 -23.71 -2.60 -26.75
N LYS B 133 -23.31 -2.77 -28.00
CA LYS B 133 -21.90 -2.89 -28.34
C LYS B 133 -21.34 -1.58 -28.87
N TYR B 134 -22.19 -0.78 -29.51
CA TYR B 134 -21.82 0.56 -29.94
C TYR B 134 -22.45 1.60 -29.03
N ASP B 135 -21.81 2.76 -28.92
CA ASP B 135 -22.35 3.85 -28.14
C ASP B 135 -23.55 4.46 -28.86
N ASN B 136 -24.64 4.65 -28.12
CA ASN B 136 -25.89 5.13 -28.71
C ASN B 136 -25.84 6.58 -29.17
N HIS B 137 -24.76 7.29 -28.84
CA HIS B 137 -24.61 8.67 -29.27
C HIS B 137 -24.41 8.77 -30.78
N LEU B 138 -23.99 7.67 -31.39
CA LEU B 138 -23.83 7.61 -32.85
C LEU B 138 -25.13 7.91 -33.58
N LEU B 139 -26.23 7.36 -33.10
CA LEU B 139 -27.52 7.54 -33.74
C LEU B 139 -28.12 8.91 -33.44
N GLU B 140 -27.57 9.58 -32.43
CA GLU B 140 -28.05 10.91 -32.06
C GLU B 140 -27.22 12.01 -32.72
N ASP B 141 -25.95 11.72 -32.97
CA ASP B 141 -25.05 12.69 -33.58
C ASP B 141 -25.13 12.68 -35.10
N TYR B 142 -25.47 11.52 -35.67
CA TYR B 142 -25.57 11.38 -37.12
C TYR B 142 -26.94 10.86 -37.55
N THR B 143 -27.46 11.42 -38.64
CA THR B 143 -28.73 10.96 -39.21
C THR B 143 -28.51 9.76 -40.11
N GLU B 144 -29.60 9.09 -40.47
CA GLU B 144 -29.54 7.93 -41.36
C GLU B 144 -28.93 8.29 -42.70
N GLU B 145 -29.25 9.47 -43.21
CA GLU B 145 -28.70 9.94 -44.48
C GLU B 145 -27.20 10.13 -44.39
N GLU B 146 -26.72 10.57 -43.23
CA GLU B 146 -25.30 10.78 -43.03
C GLU B 146 -24.56 9.45 -42.92
N PHE B 147 -25.22 8.44 -42.36
CA PHE B 147 -24.64 7.10 -42.30
C PHE B 147 -24.58 6.49 -43.69
N LYS B 148 -25.56 6.81 -44.54
CA LYS B 148 -25.55 6.39 -45.93
C LYS B 148 -24.35 7.00 -46.63
N GLN B 149 -24.11 8.29 -46.37
CA GLN B 149 -23.01 9.02 -46.99
C GLN B 149 -21.66 8.50 -46.51
N MET B 150 -21.55 8.25 -45.21
CA MET B 150 -20.34 7.68 -44.64
C MET B 150 -20.06 6.29 -45.22
N ASP B 151 -21.13 5.57 -45.55
CA ASP B 151 -21.00 4.26 -46.16
C ASP B 151 -20.34 4.38 -47.52
N THR B 152 -20.60 5.48 -48.21
CA THR B 152 -19.99 5.71 -49.53
C THR B 152 -18.49 5.99 -49.41
N PHE B 153 -18.05 6.39 -48.22
CA PHE B 153 -16.62 6.55 -47.95
C PHE B 153 -15.95 5.19 -47.82
N ILE B 154 -16.66 4.24 -47.23
CA ILE B 154 -16.10 2.93 -46.88
C ILE B 154 -15.64 2.13 -48.11
N ASP B 155 -14.43 1.59 -48.02
CA ASP B 155 -13.91 0.65 -49.00
C ASP B 155 -13.59 -0.66 -48.31
N HIS B 156 -14.56 -1.58 -48.29
CA HIS B 156 -14.39 -2.85 -47.58
C HIS B 156 -13.26 -3.71 -48.15
N ASP B 157 -12.91 -3.45 -49.41
CA ASP B 157 -11.84 -4.20 -50.07
C ASP B 157 -10.48 -3.93 -49.44
N ARG B 158 -10.39 -2.88 -48.63
CA ARG B 158 -9.14 -2.56 -47.96
C ARG B 158 -8.83 -3.56 -46.85
N ASP B 159 -9.79 -4.40 -46.51
CA ASP B 159 -9.56 -5.50 -45.59
C ASP B 159 -8.55 -6.49 -46.16
N MET B 160 -8.46 -6.52 -47.49
CA MET B 160 -7.53 -7.41 -48.18
C MET B 160 -6.10 -6.88 -48.17
N THR B 161 -5.88 -5.74 -47.52
CA THR B 161 -4.54 -5.15 -47.48
C THR B 161 -3.82 -5.46 -46.15
N PHE B 162 -4.51 -6.12 -45.23
CA PHE B 162 -3.90 -6.51 -43.96
C PHE B 162 -2.98 -7.71 -44.13
N SER B 163 -1.94 -7.77 -43.29
CA SER B 163 -1.14 -8.97 -43.15
C SER B 163 -1.83 -9.89 -42.15
N TYR B 164 -1.33 -11.12 -42.04
CA TYR B 164 -1.97 -12.10 -41.17
C TYR B 164 -1.89 -11.70 -39.69
N ALA B 165 -0.73 -11.23 -39.25
CA ALA B 165 -0.58 -10.82 -37.86
C ALA B 165 -1.50 -9.65 -37.55
N ALA B 166 -1.72 -8.80 -38.55
CA ALA B 166 -2.62 -7.66 -38.41
C ALA B 166 -4.06 -8.13 -38.14
N VAL B 167 -4.51 -9.10 -38.93
CA VAL B 167 -5.86 -9.65 -38.79
C VAL B 167 -6.05 -10.32 -37.43
N LYS B 168 -5.02 -11.01 -36.95
CA LYS B 168 -5.08 -11.68 -35.66
C LYS B 168 -5.17 -10.68 -34.52
N GLN B 169 -4.49 -9.54 -34.66
CA GLN B 169 -4.57 -8.47 -33.67
C GLN B 169 -5.97 -7.86 -33.66
N LEU B 170 -6.50 -7.60 -34.85
CA LEU B 170 -7.86 -7.10 -35.00
C LEU B 170 -8.87 -8.03 -34.35
N GLU B 171 -8.79 -9.30 -34.71
CA GLU B 171 -9.68 -10.33 -34.15
C GLU B 171 -9.44 -10.50 -32.65
N GLY B 172 -8.19 -10.34 -32.25
CA GLY B 172 -7.80 -10.60 -30.87
C GLY B 172 -8.25 -9.56 -29.86
N LYS B 173 -8.19 -8.28 -30.22
CA LYS B 173 -8.42 -7.24 -29.23
C LYS B 173 -9.08 -5.95 -29.73
N TYR B 174 -9.20 -5.80 -31.05
CA TYR B 174 -9.73 -4.53 -31.58
C TYR B 174 -11.19 -4.62 -32.02
N LEU B 175 -11.52 -5.61 -32.85
CA LEU B 175 -12.88 -5.75 -33.36
C LEU B 175 -13.87 -6.02 -32.24
N VAL B 176 -15.02 -5.35 -32.31
CA VAL B 176 -16.08 -5.54 -31.32
C VAL B 176 -16.63 -6.95 -31.42
N GLN B 177 -16.68 -7.66 -30.30
CA GLN B 177 -17.02 -9.07 -30.32
C GLN B 177 -17.74 -9.51 -29.05
N ASN B 178 -18.19 -10.77 -29.05
CA ASN B 178 -18.81 -11.35 -27.87
C ASN B 178 -17.76 -11.60 -26.80
N ARG B 179 -18.03 -11.13 -25.59
CA ARG B 179 -17.09 -11.25 -24.48
C ARG B 179 -16.69 -12.70 -24.21
N VAL B 180 -17.67 -13.59 -24.21
CA VAL B 180 -17.44 -14.98 -23.83
C VAL B 180 -17.21 -15.90 -25.03
N THR B 181 -18.15 -15.94 -25.96
CA THR B 181 -18.08 -16.88 -27.08
C THR B 181 -17.04 -16.48 -28.11
N GLY B 182 -16.65 -15.20 -28.09
CA GLY B 182 -15.64 -14.71 -29.01
C GLY B 182 -16.18 -14.46 -30.41
N GLU B 183 -17.51 -14.47 -30.53
CA GLU B 183 -18.15 -14.21 -31.82
C GLU B 183 -17.93 -12.77 -32.25
N ILE B 184 -17.36 -12.58 -33.43
CA ILE B 184 -17.05 -11.25 -33.94
C ILE B 184 -18.28 -10.59 -34.55
N TYR B 185 -18.48 -9.31 -34.26
CA TYR B 185 -19.66 -8.58 -34.69
C TYR B 185 -19.38 -7.58 -35.82
N GLU B 186 -18.12 -7.26 -36.05
CA GLU B 186 -17.78 -6.24 -37.04
C GLU B 186 -16.57 -6.60 -37.88
N SER B 187 -16.29 -5.77 -38.88
CA SER B 187 -15.10 -5.90 -39.70
C SER B 187 -14.28 -4.60 -39.61
N ALA B 188 -13.07 -4.62 -40.15
CA ALA B 188 -12.10 -3.56 -39.93
C ALA B 188 -12.52 -2.18 -40.43
N GLN B 189 -13.23 -2.12 -41.55
CA GLN B 189 -13.60 -0.82 -42.10
C GLN B 189 -14.71 -0.16 -41.27
N PHE B 190 -15.59 -0.96 -40.69
CA PHE B 190 -16.62 -0.42 -39.80
C PHE B 190 -15.98 0.17 -38.55
N LEU B 191 -14.91 -0.46 -38.08
CA LEU B 191 -14.12 0.07 -36.97
C LEU B 191 -13.55 1.44 -37.34
N TYR B 192 -12.83 1.48 -38.46
CA TYR B 192 -12.16 2.71 -38.90
C TYR B 192 -13.13 3.86 -39.13
N ILE B 193 -14.24 3.59 -39.82
CA ILE B 193 -15.16 4.66 -40.18
C ILE B 193 -15.85 5.26 -38.95
N LEU B 194 -16.10 4.43 -37.94
CA LEU B 194 -16.83 4.87 -36.76
C LEU B 194 -15.91 5.53 -35.74
N VAL B 195 -14.65 5.12 -35.69
CA VAL B 195 -13.65 5.84 -34.91
C VAL B 195 -13.59 7.27 -35.43
N ALA B 196 -13.54 7.41 -36.75
CA ALA B 196 -13.50 8.73 -37.38
C ALA B 196 -14.78 9.51 -37.10
N ALA B 197 -15.92 8.83 -37.17
CA ALA B 197 -17.21 9.47 -36.94
C ALA B 197 -17.35 10.00 -35.51
N CYS B 198 -16.93 9.19 -34.53
CA CYS B 198 -17.02 9.59 -33.13
C CYS B 198 -16.12 10.77 -32.81
N LEU B 199 -14.87 10.70 -33.26
CA LEU B 199 -13.88 11.70 -32.91
C LEU B 199 -14.21 13.06 -33.52
N PHE B 200 -14.86 13.07 -34.68
CA PHE B 200 -15.22 14.34 -35.33
C PHE B 200 -16.71 14.63 -35.24
N SER B 201 -17.40 13.96 -34.32
CA SER B 201 -18.86 14.09 -34.21
C SER B 201 -19.33 15.50 -33.85
N ASN B 202 -18.52 16.24 -33.10
CA ASN B 202 -18.91 17.56 -32.65
C ASN B 202 -18.54 18.68 -33.63
N TYR B 203 -17.97 18.30 -34.78
CA TYR B 203 -17.59 19.27 -35.79
C TYR B 203 -18.83 19.81 -36.51
N PRO B 204 -18.80 21.08 -36.91
CA PRO B 204 -19.93 21.69 -37.62
C PRO B 204 -20.23 20.98 -38.93
N ARG B 205 -21.49 20.96 -39.32
CA ARG B 205 -21.94 20.20 -40.48
C ARG B 205 -21.28 20.67 -41.78
N GLU B 206 -20.74 21.89 -41.77
CA GLU B 206 -20.04 22.43 -42.94
C GLU B 206 -18.79 21.62 -43.29
N THR B 207 -18.16 21.01 -42.29
CA THR B 207 -16.88 20.32 -42.52
C THR B 207 -16.82 18.91 -41.95
N ARG B 208 -17.83 18.49 -41.22
CA ARG B 208 -17.74 17.27 -40.42
C ARG B 208 -17.48 16.01 -41.25
N LEU B 209 -18.35 15.72 -42.20
CA LEU B 209 -18.21 14.50 -42.99
C LEU B 209 -16.97 14.53 -43.87
N GLN B 210 -16.54 15.75 -44.22
CA GLN B 210 -15.31 15.92 -44.99
C GLN B 210 -14.09 15.52 -44.15
N TYR B 211 -14.12 15.83 -42.85
CA TYR B 211 -13.07 15.40 -41.94
C TYR B 211 -13.13 13.89 -41.71
N VAL B 212 -14.34 13.35 -41.62
CA VAL B 212 -14.55 11.93 -41.37
C VAL B 212 -13.96 11.07 -42.48
N LYS B 213 -14.22 11.45 -43.72
CA LYS B 213 -13.65 10.76 -44.88
C LYS B 213 -12.13 10.85 -44.89
N ARG B 214 -11.61 12.04 -44.62
CA ARG B 214 -10.16 12.25 -44.58
C ARG B 214 -9.50 11.35 -43.55
N PHE B 215 -10.04 11.32 -42.34
CA PHE B 215 -9.46 10.54 -41.26
C PHE B 215 -9.62 9.05 -41.52
N TYR B 216 -10.80 8.64 -41.94
CA TYR B 216 -11.03 7.23 -42.29
C TYR B 216 -10.04 6.74 -43.33
N ASP B 217 -9.82 7.55 -44.37
CA ASP B 217 -8.87 7.20 -45.41
C ASP B 217 -7.45 7.11 -44.83
N ALA B 218 -7.13 8.04 -43.94
CA ALA B 218 -5.79 8.10 -43.34
C ALA B 218 -5.46 6.86 -42.52
N VAL B 219 -6.42 6.38 -41.74
CA VAL B 219 -6.16 5.23 -40.87
C VAL B 219 -6.32 3.90 -41.60
N SER B 220 -7.29 3.82 -42.51
CA SER B 220 -7.56 2.57 -43.22
C SER B 220 -6.50 2.27 -44.28
N THR B 221 -5.73 3.30 -44.66
CA THR B 221 -4.61 3.10 -45.58
C THR B 221 -3.29 3.19 -44.81
N PHE B 222 -3.37 3.08 -43.50
CA PHE B 222 -2.21 2.94 -42.63
C PHE B 222 -1.28 4.14 -42.62
N LYS B 223 -1.79 5.31 -42.99
CA LYS B 223 -1.00 6.54 -42.90
C LYS B 223 -0.83 6.97 -41.44
N ILE B 224 -1.93 6.90 -40.70
CA ILE B 224 -1.91 7.18 -39.27
C ILE B 224 -2.17 5.89 -38.49
N SER B 225 -1.37 5.65 -37.47
CA SER B 225 -1.51 4.46 -36.64
C SER B 225 -2.07 4.85 -35.27
N LEU B 226 -3.20 4.26 -34.91
CA LEU B 226 -3.86 4.58 -33.65
C LEU B 226 -3.51 3.56 -32.57
N PRO B 227 -3.41 4.01 -31.31
CA PRO B 227 -3.09 3.12 -30.20
C PRO B 227 -4.25 2.19 -29.84
N THR B 228 -3.94 1.13 -29.12
CA THR B 228 -4.91 0.09 -28.75
C THR B 228 -6.18 0.61 -28.04
N PRO B 229 -6.05 1.52 -27.04
CA PRO B 229 -7.29 1.98 -26.38
C PRO B 229 -8.28 2.66 -27.32
N ILE B 230 -7.78 3.36 -28.33
CA ILE B 230 -8.65 4.00 -29.31
C ILE B 230 -9.25 2.98 -30.28
N MET B 231 -8.40 2.10 -30.81
CA MET B 231 -8.83 1.06 -31.73
C MET B 231 -9.89 0.15 -31.12
N SER B 232 -9.79 -0.11 -29.82
CA SER B 232 -10.70 -1.03 -29.16
C SER B 232 -11.92 -0.32 -28.57
N GLY B 233 -11.76 0.94 -28.17
CA GLY B 233 -12.79 1.63 -27.41
C GLY B 233 -13.66 2.65 -28.13
N VAL B 234 -13.05 3.45 -29.01
CA VAL B 234 -13.79 4.54 -29.63
C VAL B 234 -14.83 4.03 -30.63
N ARG B 235 -16.10 4.18 -30.23
CA ARG B 235 -17.35 3.80 -30.91
C ARG B 235 -18.16 2.92 -29.95
N THR B 236 -17.51 2.49 -28.87
CA THR B 236 -18.14 1.65 -27.86
C THR B 236 -18.57 2.52 -26.67
N PRO B 237 -19.44 1.99 -25.79
CA PRO B 237 -19.91 2.79 -24.64
C PRO B 237 -18.85 3.15 -23.60
N THR B 238 -17.59 2.79 -23.82
CA THR B 238 -16.55 3.11 -22.83
C THR B 238 -16.05 4.55 -22.99
N ARG B 239 -15.39 5.04 -21.94
CA ARG B 239 -14.74 6.34 -21.97
C ARG B 239 -13.32 6.26 -21.42
N GLN B 240 -12.86 5.03 -21.17
CA GLN B 240 -11.50 4.78 -20.70
C GLN B 240 -10.54 4.64 -21.86
N PHE B 241 -9.66 5.63 -22.04
CA PHE B 241 -8.73 5.60 -23.17
C PHE B 241 -7.29 5.92 -22.76
N SER B 242 -7.10 6.42 -21.56
CA SER B 242 -5.76 6.79 -21.09
C SER B 242 -4.91 5.54 -20.82
N SER B 243 -3.75 5.48 -21.46
CA SER B 243 -2.90 4.29 -21.41
C SER B 243 -1.59 4.51 -20.64
N CYS B 244 -1.24 5.77 -20.42
CA CYS B 244 -0.03 6.08 -19.65
C CYS B 244 -0.30 7.24 -18.70
N VAL B 245 0.22 7.13 -17.48
CA VAL B 245 -0.09 8.08 -16.42
C VAL B 245 1.19 8.47 -15.68
N LEU B 246 1.35 9.76 -15.39
CA LEU B 246 2.52 10.25 -14.68
C LEU B 246 2.10 10.90 -13.36
N ILE B 247 2.58 10.33 -12.26
CA ILE B 247 2.22 10.79 -10.93
C ILE B 247 3.45 11.16 -10.11
N GLU B 248 3.45 12.36 -9.57
CA GLU B 248 4.55 12.84 -8.72
C GLU B 248 4.15 12.76 -7.24
N CYS B 249 4.95 12.06 -6.45
CA CYS B 249 4.67 11.91 -5.02
C CYS B 249 5.37 12.97 -4.19
N GLY B 250 4.63 13.60 -3.28
CA GLY B 250 5.20 14.56 -2.37
C GLY B 250 5.79 13.88 -1.14
N ASP B 251 6.61 14.61 -0.38
CA ASP B 251 7.28 14.06 0.79
C ASP B 251 6.38 14.12 2.03
N SER B 252 5.25 13.41 1.97
CA SER B 252 4.29 13.41 3.08
C SER B 252 3.44 12.15 3.03
N LEU B 253 2.88 11.75 4.17
CA LEU B 253 2.01 10.59 4.22
C LEU B 253 0.76 10.80 3.37
N ASP B 254 0.18 12.00 3.42
CA ASP B 254 -1.00 12.31 2.63
C ASP B 254 -0.75 12.14 1.14
N SER B 255 0.43 12.57 0.69
CA SER B 255 0.75 12.49 -0.73
C SER B 255 1.11 11.05 -1.14
N ILE B 256 1.80 10.35 -0.25
CA ILE B 256 2.11 8.94 -0.47
C ILE B 256 0.82 8.15 -0.61
N ASN B 257 -0.14 8.44 0.26
CA ASN B 257 -1.46 7.83 0.18
C ASN B 257 -2.20 8.18 -1.12
N ALA B 258 -2.23 9.46 -1.46
CA ALA B 258 -2.92 9.91 -2.67
C ALA B 258 -2.30 9.29 -3.91
N THR B 259 -0.97 9.26 -3.93
CA THR B 259 -0.22 8.64 -5.02
C THR B 259 -0.59 7.17 -5.16
N SER B 260 -0.63 6.46 -4.04
CA SER B 260 -1.00 5.06 -4.03
C SER B 260 -2.42 4.85 -4.57
N SER B 261 -3.35 5.68 -4.12
CA SER B 261 -4.73 5.62 -4.60
C SER B 261 -4.81 5.86 -6.10
N ALA B 262 -4.09 6.88 -6.58
CA ALA B 262 -4.08 7.21 -8.00
C ALA B 262 -3.54 6.05 -8.84
N ILE B 263 -2.49 5.41 -8.34
CA ILE B 263 -1.91 4.25 -9.00
C ILE B 263 -2.94 3.14 -9.16
N VAL B 264 -3.62 2.82 -8.06
CA VAL B 264 -4.63 1.76 -8.05
C VAL B 264 -5.74 2.04 -9.07
N LYS B 265 -6.26 3.27 -9.06
CA LYS B 265 -7.33 3.66 -9.97
C LYS B 265 -6.92 3.45 -11.42
N TYR B 266 -5.71 3.87 -11.77
CA TYR B 266 -5.27 3.81 -13.15
C TYR B 266 -4.75 2.45 -13.60
N VAL B 267 -4.15 1.65 -12.71
CA VAL B 267 -3.72 0.31 -13.14
C VAL B 267 -4.94 -0.58 -13.34
N SER B 268 -6.04 -0.23 -12.68
CA SER B 268 -7.29 -0.97 -12.87
C SER B 268 -7.84 -0.72 -14.26
N GLN B 269 -7.39 0.35 -14.90
CA GLN B 269 -7.73 0.63 -16.28
C GLN B 269 -6.58 0.23 -17.21
N ARG B 270 -5.64 -0.53 -16.66
CA ARG B 270 -4.49 -1.06 -17.38
C ARG B 270 -3.62 0.01 -18.03
N ALA B 271 -3.52 1.17 -17.37
CA ALA B 271 -2.59 2.20 -17.79
C ALA B 271 -1.20 1.92 -17.25
N GLY B 272 -0.17 2.26 -18.03
CA GLY B 272 1.19 2.19 -17.55
C GLY B 272 1.48 3.37 -16.64
N ILE B 273 2.27 3.14 -15.59
CA ILE B 273 2.48 4.18 -14.58
C ILE B 273 3.92 4.69 -14.53
N GLY B 274 4.05 6.02 -14.47
CA GLY B 274 5.33 6.64 -14.17
C GLY B 274 5.22 7.31 -12.80
N ILE B 275 6.10 6.95 -11.88
CA ILE B 275 6.06 7.46 -10.51
C ILE B 275 7.32 8.22 -10.13
N ASN B 276 7.17 9.49 -9.79
CA ASN B 276 8.28 10.24 -9.21
C ASN B 276 8.22 10.15 -7.69
N ALA B 277 9.19 9.45 -7.09
CA ALA B 277 9.22 9.31 -5.64
C ALA B 277 10.54 9.84 -5.05
N GLY B 278 11.27 10.60 -5.84
CA GLY B 278 12.55 11.13 -5.41
C GLY B 278 12.49 12.14 -4.29
N ARG B 279 11.32 12.74 -4.07
CA ARG B 279 11.14 13.74 -3.02
C ARG B 279 11.12 13.13 -1.62
N ILE B 280 10.74 11.86 -1.53
CA ILE B 280 10.65 11.19 -0.24
C ILE B 280 12.00 11.20 0.46
N ARG B 281 12.05 11.77 1.65
CA ARG B 281 13.30 11.97 2.38
C ARG B 281 13.92 10.63 2.79
N ALA B 282 15.22 10.65 3.06
CA ALA B 282 15.98 9.42 3.25
C ALA B 282 15.74 8.77 4.61
N LEU B 283 16.10 7.49 4.68
CA LEU B 283 16.08 6.74 5.93
C LEU B 283 16.80 7.49 7.03
N GLY B 284 16.16 7.60 8.19
CA GLY B 284 16.77 8.23 9.35
C GLY B 284 16.49 9.71 9.48
N SER B 285 15.87 10.30 8.47
CA SER B 285 15.54 11.73 8.50
C SER B 285 14.55 12.04 9.61
N PRO B 286 14.77 13.14 10.34
CA PRO B 286 13.81 13.54 11.37
C PRO B 286 12.44 13.87 10.78
N ILE B 287 11.40 13.61 11.58
CA ILE B 287 10.02 14.00 11.19
C ILE B 287 9.49 14.88 12.31
N ARG B 288 9.15 16.13 12.00
CA ARG B 288 8.65 17.11 13.01
C ARG B 288 9.66 17.33 14.15
N GLY B 289 10.98 17.38 13.91
CA GLY B 289 11.85 17.62 15.09
C GLY B 289 13.25 17.03 15.27
N GLY B 290 13.51 15.73 15.06
CA GLY B 290 12.35 14.88 14.84
C GLY B 290 11.67 14.25 16.04
N GLU B 291 10.35 14.37 16.08
CA GLU B 291 9.52 13.64 17.03
C GLU B 291 9.47 12.17 16.62
N ALA B 292 9.74 11.93 15.34
CA ALA B 292 9.87 10.58 14.82
C ALA B 292 11.01 10.54 13.81
N PHE B 293 11.31 9.37 13.31
CA PHE B 293 12.37 9.30 12.33
C PHE B 293 11.98 8.39 11.16
N HIS B 294 12.36 8.83 9.96
CA HIS B 294 11.96 8.16 8.74
C HIS B 294 12.50 6.73 8.67
N THR B 295 11.61 5.80 8.33
CA THR B 295 11.99 4.39 8.26
C THR B 295 12.42 3.97 6.85
N GLY B 296 12.58 4.96 5.96
CA GLY B 296 13.17 4.70 4.66
C GLY B 296 12.22 4.76 3.46
N CYS B 297 12.80 4.96 2.29
CA CYS B 297 12.03 4.99 1.03
C CYS B 297 11.49 3.62 0.65
N ILE B 298 12.29 2.58 0.87
CA ILE B 298 11.97 1.25 0.36
C ILE B 298 10.63 0.69 0.86
N PRO B 299 10.31 0.84 2.16
CA PRO B 299 8.97 0.37 2.55
C PRO B 299 7.83 1.11 1.84
N PHE B 300 8.06 2.37 1.44
CA PHE B 300 7.04 3.09 0.68
C PHE B 300 7.04 2.67 -0.80
N TYR B 301 8.21 2.34 -1.35
CA TYR B 301 8.29 1.79 -2.70
C TYR B 301 7.52 0.47 -2.79
N LYS B 302 7.67 -0.35 -1.75
CA LYS B 302 6.96 -1.62 -1.67
C LYS B 302 5.46 -1.41 -1.68
N HIS B 303 5.01 -0.33 -1.06
CA HIS B 303 3.59 -0.03 -1.02
C HIS B 303 3.10 0.43 -2.38
N PHE B 304 3.95 1.19 -3.08
CA PHE B 304 3.64 1.58 -4.44
C PHE B 304 3.56 0.35 -5.35
N GLN B 305 4.42 -0.63 -5.10
CA GLN B 305 4.44 -1.83 -5.92
C GLN B 305 3.17 -2.65 -5.76
N THR B 306 2.69 -2.80 -4.53
CA THR B 306 1.45 -3.55 -4.34
C THR B 306 0.25 -2.79 -4.87
N ALA B 307 0.37 -1.47 -4.98
CA ALA B 307 -0.66 -0.67 -5.64
C ALA B 307 -0.68 -0.99 -7.14
N VAL B 308 0.51 -1.02 -7.73
CA VAL B 308 0.67 -1.32 -9.15
C VAL B 308 0.12 -2.71 -9.49
N LYS B 309 0.34 -3.66 -8.58
CA LYS B 309 -0.02 -5.05 -8.81
C LYS B 309 -1.37 -5.42 -8.21
N SER B 310 -2.09 -4.44 -7.68
CA SER B 310 -3.33 -4.69 -6.93
C SER B 310 -4.44 -5.31 -7.79
N CYS B 311 -4.37 -5.06 -9.10
CA CYS B 311 -5.38 -5.57 -10.01
C CYS B 311 -4.78 -6.58 -10.98
N SER B 312 -3.80 -7.33 -10.50
CA SER B 312 -3.11 -8.32 -11.32
C SER B 312 -3.19 -9.70 -10.68
N GLN B 313 -3.51 -10.70 -11.49
CA GLN B 313 -3.64 -12.06 -10.98
C GLN B 313 -2.30 -12.80 -11.04
N GLY B 318 1.11 -8.16 -15.40
CA GLY B 318 0.00 -7.30 -15.01
C GLY B 318 0.36 -5.83 -15.02
N GLY B 319 0.19 -5.18 -13.86
CA GLY B 319 0.48 -3.76 -13.74
C GLY B 319 1.95 -3.45 -13.92
N ALA B 320 2.23 -2.32 -14.56
CA ALA B 320 3.61 -1.96 -14.88
C ALA B 320 3.90 -0.52 -14.48
N ALA B 321 5.05 -0.30 -13.85
CA ALA B 321 5.43 1.04 -13.42
C ALA B 321 6.93 1.26 -13.46
N THR B 322 7.31 2.50 -13.73
CA THR B 322 8.70 2.94 -13.62
C THR B 322 8.77 4.02 -12.56
N LEU B 323 9.69 3.86 -11.60
CA LEU B 323 9.82 4.82 -10.51
C LEU B 323 11.11 5.62 -10.66
N PHE B 324 11.02 6.93 -10.45
CA PHE B 324 12.12 7.85 -10.69
C PHE B 324 12.69 8.45 -9.41
N TYR B 325 14.01 8.65 -9.39
CA TYR B 325 14.68 9.29 -8.27
C TYR B 325 16.01 9.90 -8.72
N PRO B 326 16.50 10.91 -7.99
CA PRO B 326 17.78 11.53 -8.35
C PRO B 326 18.98 10.66 -7.97
N MET B 327 20.03 10.74 -8.78
CA MET B 327 21.25 9.97 -8.54
C MET B 327 21.93 10.33 -7.22
N TRP B 328 21.74 11.57 -6.77
CA TRP B 328 22.38 12.03 -5.55
C TRP B 328 21.55 11.80 -4.30
N HIS B 329 20.43 11.08 -4.43
CA HIS B 329 19.60 10.75 -3.26
C HIS B 329 20.42 9.95 -2.26
N LEU B 330 20.26 10.26 -0.98
CA LEU B 330 21.08 9.65 0.06
C LEU B 330 21.00 8.13 0.05
N GLU B 331 19.86 7.59 -0.37
CA GLU B 331 19.66 6.14 -0.38
C GLU B 331 19.99 5.47 -1.70
N VAL B 332 20.55 6.21 -2.66
CA VAL B 332 20.67 5.75 -4.04
C VAL B 332 21.33 4.37 -4.21
N GLU B 333 22.35 4.07 -3.41
CA GLU B 333 23.04 2.79 -3.55
C GLU B 333 22.15 1.62 -3.14
N SER B 334 21.19 1.89 -2.27
CA SER B 334 20.19 0.89 -1.89
C SER B 334 19.11 0.78 -2.96
N LEU B 335 18.77 1.92 -3.56
CA LEU B 335 17.72 1.98 -4.56
C LEU B 335 18.15 1.31 -5.86
N LEU B 336 19.44 1.39 -6.17
CA LEU B 336 19.97 0.86 -7.43
C LEU B 336 19.88 -0.66 -7.52
N VAL B 337 19.90 -1.34 -6.39
CA VAL B 337 19.93 -2.80 -6.39
C VAL B 337 18.56 -3.40 -6.06
N LEU B 338 17.52 -2.58 -6.15
CA LEU B 338 16.17 -3.02 -5.78
C LEU B 338 15.63 -4.17 -6.64
N LYS B 339 16.12 -4.30 -7.87
CA LYS B 339 15.68 -5.38 -8.76
C LYS B 339 16.62 -6.58 -8.74
N ASN B 340 17.77 -6.41 -8.08
CA ASN B 340 18.79 -7.44 -8.02
C ASN B 340 18.24 -8.78 -7.52
N ASN B 341 18.55 -9.85 -8.23
CA ASN B 341 18.01 -11.16 -7.93
C ASN B 341 18.43 -11.72 -6.57
N ARG B 342 19.65 -11.40 -6.15
CA ARG B 342 20.16 -11.89 -4.87
C ARG B 342 20.09 -10.82 -3.79
N GLY B 343 19.34 -11.12 -2.74
CA GLY B 343 19.21 -10.21 -1.61
C GLY B 343 18.05 -10.58 -0.71
N VAL B 344 17.88 -9.81 0.36
CA VAL B 344 16.77 -9.99 1.28
C VAL B 344 15.49 -9.44 0.67
N GLU B 345 14.35 -10.05 0.97
CA GLU B 345 13.07 -9.56 0.50
C GLU B 345 12.77 -8.18 1.06
N GLY B 346 13.37 -7.87 2.21
CA GLY B 346 13.17 -6.60 2.87
C GLY B 346 13.83 -5.42 2.16
N ASN B 347 14.89 -5.69 1.42
CA ASN B 347 15.57 -4.62 0.69
C ASN B 347 15.53 -4.84 -0.83
N ARG B 348 14.48 -5.49 -1.28
CA ARG B 348 14.25 -5.68 -2.71
C ARG B 348 12.83 -5.26 -3.09
N VAL B 349 12.70 -4.56 -4.21
CA VAL B 349 11.40 -4.22 -4.79
C VAL B 349 11.48 -4.48 -6.30
N ARG B 350 11.29 -5.74 -6.68
CA ARG B 350 11.74 -6.24 -7.98
C ARG B 350 10.76 -6.08 -9.13
N HIS B 351 9.49 -5.80 -8.83
CA HIS B 351 8.47 -5.80 -9.88
C HIS B 351 8.06 -4.40 -10.31
N MET B 352 8.97 -3.45 -10.11
CA MET B 352 8.87 -2.15 -10.74
C MET B 352 10.18 -1.87 -11.45
N ASP B 353 10.14 -1.01 -12.46
CA ASP B 353 11.36 -0.56 -13.12
C ASP B 353 11.75 0.79 -12.53
N TYR B 354 12.98 1.22 -12.77
CA TYR B 354 13.47 2.45 -12.15
C TYR B 354 14.20 3.36 -13.12
N GLY B 355 14.02 4.68 -12.93
CA GLY B 355 14.71 5.66 -13.73
C GLY B 355 15.61 6.52 -12.87
N VAL B 356 16.92 6.46 -13.13
CA VAL B 356 17.87 7.26 -12.40
C VAL B 356 18.04 8.62 -13.07
N GLN B 357 17.87 9.68 -12.28
CA GLN B 357 17.90 11.03 -12.84
C GLN B 357 19.28 11.66 -12.66
N ILE B 358 19.83 12.13 -13.77
CA ILE B 358 21.22 12.59 -13.84
C ILE B 358 21.31 13.95 -14.55
N ASN B 359 22.28 14.77 -14.16
CA ASN B 359 22.56 16.00 -14.90
C ASN B 359 24.05 16.15 -15.20
N LYS B 360 24.42 17.28 -15.81
CA LYS B 360 25.79 17.49 -16.26
C LYS B 360 26.80 17.42 -15.12
N LEU B 361 26.44 17.99 -13.97
CA LEU B 361 27.34 18.01 -12.82
C LEU B 361 27.74 16.60 -12.41
N MET B 362 26.78 15.69 -12.41
CA MET B 362 27.06 14.29 -12.07
C MET B 362 28.08 13.68 -13.04
N TYR B 363 27.83 13.82 -14.34
CA TYR B 363 28.74 13.29 -15.37
C TYR B 363 30.14 13.88 -15.25
N THR B 364 30.20 15.16 -14.87
CA THR B 364 31.47 15.86 -14.73
C THR B 364 32.30 15.26 -13.60
N ARG B 365 31.62 14.87 -12.51
CA ARG B 365 32.29 14.23 -11.40
C ARG B 365 32.88 12.89 -11.84
N LEU B 366 32.18 12.21 -12.74
CA LEU B 366 32.67 10.95 -13.29
C LEU B 366 33.91 11.17 -14.16
N LEU B 367 33.84 12.14 -15.06
CA LEU B 367 34.94 12.39 -15.98
C LEU B 367 36.21 12.82 -15.27
N LYS B 368 36.05 13.51 -14.15
CA LYS B 368 37.19 14.02 -13.41
C LYS B 368 37.67 13.03 -12.34
N GLY B 369 36.96 11.92 -12.20
CA GLY B 369 37.30 10.91 -11.22
C GLY B 369 37.13 11.43 -9.80
N GLU B 370 36.15 12.30 -9.61
CA GLU B 370 35.92 12.91 -8.31
C GLU B 370 34.74 12.24 -7.60
N ASP B 371 34.36 12.79 -6.45
CA ASP B 371 33.27 12.22 -5.66
C ASP B 371 31.91 12.80 -6.03
N ILE B 372 30.87 12.02 -5.75
CA ILE B 372 29.51 12.53 -5.79
C ILE B 372 28.99 12.53 -4.36
N THR B 373 28.41 13.65 -3.93
CA THR B 373 27.89 13.75 -2.57
C THR B 373 26.40 13.44 -2.54
N LEU B 374 26.00 12.60 -1.59
CA LEU B 374 24.61 12.19 -1.48
C LEU B 374 23.88 12.98 -0.39
N PHE B 375 22.67 13.43 -0.70
CA PHE B 375 21.85 14.19 0.24
C PHE B 375 20.43 13.64 0.31
N SER B 376 19.81 13.80 1.46
CA SER B 376 18.35 13.66 1.54
C SER B 376 17.77 14.98 1.04
N PRO B 377 16.77 14.90 0.14
CA PRO B 377 16.15 16.11 -0.43
C PRO B 377 15.61 17.05 0.63
N SER B 378 15.23 16.49 1.77
CA SER B 378 14.68 17.27 2.88
C SER B 378 15.74 18.15 3.56
N ASP B 379 17.01 17.83 3.34
CA ASP B 379 18.09 18.52 4.04
C ASP B 379 18.79 19.58 3.20
N VAL B 380 18.35 19.76 1.95
CA VAL B 380 19.04 20.64 1.03
C VAL B 380 18.09 21.60 0.31
N PRO B 381 17.73 22.70 0.98
CA PRO B 381 16.75 23.68 0.49
C PRO B 381 17.05 24.16 -0.94
N GLY B 382 16.09 24.00 -1.84
CA GLY B 382 16.23 24.48 -3.20
C GLY B 382 16.98 23.57 -4.15
N LEU B 383 17.65 22.54 -3.61
CA LEU B 383 18.49 21.69 -4.45
C LEU B 383 17.69 20.83 -5.41
N TYR B 384 16.62 20.22 -4.90
CA TYR B 384 15.78 19.36 -5.74
C TYR B 384 15.18 20.14 -6.90
N ASP B 385 14.65 21.33 -6.65
CA ASP B 385 14.05 22.13 -7.70
C ASP B 385 15.08 22.54 -8.75
N ALA B 386 16.26 22.95 -8.29
CA ALA B 386 17.32 23.43 -9.18
C ALA B 386 17.85 22.32 -10.07
N PHE B 387 17.84 21.10 -9.53
CA PHE B 387 18.29 19.90 -10.24
C PHE B 387 17.62 19.74 -11.60
N PHE B 388 16.34 20.12 -11.67
CA PHE B 388 15.58 20.00 -12.90
C PHE B 388 15.53 21.33 -13.65
N ALA B 389 15.46 22.44 -12.90
CA ALA B 389 15.08 23.72 -13.49
C ALA B 389 16.23 24.68 -13.77
N ASP B 390 17.30 24.62 -12.99
CA ASP B 390 18.35 25.64 -13.07
C ASP B 390 19.71 25.05 -12.73
N GLN B 391 20.48 24.70 -13.75
CA GLN B 391 21.74 23.99 -13.56
C GLN B 391 22.81 24.81 -12.84
N GLU B 392 22.97 26.07 -13.21
CA GLU B 392 23.98 26.90 -12.53
C GLU B 392 23.58 27.11 -11.07
N GLU B 393 22.28 27.18 -10.80
CA GLU B 393 21.81 27.27 -9.43
C GLU B 393 22.02 25.96 -8.70
N PHE B 394 21.85 24.85 -9.41
CA PHE B 394 22.10 23.54 -8.81
C PHE B 394 23.56 23.43 -8.38
N GLU B 395 24.46 23.79 -9.28
CA GLU B 395 25.89 23.74 -8.99
C GLU B 395 26.25 24.65 -7.82
N ARG B 396 25.60 25.82 -7.75
CA ARG B 396 25.87 26.74 -6.66
C ARG B 396 25.45 26.13 -5.31
N LEU B 397 24.21 25.63 -5.25
CA LEU B 397 23.69 25.05 -4.03
C LEU B 397 24.41 23.75 -3.65
N TYR B 398 24.70 22.93 -4.66
CA TYR B 398 25.34 21.63 -4.43
C TYR B 398 26.70 21.79 -3.79
N THR B 399 27.55 22.62 -4.37
CA THR B 399 28.89 22.86 -3.82
C THR B 399 28.82 23.53 -2.45
N LYS B 400 27.85 24.43 -2.30
CA LYS B 400 27.62 25.10 -1.03
C LYS B 400 27.27 24.09 0.06
N TYR B 401 26.34 23.21 -0.24
CA TYR B 401 25.89 22.21 0.73
C TYR B 401 26.97 21.16 1.00
N GLU B 402 27.81 20.90 0.00
CA GLU B 402 28.93 19.97 0.15
C GLU B 402 29.95 20.48 1.17
N LYS B 403 30.06 21.80 1.28
CA LYS B 403 31.02 22.42 2.19
C LYS B 403 30.41 22.68 3.56
N ASP B 404 29.10 22.52 3.66
CA ASP B 404 28.39 22.73 4.92
C ASP B 404 28.47 21.46 5.77
N ASP B 405 29.20 21.54 6.88
CA ASP B 405 29.43 20.39 7.74
C ASP B 405 28.20 20.04 8.58
N SER B 406 27.29 20.99 8.73
CA SER B 406 26.08 20.79 9.53
C SER B 406 25.04 19.97 8.79
N ILE B 407 25.28 19.70 7.50
CA ILE B 407 24.31 18.99 6.70
C ILE B 407 24.66 17.51 6.54
N ARG B 408 23.74 16.66 6.96
CA ARG B 408 23.87 15.21 6.78
C ARG B 408 24.17 14.89 5.33
N LYS B 409 25.24 14.13 5.09
CA LYS B 409 25.65 13.79 3.73
C LYS B 409 26.52 12.53 3.72
N GLN B 410 26.69 11.96 2.53
CA GLN B 410 27.63 10.87 2.33
C GLN B 410 28.34 11.05 1.00
N ARG B 411 29.63 10.72 0.97
CA ARG B 411 30.42 10.84 -0.25
C ARG B 411 30.81 9.49 -0.82
N VAL B 412 30.56 9.32 -2.11
CA VAL B 412 30.96 8.12 -2.84
C VAL B 412 31.71 8.50 -4.10
N LYS B 413 32.62 7.64 -4.53
CA LYS B 413 33.32 7.86 -5.79
C LYS B 413 32.33 7.78 -6.95
N ALA B 414 32.40 8.76 -7.85
CA ALA B 414 31.48 8.82 -8.98
C ALA B 414 31.60 7.58 -9.86
N VAL B 415 32.83 7.11 -10.06
CA VAL B 415 33.07 5.89 -10.82
C VAL B 415 32.33 4.71 -10.19
N GLU B 416 32.41 4.62 -8.87
CA GLU B 416 31.72 3.55 -8.14
C GLU B 416 30.21 3.63 -8.32
N LEU B 417 29.66 4.82 -8.17
CA LEU B 417 28.22 5.01 -8.24
C LEU B 417 27.67 4.75 -9.65
N PHE B 418 28.35 5.31 -10.65
CA PHE B 418 27.97 5.10 -12.04
C PHE B 418 28.09 3.62 -12.44
N SER B 419 29.17 2.97 -11.98
CA SER B 419 29.39 1.56 -12.28
C SER B 419 28.30 0.68 -11.69
N LEU B 420 27.92 0.96 -10.45
CA LEU B 420 26.84 0.20 -9.80
C LEU B 420 25.54 0.36 -10.56
N MET B 421 25.27 1.58 -11.03
CA MET B 421 24.07 1.85 -11.81
C MET B 421 24.07 1.05 -13.12
N MET B 422 25.15 1.14 -13.88
CA MET B 422 25.23 0.46 -15.17
C MET B 422 25.34 -1.06 -15.00
N GLN B 423 25.89 -1.49 -13.88
CA GLN B 423 25.93 -2.91 -13.56
C GLN B 423 24.52 -3.45 -13.40
N GLU B 424 23.68 -2.71 -12.67
CA GLU B 424 22.30 -3.12 -12.45
C GLU B 424 21.47 -2.94 -13.70
N ARG B 425 21.81 -1.92 -14.48
CA ARG B 425 21.16 -1.70 -15.77
C ARG B 425 21.43 -2.86 -16.72
N ALA B 426 22.66 -3.34 -16.75
CA ALA B 426 23.04 -4.41 -17.66
C ALA B 426 22.38 -5.74 -17.27
N SER B 427 22.37 -6.06 -15.98
CA SER B 427 21.88 -7.36 -15.55
C SER B 427 20.35 -7.46 -15.63
N THR B 428 19.67 -6.35 -15.46
CA THR B 428 18.20 -6.35 -15.48
C THR B 428 17.63 -5.79 -16.78
N GLY B 429 18.36 -4.88 -17.42
CA GLY B 429 17.86 -4.21 -18.60
C GLY B 429 16.83 -3.14 -18.25
N ARG B 430 16.53 -3.01 -16.96
CA ARG B 430 15.40 -2.18 -16.51
C ARG B 430 15.78 -1.09 -15.51
N ILE B 431 17.04 -0.69 -15.49
CA ILE B 431 17.43 0.52 -14.77
C ILE B 431 17.65 1.62 -15.79
N TYR B 432 16.76 2.59 -15.82
CA TYR B 432 16.74 3.59 -16.90
C TYR B 432 17.45 4.88 -16.55
N ILE B 433 17.73 5.68 -17.57
CA ILE B 433 18.41 6.96 -17.40
C ILE B 433 17.51 8.12 -17.81
N GLN B 434 17.42 9.15 -16.97
CA GLN B 434 16.80 10.39 -17.39
C GLN B 434 17.76 11.55 -17.20
N ASN B 435 18.15 12.18 -18.30
CA ASN B 435 18.97 13.38 -18.25
C ASN B 435 18.08 14.60 -18.03
N VAL B 436 17.86 14.94 -16.76
CA VAL B 436 16.85 15.91 -16.39
C VAL B 436 17.18 17.33 -16.85
N ASP B 437 18.46 17.63 -17.02
CA ASP B 437 18.84 18.94 -17.53
C ASP B 437 18.46 19.05 -19.02
N HIS B 438 18.73 18.00 -19.79
CA HIS B 438 18.32 17.98 -21.20
C HIS B 438 16.80 18.10 -21.33
N CYS B 439 16.07 17.50 -20.38
CA CYS B 439 14.62 17.52 -20.39
C CYS B 439 14.02 18.90 -20.12
N ASN B 440 14.86 19.85 -19.69
CA ASN B 440 14.35 21.17 -19.32
C ASN B 440 15.01 22.33 -20.04
N THR B 441 16.25 22.16 -20.50
CA THR B 441 16.91 23.19 -21.29
C THR B 441 16.43 23.13 -22.74
N HIS B 442 15.99 21.94 -23.14
CA HIS B 442 15.45 21.71 -24.49
C HIS B 442 14.04 21.15 -24.32
N SER B 443 13.08 22.05 -24.12
CA SER B 443 11.74 21.64 -23.70
C SER B 443 10.66 22.60 -24.15
N PRO B 444 9.44 22.08 -24.36
CA PRO B 444 8.29 22.94 -24.65
C PRO B 444 7.88 23.77 -23.44
N PHE B 445 8.37 23.42 -22.26
CA PHE B 445 7.92 24.06 -21.03
C PHE B 445 8.97 24.93 -20.35
N ASP B 446 8.51 26.06 -19.80
CA ASP B 446 9.36 26.91 -18.98
C ASP B 446 9.58 26.23 -17.63
N PRO B 447 10.84 25.83 -17.37
CA PRO B 447 11.17 25.02 -16.19
C PRO B 447 10.96 25.75 -14.87
N ALA B 448 10.85 27.08 -14.92
CA ALA B 448 10.62 27.87 -13.72
C ALA B 448 9.17 27.74 -13.26
N ILE B 449 8.28 27.42 -14.19
CA ILE B 449 6.85 27.34 -13.89
C ILE B 449 6.33 25.92 -14.02
N ALA B 450 6.78 25.21 -15.06
CA ALA B 450 6.33 23.85 -15.29
C ALA B 450 7.49 22.93 -15.68
N PRO B 451 8.34 22.58 -14.70
CA PRO B 451 9.49 21.73 -14.99
C PRO B 451 9.10 20.29 -15.32
N VAL B 452 9.91 19.62 -16.13
CA VAL B 452 9.73 18.19 -16.36
C VAL B 452 10.61 17.43 -15.40
N ARG B 453 10.00 16.67 -14.48
CA ARG B 453 10.78 16.06 -13.40
C ARG B 453 10.64 14.55 -13.31
N GLN B 454 10.13 13.93 -14.37
CA GLN B 454 10.01 12.48 -14.45
C GLN B 454 9.67 12.06 -15.87
N SER B 455 9.39 10.78 -16.06
CA SER B 455 8.88 10.31 -17.33
C SER B 455 7.80 9.26 -17.08
N ASN B 456 7.42 8.53 -18.12
CA ASN B 456 6.41 7.50 -18.00
C ASN B 456 7.04 6.12 -17.92
N LEU B 457 6.22 5.09 -18.04
CA LEU B 457 6.69 3.71 -18.00
C LEU B 457 7.81 3.45 -19.00
N CYS B 458 7.62 3.92 -20.23
CA CYS B 458 8.50 3.58 -21.35
C CYS B 458 9.45 4.71 -21.74
N LEU B 459 9.49 5.76 -20.92
CA LEU B 459 10.54 6.79 -20.99
C LEU B 459 10.51 7.70 -22.21
N GLU B 460 9.34 7.83 -22.85
CA GLU B 460 9.23 8.75 -23.98
C GLU B 460 8.38 9.98 -23.64
N ILE B 461 7.65 9.91 -22.53
CA ILE B 461 6.80 11.02 -22.12
C ILE B 461 7.54 11.98 -21.18
N ALA B 462 7.40 13.27 -21.44
CA ALA B 462 8.06 14.30 -20.63
C ALA B 462 7.11 15.46 -20.39
N LEU B 463 6.42 15.44 -19.25
CA LEU B 463 5.34 16.39 -18.96
C LEU B 463 5.38 16.88 -17.52
N PRO B 464 4.89 18.10 -17.28
CA PRO B 464 4.82 18.65 -15.93
C PRO B 464 3.85 17.89 -15.03
N THR B 465 4.12 17.89 -13.74
CA THR B 465 3.29 17.23 -12.75
C THR B 465 3.26 18.05 -11.46
N LYS B 466 2.27 17.80 -10.61
CA LYS B 466 2.22 18.36 -9.26
C LYS B 466 1.69 17.31 -8.30
N PRO B 467 2.34 17.16 -7.13
CA PRO B 467 1.91 16.17 -6.13
C PRO B 467 0.49 16.39 -5.64
N LEU B 468 -0.21 15.31 -5.34
CA LEU B 468 -1.53 15.38 -4.74
C LEU B 468 -1.43 15.22 -3.23
N ASN B 469 -2.29 15.91 -2.48
CA ASN B 469 -2.35 15.74 -1.03
C ASN B 469 -3.54 14.88 -0.66
N ASP B 470 -4.32 14.55 -1.68
CA ASP B 470 -5.52 13.73 -1.55
C ASP B 470 -5.86 13.24 -2.96
N VAL B 471 -6.53 12.11 -3.07
CA VAL B 471 -6.78 11.53 -4.39
C VAL B 471 -7.69 12.46 -5.22
N ASN B 472 -8.47 13.29 -4.55
CA ASN B 472 -9.34 14.26 -5.21
C ASN B 472 -8.80 15.69 -5.11
N ASP B 473 -7.52 15.84 -4.85
CA ASP B 473 -6.89 17.15 -4.72
C ASP B 473 -6.95 17.91 -6.05
N GLU B 474 -7.60 19.06 -6.02
CA GLU B 474 -7.77 19.90 -7.21
C GLU B 474 -6.53 20.74 -7.49
N ASN B 475 -5.52 20.66 -6.62
CA ASN B 475 -4.30 21.43 -6.83
C ASN B 475 -3.19 20.57 -7.40
N GLY B 476 -3.39 19.26 -7.39
CA GLY B 476 -2.43 18.35 -7.95
C GLY B 476 -2.46 18.36 -9.47
N GLU B 477 -1.44 17.77 -10.08
CA GLU B 477 -1.44 17.60 -11.53
C GLU B 477 -0.87 16.24 -11.91
N ILE B 478 -1.73 15.43 -12.51
CA ILE B 478 -1.32 14.14 -13.03
C ILE B 478 -1.22 14.26 -14.55
N ALA B 479 -0.06 13.94 -15.09
CA ALA B 479 0.16 14.08 -16.53
C ALA B 479 -0.40 12.88 -17.28
N LEU B 480 -1.14 13.18 -18.34
CA LEU B 480 -1.65 12.19 -19.26
C LEU B 480 -1.18 12.55 -20.65
N CYS B 481 -1.12 11.57 -21.54
CA CYS B 481 -0.81 11.87 -22.92
C CYS B 481 -1.55 10.95 -23.86
N THR B 482 -2.21 11.55 -24.86
CA THR B 482 -2.87 10.80 -25.91
C THR B 482 -1.87 10.54 -27.02
N LEU B 483 -1.81 9.30 -27.47
CA LEU B 483 -0.78 8.89 -28.41
C LEU B 483 -1.32 8.58 -29.80
N SER B 484 -0.41 8.62 -30.77
CA SER B 484 -0.64 8.11 -32.12
C SER B 484 0.70 8.11 -32.84
N ALA B 485 0.72 7.71 -34.10
CA ALA B 485 1.97 7.65 -34.85
C ALA B 485 1.76 7.80 -36.34
N PHE B 486 2.74 8.42 -36.99
CA PHE B 486 2.78 8.42 -38.45
C PHE B 486 3.52 7.18 -38.93
N ASN B 487 2.95 6.50 -39.92
CA ASN B 487 3.63 5.36 -40.53
C ASN B 487 4.53 5.84 -41.66
N LEU B 488 5.82 5.93 -41.38
CA LEU B 488 6.78 6.47 -42.33
C LEU B 488 6.92 5.58 -43.58
N GLY B 489 6.41 4.36 -43.49
CA GLY B 489 6.44 3.45 -44.62
C GLY B 489 5.33 3.72 -45.63
N ALA B 490 4.23 4.29 -45.15
CA ALA B 490 3.04 4.45 -45.99
C ALA B 490 2.96 5.81 -46.69
N ILE B 491 3.80 6.75 -46.28
CA ILE B 491 3.76 8.09 -46.90
C ILE B 491 4.67 8.14 -48.13
N ASN B 492 4.24 8.88 -49.14
CA ASN B 492 4.99 8.98 -50.39
C ASN B 492 6.05 10.07 -50.33
N ASN B 493 5.71 11.18 -49.69
CA ASN B 493 6.67 12.27 -49.47
C ASN B 493 6.36 12.99 -48.16
N LEU B 494 7.30 13.81 -47.71
CA LEU B 494 7.21 14.43 -46.39
C LEU B 494 6.14 15.52 -46.31
N ASP B 495 5.82 16.14 -47.43
CA ASP B 495 4.83 17.22 -47.44
C ASP B 495 3.41 16.67 -47.30
N GLU B 496 3.29 15.36 -47.40
CA GLU B 496 2.02 14.68 -47.13
C GLU B 496 1.68 14.80 -45.65
N LEU B 497 2.69 15.02 -44.82
CA LEU B 497 2.50 15.14 -43.39
C LEU B 497 1.73 16.41 -42.99
N GLU B 498 1.60 17.36 -43.92
CA GLU B 498 0.88 18.59 -43.60
C GLU B 498 -0.56 18.29 -43.21
N GLU B 499 -1.28 17.58 -44.09
CA GLU B 499 -2.67 17.24 -43.84
C GLU B 499 -2.79 16.12 -42.80
N LEU B 500 -1.85 15.18 -42.82
CA LEU B 500 -1.84 14.10 -41.84
C LEU B 500 -1.72 14.63 -40.41
N ALA B 501 -0.89 15.66 -40.22
CA ALA B 501 -0.75 16.28 -38.91
C ALA B 501 -2.06 16.96 -38.50
N ILE B 502 -2.68 17.64 -39.46
CA ILE B 502 -3.98 18.28 -39.21
C ILE B 502 -4.99 17.25 -38.73
N LEU B 503 -5.06 16.12 -39.42
CA LEU B 503 -5.98 15.05 -39.06
C LEU B 503 -5.67 14.44 -37.71
N ALA B 504 -4.40 14.08 -37.50
CA ALA B 504 -3.97 13.42 -36.28
C ALA B 504 -4.16 14.31 -35.05
N VAL B 505 -3.77 15.57 -35.16
CA VAL B 505 -3.84 16.49 -34.03
C VAL B 505 -5.29 16.80 -33.66
N ARG B 506 -6.13 17.00 -34.67
CA ARG B 506 -7.54 17.33 -34.42
C ARG B 506 -8.31 16.13 -33.85
N ALA B 507 -7.99 14.93 -34.31
CA ALA B 507 -8.66 13.73 -33.83
C ALA B 507 -8.35 13.47 -32.36
N LEU B 508 -7.08 13.57 -31.99
CA LEU B 508 -6.67 13.34 -30.61
C LEU B 508 -7.14 14.47 -29.69
N ASP B 509 -7.12 15.71 -30.19
CA ASP B 509 -7.54 16.83 -29.39
C ASP B 509 -9.02 16.71 -29.02
N ALA B 510 -9.81 16.18 -29.96
CA ALA B 510 -11.23 15.95 -29.70
C ALA B 510 -11.43 14.81 -28.70
N LEU B 511 -10.51 13.85 -28.68
CA LEU B 511 -10.59 12.75 -27.74
C LEU B 511 -10.43 13.24 -26.31
N LEU B 512 -9.58 14.25 -26.13
CA LEU B 512 -9.36 14.87 -24.82
C LEU B 512 -10.65 15.35 -24.17
N ASP B 513 -11.55 15.89 -24.99
CA ASP B 513 -12.85 16.36 -24.49
C ASP B 513 -13.85 15.22 -24.41
N TYR B 514 -13.55 14.15 -25.15
CA TYR B 514 -14.46 13.01 -25.25
C TYR B 514 -14.28 12.02 -24.09
N GLN B 515 -13.02 11.72 -23.76
CA GLN B 515 -12.71 10.73 -22.73
C GLN B 515 -13.06 11.22 -21.33
N ASP B 516 -13.17 10.28 -20.40
CA ASP B 516 -13.43 10.62 -19.00
C ASP B 516 -12.14 10.59 -18.18
N TYR B 517 -12.20 11.23 -17.02
CA TYR B 517 -11.05 11.32 -16.14
C TYR B 517 -11.45 10.86 -14.73
N PRO B 518 -10.88 9.73 -14.29
CA PRO B 518 -11.23 9.16 -12.98
C PRO B 518 -10.69 9.99 -11.81
N ILE B 519 -9.72 10.86 -12.09
CA ILE B 519 -9.08 11.66 -11.05
C ILE B 519 -9.00 13.13 -11.47
N PRO B 520 -9.53 14.05 -10.64
CA PRO B 520 -9.56 15.48 -10.95
C PRO B 520 -8.20 16.06 -11.36
N ALA B 521 -7.12 15.63 -10.71
CA ALA B 521 -5.79 16.13 -11.04
C ALA B 521 -5.37 15.74 -12.45
N ALA B 522 -5.91 14.63 -12.95
CA ALA B 522 -5.60 14.18 -14.29
C ALA B 522 -6.34 15.02 -15.33
N LYS B 523 -7.60 15.33 -15.04
CA LYS B 523 -8.38 16.18 -15.94
C LYS B 523 -7.77 17.57 -16.06
N ARG B 524 -7.25 18.09 -14.95
CA ARG B 524 -6.63 19.42 -14.94
C ARG B 524 -5.46 19.52 -15.90
N GLY B 525 -4.57 18.53 -15.84
CA GLY B 525 -3.41 18.50 -16.72
C GLY B 525 -3.85 18.38 -18.17
N ALA B 526 -4.86 17.56 -18.42
CA ALA B 526 -5.32 17.31 -19.78
C ALA B 526 -6.02 18.53 -20.37
N MET B 527 -6.91 19.15 -19.60
CA MET B 527 -7.62 20.33 -20.09
C MET B 527 -6.70 21.55 -20.10
N GLY B 528 -5.80 21.62 -19.13
CA GLY B 528 -4.90 22.75 -19.02
C GLY B 528 -3.86 22.82 -20.14
N ARG B 529 -3.23 21.69 -20.45
CA ARG B 529 -2.12 21.69 -21.38
C ARG B 529 -2.44 21.00 -22.71
N ARG B 530 -3.46 20.15 -22.72
CA ARG B 530 -3.88 19.40 -23.91
C ARG B 530 -2.70 18.75 -24.61
N THR B 531 -1.88 18.05 -23.84
CA THR B 531 -0.65 17.47 -24.36
C THR B 531 -0.90 16.22 -25.20
N LEU B 532 -0.27 16.19 -26.37
CA LEU B 532 -0.36 15.04 -27.26
C LEU B 532 1.01 14.42 -27.44
N GLY B 533 1.03 13.16 -27.86
CA GLY B 533 2.28 12.47 -28.08
C GLY B 533 2.21 11.64 -29.36
N ILE B 534 2.52 12.28 -30.48
CA ILE B 534 2.49 11.61 -31.78
C ILE B 534 3.90 11.22 -32.19
N GLY B 535 4.09 9.96 -32.56
CA GLY B 535 5.40 9.44 -32.90
C GLY B 535 5.48 8.85 -34.29
N VAL B 536 6.34 7.85 -34.46
CA VAL B 536 6.49 7.19 -35.75
C VAL B 536 6.59 5.68 -35.62
N ILE B 537 6.23 4.99 -36.70
CA ILE B 537 6.52 3.57 -36.85
C ILE B 537 7.13 3.36 -38.23
N ASN B 538 7.68 2.17 -38.46
CA ASN B 538 8.26 1.79 -39.74
C ASN B 538 9.52 2.57 -40.10
N PHE B 539 10.22 3.08 -39.09
CA PHE B 539 11.42 3.87 -39.34
C PHE B 539 12.52 3.03 -40.02
N ALA B 540 12.67 1.78 -39.59
CA ALA B 540 13.66 0.88 -40.17
C ALA B 540 13.36 0.64 -41.65
N TYR B 541 12.11 0.36 -41.96
CA TYR B 541 11.66 0.17 -43.34
C TYR B 541 11.85 1.44 -44.14
N TYR B 542 11.60 2.59 -43.50
CA TYR B 542 11.79 3.89 -44.12
C TYR B 542 13.25 4.09 -44.54
N LEU B 543 14.17 3.77 -43.64
CA LEU B 543 15.60 3.89 -43.94
C LEU B 543 16.03 2.93 -45.04
N ALA B 544 15.51 1.70 -45.01
CA ALA B 544 15.88 0.69 -46.00
C ALA B 544 15.47 1.08 -47.41
N LYS B 545 14.26 1.61 -47.55
CA LYS B 545 13.76 1.96 -48.88
C LYS B 545 14.45 3.21 -49.40
N HIS B 546 15.11 3.94 -48.52
CA HIS B 546 15.93 5.09 -48.93
C HIS B 546 17.40 4.74 -49.01
N GLY B 547 17.71 3.46 -48.80
CA GLY B 547 19.07 2.97 -48.93
C GLY B 547 20.02 3.48 -47.86
N LYS B 548 19.46 3.78 -46.69
CA LYS B 548 20.27 4.26 -45.57
C LYS B 548 20.35 3.19 -44.49
N ARG B 549 21.30 3.36 -43.57
CA ARG B 549 21.45 2.42 -42.45
C ARG B 549 21.58 3.14 -41.12
N TYR B 550 21.42 2.39 -40.04
CA TYR B 550 21.46 2.93 -38.69
C TYR B 550 22.86 3.29 -38.21
N SER B 551 23.82 2.42 -38.50
CA SER B 551 25.07 2.40 -37.75
C SER B 551 26.23 3.19 -38.35
N ASP B 552 26.12 3.55 -39.62
CA ASP B 552 27.26 4.14 -40.32
C ASP B 552 27.15 5.66 -40.51
N GLY B 553 26.04 6.23 -40.08
CA GLY B 553 25.84 7.68 -40.17
C GLY B 553 25.19 8.12 -41.47
N SER B 554 24.90 7.17 -42.35
CA SER B 554 24.32 7.46 -43.65
C SER B 554 22.89 8.03 -43.55
N ALA B 555 22.24 7.81 -42.42
CA ALA B 555 20.86 8.23 -42.25
C ALA B 555 20.72 9.53 -41.48
N ASN B 556 21.85 10.12 -41.09
CA ASN B 556 21.83 11.31 -40.24
C ASN B 556 21.10 12.49 -40.89
N ASN B 557 21.44 12.81 -42.14
CA ASN B 557 20.79 13.92 -42.84
C ASN B 557 19.32 13.64 -43.14
N LEU B 558 19.03 12.42 -43.58
CA LEU B 558 17.65 12.04 -43.88
C LEU B 558 16.78 12.10 -42.63
N THR B 559 17.33 11.68 -41.50
CA THR B 559 16.58 11.70 -40.24
C THR B 559 16.30 13.14 -39.80
N HIS B 560 17.30 14.01 -39.95
CA HIS B 560 17.13 15.43 -39.64
C HIS B 560 16.01 16.03 -40.47
N LYS B 561 16.06 15.75 -41.77
CA LYS B 561 15.06 16.23 -42.73
C LYS B 561 13.66 15.71 -42.39
N THR B 562 13.60 14.42 -42.06
CA THR B 562 12.33 13.75 -41.81
C THR B 562 11.65 14.27 -40.54
N PHE B 563 12.40 14.42 -39.47
CA PHE B 563 11.81 14.84 -38.22
C PHE B 563 11.67 16.36 -38.11
N GLU B 564 12.34 17.10 -38.99
CA GLU B 564 12.03 18.51 -39.13
C GLU B 564 10.61 18.65 -39.67
N ALA B 565 10.32 17.89 -40.72
CA ALA B 565 9.01 17.95 -41.37
C ALA B 565 7.90 17.56 -40.42
N ILE B 566 8.15 16.51 -39.64
CA ILE B 566 7.17 16.01 -38.68
C ILE B 566 6.80 17.06 -37.64
N GLN B 567 7.79 17.66 -37.00
CA GLN B 567 7.52 18.64 -35.96
C GLN B 567 6.92 19.92 -36.54
N TYR B 568 7.44 20.36 -37.68
CA TYR B 568 6.94 21.58 -38.31
C TYR B 568 5.45 21.47 -38.60
N TYR B 569 5.05 20.36 -39.21
CA TYR B 569 3.65 20.19 -39.60
C TYR B 569 2.75 19.90 -38.41
N LEU B 570 3.29 19.25 -37.38
CA LEU B 570 2.53 19.04 -36.14
C LEU B 570 2.26 20.38 -35.47
N LEU B 571 3.30 21.21 -35.35
CA LEU B 571 3.16 22.53 -34.76
C LEU B 571 2.22 23.41 -35.58
N LYS B 572 2.39 23.37 -36.90
CA LYS B 572 1.54 24.16 -37.79
C LYS B 572 0.07 23.76 -37.63
N ALA B 573 -0.18 22.46 -37.51
CA ALA B 573 -1.53 21.94 -37.34
C ALA B 573 -2.15 22.40 -36.02
N SER B 574 -1.37 22.31 -34.94
CA SER B 574 -1.85 22.71 -33.63
C SER B 574 -2.00 24.22 -33.55
N ASN B 575 -1.15 24.94 -34.27
CA ASN B 575 -1.24 26.39 -34.33
C ASN B 575 -2.51 26.84 -35.04
N GLU B 576 -2.85 26.18 -36.14
CA GLU B 576 -4.07 26.47 -36.87
C GLU B 576 -5.31 26.08 -36.06
N LEU B 577 -5.19 25.01 -35.27
CA LEU B 577 -6.29 24.57 -34.43
C LEU B 577 -6.54 25.60 -33.32
N ALA B 578 -5.47 26.21 -32.83
CA ALA B 578 -5.57 27.27 -31.83
C ALA B 578 -6.28 28.50 -32.38
N LYS B 579 -6.00 28.84 -33.63
CA LYS B 579 -6.69 29.96 -34.29
C LYS B 579 -8.20 29.71 -34.33
N GLU B 580 -8.58 28.47 -34.60
CA GLU B 580 -9.97 28.11 -34.81
C GLU B 580 -10.75 27.92 -33.51
N GLN B 581 -10.12 27.30 -32.51
CA GLN B 581 -10.83 26.88 -31.30
C GLN B 581 -10.23 27.45 -30.01
N GLY B 582 -9.12 28.16 -30.12
CA GLY B 582 -8.48 28.72 -28.95
C GLY B 582 -7.30 27.90 -28.49
N ALA B 583 -6.24 28.57 -28.05
CA ALA B 583 -5.06 27.88 -27.52
C ALA B 583 -5.40 27.19 -26.20
N CYS B 584 -4.58 26.21 -25.81
CA CYS B 584 -4.79 25.54 -24.53
C CYS B 584 -4.69 26.57 -23.41
N PRO B 585 -5.52 26.41 -22.36
CA PRO B 585 -5.60 27.38 -21.25
C PRO B 585 -4.25 27.75 -20.65
N TRP B 586 -3.34 26.78 -20.52
CA TRP B 586 -2.06 27.03 -19.88
C TRP B 586 -0.92 27.19 -20.89
N PHE B 587 -1.26 27.67 -22.09
CA PHE B 587 -0.25 27.86 -23.13
C PHE B 587 0.86 28.81 -22.69
N ASN B 588 0.51 29.77 -21.83
CA ASN B 588 1.46 30.75 -21.32
C ASN B 588 2.61 30.14 -20.55
N GLU B 589 2.47 28.87 -20.16
CA GLU B 589 3.51 28.20 -19.39
C GLU B 589 4.52 27.49 -20.28
N THR B 590 4.37 27.65 -21.59
CA THR B 590 5.26 27.01 -22.55
C THR B 590 6.35 27.95 -23.04
N THR B 591 7.45 27.39 -23.53
CA THR B 591 8.50 28.18 -24.17
C THR B 591 8.01 28.71 -25.51
N TYR B 592 7.10 27.97 -26.13
CA TYR B 592 6.47 28.37 -27.38
C TYR B 592 5.81 29.74 -27.27
N ALA B 593 5.20 30.01 -26.11
CA ALA B 593 4.52 31.27 -25.87
C ALA B 593 5.50 32.44 -25.86
N LYS B 594 6.77 32.15 -25.60
CA LYS B 594 7.79 33.19 -25.56
C LYS B 594 8.48 33.34 -26.92
N GLY B 595 8.02 32.58 -27.90
CA GLY B 595 8.64 32.60 -29.21
C GLY B 595 9.91 31.76 -29.24
N ILE B 596 9.97 30.77 -28.37
CA ILE B 596 11.10 29.84 -28.34
C ILE B 596 10.69 28.54 -29.01
N LEU B 597 11.55 28.04 -29.90
CA LEU B 597 11.28 26.83 -30.67
C LEU B 597 12.34 25.77 -30.42
N PRO B 598 12.03 24.49 -30.73
CA PRO B 598 13.02 23.42 -30.54
C PRO B 598 14.31 23.65 -31.32
N ILE B 599 14.24 24.41 -32.41
CA ILE B 599 15.42 24.69 -33.22
C ILE B 599 16.34 25.73 -32.55
N ASP B 600 15.87 26.32 -31.46
CA ASP B 600 16.66 27.31 -30.72
C ASP B 600 17.45 26.67 -29.57
N THR B 601 16.96 25.54 -29.08
CA THR B 601 17.42 25.02 -27.79
C THR B 601 18.02 23.62 -27.84
N TYR B 602 18.21 23.08 -29.04
CA TYR B 602 18.73 21.72 -29.17
C TYR B 602 20.21 21.64 -28.75
N LYS B 603 20.66 20.44 -28.43
CA LYS B 603 22.06 20.20 -28.09
C LYS B 603 22.95 20.52 -29.29
N LYS B 604 23.81 21.52 -29.15
CA LYS B 604 24.56 22.05 -30.29
C LYS B 604 25.55 21.05 -30.91
N ASP B 605 25.89 20.00 -30.17
CA ASP B 605 26.80 18.98 -30.69
C ASP B 605 26.21 18.25 -31.89
N LEU B 606 24.91 18.41 -32.10
CA LEU B 606 24.22 17.81 -33.25
C LEU B 606 24.73 18.38 -34.56
N ASP B 607 25.20 19.63 -34.53
CA ASP B 607 25.71 20.30 -35.71
C ASP B 607 26.91 19.57 -36.30
N THR B 608 27.58 18.75 -35.50
CA THR B 608 28.81 18.09 -35.93
C THR B 608 28.56 16.72 -36.56
N ILE B 609 27.32 16.23 -36.48
CA ILE B 609 26.99 14.92 -37.05
C ILE B 609 25.94 14.99 -38.14
N ALA B 610 25.54 16.21 -38.51
CA ALA B 610 24.58 16.42 -39.58
C ALA B 610 24.63 17.86 -40.09
N ASN B 611 24.60 18.02 -41.40
CA ASN B 611 24.60 19.36 -41.99
C ASN B 611 23.36 19.61 -42.84
N GLU B 612 22.32 18.81 -42.62
CA GLU B 612 21.04 19.01 -43.29
C GLU B 612 20.42 20.32 -42.81
N PRO B 613 20.20 21.26 -43.74
CA PRO B 613 19.61 22.55 -43.39
C PRO B 613 18.11 22.46 -43.15
N LEU B 614 17.55 23.43 -42.44
CA LEU B 614 16.10 23.52 -42.28
C LEU B 614 15.46 23.84 -43.62
N HIS B 615 14.34 23.18 -43.91
CA HIS B 615 13.67 23.36 -45.20
C HIS B 615 12.35 24.11 -45.08
N TYR B 616 11.85 24.26 -43.85
CA TYR B 616 10.56 24.90 -43.65
C TYR B 616 10.69 26.26 -42.97
N ASP B 617 9.64 27.06 -43.09
CA ASP B 617 9.65 28.44 -42.63
C ASP B 617 9.34 28.55 -41.14
N TRP B 618 10.33 28.24 -40.31
CA TRP B 618 10.17 28.25 -38.87
C TRP B 618 9.96 29.65 -38.29
N GLU B 619 10.54 30.65 -38.94
CA GLU B 619 10.42 32.02 -38.46
C GLU B 619 9.00 32.54 -38.62
N ALA B 620 8.33 32.13 -39.69
CA ALA B 620 6.93 32.49 -39.87
C ALA B 620 6.06 31.75 -38.85
N LEU B 621 6.40 30.49 -38.62
CA LEU B 621 5.70 29.68 -37.64
C LEU B 621 5.89 30.26 -36.23
N ARG B 622 7.10 30.72 -35.95
CA ARG B 622 7.43 31.33 -34.67
C ARG B 622 6.50 32.50 -34.35
N GLU B 623 6.33 33.39 -35.32
CA GLU B 623 5.47 34.55 -35.15
C GLU B 623 4.02 34.12 -34.93
N SER B 624 3.56 33.15 -35.71
CA SER B 624 2.17 32.71 -35.66
C SER B 624 1.84 32.01 -34.34
N ILE B 625 2.79 31.25 -33.83
CA ILE B 625 2.62 30.58 -32.54
C ILE B 625 2.60 31.61 -31.42
N LYS B 626 3.51 32.58 -31.47
CA LYS B 626 3.59 33.61 -30.45
C LYS B 626 2.32 34.46 -30.43
N THR B 627 1.69 34.60 -31.59
CA THR B 627 0.48 35.42 -31.73
C THR B 627 -0.80 34.62 -31.47
N HIS B 628 -0.91 33.44 -32.06
CA HIS B 628 -2.15 32.66 -32.00
C HIS B 628 -2.10 31.52 -31.00
N GLY B 629 -0.91 31.14 -30.56
CA GLY B 629 -0.77 30.06 -29.60
C GLY B 629 -0.81 28.67 -30.21
N LEU B 630 -0.76 27.67 -29.35
CA LEU B 630 -0.92 26.28 -29.76
C LEU B 630 -2.10 25.67 -29.03
N ARG B 631 -2.87 24.83 -29.72
CA ARG B 631 -3.96 24.10 -29.09
C ARG B 631 -3.40 23.11 -28.08
N ASN B 632 -2.16 22.67 -28.33
CA ASN B 632 -1.53 21.61 -27.54
C ASN B 632 -0.12 22.00 -27.09
N SER B 633 0.18 21.77 -25.81
CA SER B 633 1.48 22.15 -25.26
C SER B 633 2.61 21.26 -25.78
N THR B 634 2.29 20.00 -26.04
CA THR B 634 3.23 19.08 -26.70
C THR B 634 2.54 18.37 -27.85
N LEU B 635 3.31 18.04 -28.88
CA LEU B 635 2.76 17.35 -30.04
C LEU B 635 3.44 16.00 -30.29
N SER B 636 4.75 15.93 -30.04
CA SER B 636 5.52 14.77 -30.46
C SER B 636 6.20 14.01 -29.31
N ALA B 637 6.21 12.68 -29.46
CA ALA B 637 6.90 11.77 -28.55
C ALA B 637 7.10 10.45 -29.28
N LEU B 638 8.27 9.86 -29.16
CA LEU B 638 8.55 8.63 -29.89
C LEU B 638 8.41 7.40 -29.00
N MET B 639 7.22 6.81 -29.02
CA MET B 639 6.89 5.67 -28.19
C MET B 639 7.32 4.37 -28.86
N PRO B 640 7.42 3.28 -28.07
CA PRO B 640 7.56 1.97 -28.71
C PRO B 640 6.21 1.58 -29.30
N SER B 641 6.20 0.79 -30.36
CA SER B 641 4.95 0.36 -30.96
C SER B 641 5.05 -1.07 -31.42
N GLU B 642 4.90 -2.00 -30.48
CA GLU B 642 5.09 -3.42 -30.78
C GLU B 642 3.76 -4.11 -31.04
N THR B 643 2.67 -3.42 -30.72
CA THR B 643 1.33 -3.99 -30.88
C THR B 643 0.54 -3.30 -31.99
N SER B 644 0.44 -1.99 -31.90
CA SER B 644 -0.37 -1.23 -32.85
C SER B 644 0.26 -1.19 -34.23
N SER B 645 1.58 -1.26 -34.30
CA SER B 645 2.28 -1.23 -35.57
C SER B 645 2.12 -2.54 -36.35
N GLN B 646 1.62 -3.58 -35.68
CA GLN B 646 1.37 -4.85 -36.35
C GLN B 646 0.23 -4.71 -37.36
N ILE B 647 -0.68 -3.78 -37.09
CA ILE B 647 -1.82 -3.56 -37.98
C ILE B 647 -1.38 -3.16 -39.38
N SER B 648 -0.34 -2.35 -39.47
CA SER B 648 0.19 -1.92 -40.77
C SER B 648 1.41 -2.73 -41.18
N ASN B 649 1.67 -3.81 -40.46
CA ASN B 649 2.85 -4.66 -40.69
C ASN B 649 4.14 -3.84 -40.63
N ALA B 650 4.16 -2.82 -39.78
CA ALA B 650 5.30 -1.91 -39.70
C ALA B 650 6.41 -2.46 -38.83
N THR B 651 7.64 -2.01 -39.06
CA THR B 651 8.69 -2.26 -38.11
C THR B 651 8.40 -1.40 -36.87
N ASN B 652 8.77 -1.90 -35.70
CA ASN B 652 8.39 -1.29 -34.43
C ASN B 652 9.06 0.06 -34.16
N GLY B 653 8.27 1.12 -34.14
CA GLY B 653 8.76 2.44 -33.80
C GLY B 653 9.99 2.85 -34.58
N ILE B 654 11.04 3.23 -33.86
CA ILE B 654 12.30 3.61 -34.49
C ILE B 654 13.34 2.48 -34.42
N GLU B 655 12.95 1.35 -33.86
CA GLU B 655 13.88 0.24 -33.62
C GLU B 655 14.18 -0.57 -34.87
N PRO B 656 15.43 -1.05 -34.99
CA PRO B 656 15.76 -2.02 -36.04
C PRO B 656 15.13 -3.37 -35.72
N PRO B 657 14.69 -4.12 -36.73
CA PRO B 657 14.14 -5.46 -36.52
C PRO B 657 15.22 -6.43 -36.00
N ARG B 658 14.83 -7.37 -35.16
CA ARG B 658 15.74 -8.41 -34.68
C ARG B 658 16.07 -9.39 -35.80
N GLY B 659 15.09 -9.66 -36.65
CA GLY B 659 15.27 -10.54 -37.78
C GLY B 659 14.27 -10.19 -38.87
N TYR B 660 14.40 -10.84 -40.03
CA TYR B 660 13.53 -10.57 -41.16
C TYR B 660 12.12 -11.08 -40.87
N VAL B 661 12.04 -12.14 -40.08
CA VAL B 661 10.76 -12.72 -39.68
C VAL B 661 10.65 -12.79 -38.17
N SER B 662 9.60 -12.20 -37.61
CA SER B 662 9.37 -12.28 -36.17
C SER B 662 8.36 -13.37 -35.86
N ILE B 663 8.62 -14.12 -34.80
CA ILE B 663 7.76 -15.22 -34.41
C ILE B 663 7.18 -14.96 -33.02
N LYS B 664 5.87 -14.82 -32.94
CA LYS B 664 5.20 -14.58 -31.67
C LYS B 664 4.18 -15.67 -31.37
N ALA B 665 3.90 -15.88 -30.09
CA ALA B 665 2.87 -16.83 -29.67
C ALA B 665 1.57 -16.09 -29.40
N SER B 666 0.46 -16.69 -29.83
CA SER B 666 -0.85 -16.05 -29.67
C SER B 666 -1.85 -16.98 -28.98
N LYS B 667 -3.08 -16.50 -28.86
CA LYS B 667 -4.14 -17.23 -28.16
C LYS B 667 -4.48 -18.55 -28.87
N ASP B 668 -4.40 -18.56 -30.19
CA ASP B 668 -4.79 -19.74 -30.97
C ASP B 668 -3.74 -20.15 -31.99
N GLY B 669 -2.47 -19.85 -31.71
CA GLY B 669 -1.40 -20.28 -32.60
C GLY B 669 -0.18 -19.38 -32.62
N ILE B 670 0.73 -19.67 -33.56
CA ILE B 670 1.97 -18.93 -33.69
C ILE B 670 1.88 -17.91 -34.85
N LEU B 671 2.20 -16.67 -34.55
CA LEU B 671 2.09 -15.60 -35.53
C LEU B 671 3.45 -15.22 -36.12
N ARG B 672 3.58 -15.38 -37.43
CA ARG B 672 4.79 -14.98 -38.14
C ARG B 672 4.58 -13.66 -38.86
N GLN B 673 5.59 -12.80 -38.79
CA GLN B 673 5.51 -11.47 -39.38
C GLN B 673 6.81 -11.16 -40.12
N VAL B 674 6.70 -10.91 -41.42
CA VAL B 674 7.87 -10.59 -42.24
C VAL B 674 7.99 -9.08 -42.40
N VAL B 675 9.20 -8.55 -42.28
CA VAL B 675 9.45 -7.12 -42.42
C VAL B 675 8.96 -6.63 -43.80
N PRO B 676 8.46 -5.38 -43.85
CA PRO B 676 7.90 -4.82 -45.09
C PRO B 676 8.83 -4.95 -46.28
N ASP B 677 8.29 -5.46 -47.39
CA ASP B 677 9.00 -5.58 -48.66
C ASP B 677 10.37 -6.25 -48.52
N TYR B 678 10.43 -7.33 -47.74
CA TYR B 678 11.63 -8.13 -47.60
C TYR B 678 12.16 -8.56 -48.97
N GLU B 679 11.24 -8.92 -49.85
CA GLU B 679 11.58 -9.44 -51.18
C GLU B 679 12.55 -8.54 -51.94
N HIS B 680 12.42 -7.23 -51.76
CA HIS B 680 13.23 -6.29 -52.53
C HIS B 680 14.26 -5.55 -51.69
N LEU B 681 14.10 -5.56 -50.37
CA LEU B 681 14.92 -4.72 -49.51
C LEU B 681 15.71 -5.48 -48.44
N HIS B 682 15.81 -6.80 -48.56
CA HIS B 682 16.44 -7.61 -47.51
C HIS B 682 17.90 -7.20 -47.27
N ASP B 683 18.63 -6.93 -48.35
CA ASP B 683 20.01 -6.45 -48.24
C ASP B 683 20.07 -5.01 -47.73
N ALA B 684 18.99 -4.25 -47.94
CA ALA B 684 18.94 -2.86 -47.53
C ALA B 684 18.71 -2.73 -46.03
N TYR B 685 18.00 -3.70 -45.46
CA TYR B 685 17.77 -3.72 -44.02
C TYR B 685 19.06 -3.89 -43.23
N GLU B 686 19.12 -3.28 -42.07
CA GLU B 686 20.19 -3.54 -41.12
C GLU B 686 19.58 -4.06 -39.82
N LEU B 687 19.72 -5.36 -39.57
CA LEU B 687 19.15 -5.98 -38.38
C LEU B 687 19.87 -5.49 -37.12
N LEU B 688 19.20 -5.60 -35.98
CA LEU B 688 19.71 -5.11 -34.71
C LEU B 688 21.11 -5.62 -34.38
N TRP B 689 21.31 -6.94 -34.46
CA TRP B 689 22.60 -7.51 -34.06
C TRP B 689 23.62 -7.48 -35.19
N GLU B 690 23.31 -6.76 -36.27
CA GLU B 690 24.25 -6.55 -37.35
C GLU B 690 24.99 -5.23 -37.14
N MET B 691 24.46 -4.38 -36.26
CA MET B 691 25.10 -3.12 -35.93
C MET B 691 26.33 -3.38 -35.07
N PRO B 692 27.44 -2.67 -35.36
CA PRO B 692 28.70 -2.85 -34.63
C PRO B 692 28.62 -2.37 -33.18
N GLY B 693 27.83 -1.32 -32.94
CA GLY B 693 27.69 -0.76 -31.62
C GLY B 693 26.49 0.17 -31.55
N ASN B 694 26.46 1.05 -30.56
CA ASN B 694 25.30 1.89 -30.33
C ASN B 694 25.44 3.32 -30.89
N ASP B 695 26.64 3.68 -31.31
CA ASP B 695 26.93 5.05 -31.72
C ASP B 695 26.01 5.59 -32.81
N GLY B 696 25.89 4.85 -33.91
CA GLY B 696 25.06 5.26 -35.03
C GLY B 696 23.62 5.50 -34.64
N TYR B 697 23.05 4.55 -33.92
CA TYR B 697 21.67 4.64 -33.46
C TYR B 697 21.47 5.79 -32.48
N LEU B 698 22.43 5.98 -31.58
CA LEU B 698 22.33 7.06 -30.60
C LEU B 698 22.39 8.43 -31.26
N GLN B 699 23.21 8.56 -32.30
CA GLN B 699 23.28 9.80 -33.05
C GLN B 699 21.94 10.12 -33.72
N LEU B 700 21.28 9.08 -34.22
CA LEU B 700 19.97 9.26 -34.85
C LEU B 700 18.93 9.71 -33.82
N VAL B 701 18.94 9.10 -32.65
CA VAL B 701 18.04 9.47 -31.57
C VAL B 701 18.24 10.94 -31.19
N GLY B 702 19.50 11.35 -31.08
CA GLY B 702 19.83 12.74 -30.78
C GLY B 702 19.31 13.68 -31.84
N ILE B 703 19.46 13.29 -33.10
CA ILE B 703 18.99 14.10 -34.21
C ILE B 703 17.46 14.24 -34.17
N MET B 704 16.76 13.16 -33.89
CA MET B 704 15.31 13.18 -33.70
C MET B 704 14.92 14.13 -32.57
N GLN B 705 15.64 14.03 -31.46
CA GLN B 705 15.33 14.76 -30.24
C GLN B 705 15.46 16.28 -30.42
N LYS B 706 16.17 16.69 -31.46
CA LYS B 706 16.26 18.11 -31.82
C LYS B 706 14.87 18.69 -32.06
N PHE B 707 13.97 17.86 -32.57
CA PHE B 707 12.64 18.32 -32.97
C PHE B 707 11.52 17.78 -32.07
N ILE B 708 11.74 16.64 -31.44
CA ILE B 708 10.72 16.02 -30.60
C ILE B 708 10.43 16.87 -29.35
N ASP B 709 9.14 17.11 -29.08
CA ASP B 709 8.71 17.88 -27.90
C ASP B 709 9.06 17.17 -26.61
N GLN B 710 8.72 15.89 -26.54
CA GLN B 710 8.92 15.12 -25.32
C GLN B 710 10.21 14.33 -25.44
N SER B 711 10.16 13.02 -25.24
CA SER B 711 11.36 12.22 -25.37
C SER B 711 11.19 11.05 -26.31
N ILE B 712 12.12 10.11 -26.22
CA ILE B 712 12.20 8.96 -27.14
C ILE B 712 12.57 7.70 -26.35
N SER B 713 11.87 6.60 -26.60
CA SER B 713 12.17 5.34 -25.92
C SER B 713 13.40 4.68 -26.52
N ALA B 714 14.58 5.26 -26.24
CA ALA B 714 15.81 4.82 -26.86
C ALA B 714 16.40 3.62 -26.15
N ASN B 715 16.72 2.59 -26.92
CA ASN B 715 17.32 1.37 -26.41
C ASN B 715 18.84 1.39 -26.56
N THR B 716 19.53 0.68 -25.67
CA THR B 716 20.93 0.34 -25.91
C THR B 716 21.01 -1.17 -26.09
N ASN B 717 21.92 -1.61 -26.95
CA ASN B 717 22.03 -3.03 -27.28
C ASN B 717 23.47 -3.49 -27.25
N TYR B 718 23.71 -4.66 -26.66
CA TYR B 718 25.06 -5.22 -26.60
C TYR B 718 25.07 -6.71 -26.91
N ASP B 719 26.01 -7.11 -27.75
CA ASP B 719 26.25 -8.51 -28.06
C ASP B 719 27.57 -8.92 -27.42
N PRO B 720 27.49 -9.72 -26.35
CA PRO B 720 28.67 -10.19 -25.61
C PRO B 720 29.71 -10.86 -26.49
N SER B 721 29.27 -11.54 -27.54
CA SER B 721 30.19 -12.26 -28.42
C SER B 721 31.03 -11.30 -29.26
N ARG B 722 30.59 -10.05 -29.37
CA ARG B 722 31.36 -9.02 -30.05
C ARG B 722 32.51 -8.49 -29.19
N PHE B 723 32.61 -9.01 -27.97
CA PHE B 723 33.66 -8.58 -27.05
C PHE B 723 34.52 -9.76 -26.61
N PRO B 724 35.81 -9.50 -26.34
CA PRO B 724 36.71 -10.53 -25.81
C PRO B 724 36.20 -11.11 -24.49
N SER B 725 36.34 -12.42 -24.32
CA SER B 725 35.89 -13.14 -23.12
C SER B 725 34.37 -13.04 -22.90
N GLY B 726 33.66 -12.61 -23.95
CA GLY B 726 32.21 -12.54 -23.90
C GLY B 726 31.65 -11.67 -22.79
N LYS B 727 32.34 -10.57 -22.51
CA LYS B 727 31.96 -9.67 -21.44
C LYS B 727 31.95 -8.22 -21.92
N VAL B 728 30.82 -7.54 -21.74
CA VAL B 728 30.74 -6.12 -22.07
C VAL B 728 31.41 -5.30 -20.98
N PRO B 729 32.53 -4.65 -21.33
CA PRO B 729 33.32 -3.89 -20.35
C PRO B 729 32.58 -2.66 -19.84
N MET B 730 32.76 -2.34 -18.57
CA MET B 730 32.09 -1.19 -17.97
C MET B 730 32.47 0.10 -18.70
N GLN B 731 33.69 0.13 -19.23
CA GLN B 731 34.17 1.26 -20.00
C GLN B 731 33.27 1.55 -21.19
N GLN B 732 32.85 0.49 -21.88
CA GLN B 732 31.99 0.64 -23.06
C GLN B 732 30.59 1.11 -22.67
N LEU B 733 30.08 0.60 -21.56
CA LEU B 733 28.76 0.99 -21.07
C LEU B 733 28.73 2.47 -20.74
N LEU B 734 29.79 2.95 -20.09
CA LEU B 734 29.88 4.36 -19.68
C LEU B 734 30.06 5.26 -20.89
N LYS B 735 30.87 4.82 -21.85
CA LYS B 735 31.14 5.61 -23.05
C LYS B 735 29.87 5.88 -23.83
N ASP B 736 29.07 4.84 -24.06
CA ASP B 736 27.80 4.99 -24.76
C ASP B 736 26.86 5.91 -23.98
N LEU B 737 26.87 5.77 -22.65
CA LEU B 737 26.09 6.63 -21.78
C LEU B 737 26.48 8.09 -21.97
N LEU B 738 27.79 8.34 -22.04
CA LEU B 738 28.30 9.69 -22.24
C LEU B 738 27.99 10.20 -23.65
N THR B 739 28.07 9.29 -24.62
CA THR B 739 27.74 9.62 -26.00
C THR B 739 26.30 10.10 -26.11
N ALA B 740 25.39 9.37 -25.46
CA ALA B 740 23.98 9.73 -25.47
C ALA B 740 23.79 11.13 -24.91
N TYR B 741 24.43 11.43 -23.79
CA TYR B 741 24.32 12.75 -23.18
C TYR B 741 24.89 13.83 -24.10
N LYS B 742 26.01 13.53 -24.75
CA LYS B 742 26.69 14.48 -25.61
C LYS B 742 25.79 14.98 -26.74
N PHE B 743 24.94 14.10 -27.26
CA PHE B 743 24.08 14.45 -28.39
C PHE B 743 22.65 14.78 -27.98
N GLY B 744 22.46 15.06 -26.69
CA GLY B 744 21.20 15.61 -26.21
C GLY B 744 20.08 14.62 -25.94
N VAL B 745 20.42 13.34 -25.85
CA VAL B 745 19.44 12.30 -25.56
C VAL B 745 18.86 12.49 -24.15
N LYS B 746 17.53 12.56 -24.07
CA LYS B 746 16.86 12.86 -22.80
C LYS B 746 16.72 11.64 -21.91
N THR B 747 16.46 10.48 -22.51
CA THR B 747 16.23 9.26 -21.74
C THR B 747 16.86 8.04 -22.38
N LEU B 748 17.15 7.03 -21.56
CA LEU B 748 17.54 5.73 -22.06
C LEU B 748 16.62 4.66 -21.47
N TYR B 749 15.99 3.91 -22.36
CA TYR B 749 15.02 2.90 -21.99
C TYR B 749 15.74 1.56 -21.80
N TYR B 750 15.19 0.51 -22.42
N TYR B 750 15.21 0.50 -22.41
CA TYR B 750 15.73 -0.84 -22.33
CA TYR B 750 15.69 -0.86 -22.19
C TYR B 750 17.22 -0.91 -22.63
C TYR B 750 17.11 -1.09 -22.71
N GLN B 751 17.93 -1.76 -21.90
CA GLN B 751 19.23 -2.23 -22.36
C GLN B 751 19.07 -3.68 -22.76
N ASN B 752 19.24 -3.96 -24.05
N ASN B 752 19.23 -3.96 -24.04
CA ASN B 752 19.08 -5.31 -24.57
CA ASN B 752 19.09 -5.32 -24.57
C ASN B 752 20.43 -6.02 -24.67
C ASN B 752 20.44 -6.02 -24.65
N THR B 753 20.55 -7.16 -23.99
CA THR B 753 21.75 -7.97 -24.08
C THR B 753 21.43 -9.26 -24.83
N ARG B 754 22.09 -9.46 -25.96
CA ARG B 754 21.84 -10.63 -26.80
C ARG B 754 22.13 -11.92 -26.05
N ASP B 755 21.20 -12.86 -26.11
CA ASP B 755 21.37 -14.14 -25.45
C ASP B 755 21.82 -15.19 -26.46
N GLY B 756 23.04 -15.07 -26.93
CA GLY B 756 23.60 -16.00 -27.91
C GLY B 756 24.09 -15.29 -29.16
N VAL B 797 37.82 0.55 -15.31
CA VAL B 797 37.36 1.84 -15.81
C VAL B 797 38.49 2.87 -15.83
N ASP B 798 38.94 3.22 -17.03
CA ASP B 798 39.96 4.25 -17.19
C ASP B 798 39.28 5.61 -17.33
N THR B 799 39.29 6.39 -16.26
CA THR B 799 38.64 7.69 -16.25
C THR B 799 39.44 8.72 -17.06
N ASP B 800 40.66 8.35 -17.43
CA ASP B 800 41.51 9.22 -18.25
C ASP B 800 41.16 9.11 -19.72
N ASP B 801 40.64 7.96 -20.13
CA ASP B 801 40.20 7.76 -21.51
C ASP B 801 38.87 8.46 -21.76
N LEU B 802 38.23 8.89 -20.68
CA LEU B 802 36.99 9.64 -20.77
C LEU B 802 37.20 11.10 -20.39
N SER B 803 38.44 11.42 -20.02
CA SER B 803 38.79 12.77 -19.58
C SER B 803 38.72 13.77 -20.73
N ASN B 804 39.11 13.34 -21.92
CA ASN B 804 39.12 14.20 -23.08
C ASN B 804 37.72 14.42 -23.66
N PHE B 805 36.75 13.70 -23.13
CA PHE B 805 35.40 13.72 -23.64
C PHE B 805 34.69 15.05 -23.35
N GLN B 806 34.11 15.63 -24.39
CA GLN B 806 33.37 16.88 -24.27
C GLN B 806 31.88 16.62 -24.09
N LEU B 807 31.36 16.91 -22.90
CA LEU B 807 29.93 16.72 -22.62
C LEU B 807 29.06 17.63 -23.46
PG DTP C . 26.35 11.89 44.74
O1G DTP C . 26.23 11.57 46.23
O2G DTP C . 27.35 12.98 44.54
O3G DTP C . 24.99 12.34 44.21
PB DTP C . 28.04 9.77 44.37
O1B DTP C . 28.44 10.10 45.79
O2B DTP C . 29.22 10.02 43.40
O3B DTP C . 26.78 10.60 43.95
PA DTP C . 26.24 7.83 44.76
O1A DTP C . 25.88 8.49 46.06
O2A DTP C . 25.20 8.20 43.70
O3A DTP C . 27.66 8.26 44.30
O5' DTP C . 26.25 6.28 44.94
C5' DTP C . 26.66 5.49 43.86
C4' DTP C . 27.31 4.22 44.33
O4' DTP C . 28.72 4.44 44.50
C3' DTP C . 26.77 3.78 45.58
O3' DTP C . 26.54 2.38 45.51
C2' DTP C . 27.76 4.06 46.61
C1' DTP C . 29.03 4.02 45.83
N9 DTP C . 30.00 4.88 46.38
C8 DTP C . 29.90 6.20 46.62
N7 DTP C . 31.04 6.65 47.14
C5 DTP C . 31.92 5.63 47.26
C6 DTP C . 33.22 5.49 47.73
N6 DTP C . 33.92 6.60 48.22
N1 DTP C . 33.82 4.29 47.71
C2 DTP C . 33.20 3.21 47.25
N3 DTP C . 31.92 3.30 46.78
C4 DTP C . 31.27 4.48 46.78
MG MG D . 26.93 9.92 47.28
PG DTP E . -19.20 -2.80 -9.62
O1G DTP E . -19.21 -4.26 -10.08
O2G DTP E . -18.83 -2.75 -8.17
O3G DTP E . -20.59 -2.21 -9.79
PB DTP E . -17.40 -0.74 -9.87
O1B DTP E . -18.25 -0.08 -8.81
O2B DTP E . -17.15 0.28 -11.00
O3B DTP E . -18.13 -2.01 -10.45
PA DTP E . -15.54 -1.06 -7.84
O1A DTP E . -14.66 0.15 -7.67
O2A DTP E . -16.73 -0.96 -6.89
O3A DTP E . -16.01 -1.22 -9.31
O5' DTP E . -14.70 -2.34 -7.45
C5' DTP E . -15.30 -3.61 -7.43
C4' DTP E . -14.35 -4.66 -6.94
O4' DTP E . -13.53 -5.16 -8.02
C3' DTP E . -13.45 -4.19 -5.94
O3' DTP E . -13.21 -5.27 -5.05
C2' DTP E . -12.18 -3.83 -6.60
C1' DTP E . -12.19 -4.74 -7.78
N9 DTP E . -11.74 -4.17 -8.98
C8 DTP E . -12.17 -3.04 -9.59
N7 DTP E . -11.52 -2.87 -10.74
C5 DTP E . -10.66 -3.91 -10.94
C6 DTP E . -9.76 -4.26 -11.94
N6 DTP E . -9.59 -3.45 -13.07
N1 DTP E . -9.04 -5.39 -11.82
C2 DTP E . -9.17 -6.18 -10.76
N3 DTP E . -10.05 -5.87 -9.75
C4 DTP E . -10.79 -4.76 -9.83
MG MG F . -18.76 -0.97 -7.04
NA NA G . -3.99 4.82 -0.58
CL CL H . 4.32 -11.99 3.00
CL CL I . 0.23 -3.59 27.63
CL CL J . -28.97 -18.20 24.81
PG DTP K . 7.24 17.01 8.61
O1G DTP K . 6.99 16.72 7.13
O2G DTP K . 8.63 16.57 8.98
O3G DTP K . 7.09 18.51 8.86
PB DTP K . 4.79 15.83 8.92
O1B DTP K . 4.37 16.81 7.87
O2B DTP K . 3.75 15.84 10.08
O3B DTP K . 6.22 16.20 9.49
PA DTP K . 4.61 13.95 6.88
O1A DTP K . 3.21 13.40 6.77
O2A DTP K . 4.77 15.11 5.93
O3A DTP K . 4.90 14.37 8.35
O5' DTP K . 5.62 12.83 6.48
C5' DTP K . 6.98 13.15 6.33
C4' DTP K . 7.76 12.01 5.73
O4' DTP K . 8.09 11.05 6.72
C3' DTP K . 7.03 11.33 4.71
O3' DTP K . 7.97 10.85 3.75
C2' DTP K . 6.37 10.18 5.34
C1' DTP K . 7.28 9.88 6.46
N9 DTP K . 6.64 9.59 7.69
C8 DTP K . 5.69 10.31 8.33
N7 DTP K . 5.38 9.72 9.48
C5 DTP K . 6.13 8.60 9.63
C6 DTP K . 6.24 7.61 10.61
N6 DTP K . 5.45 7.66 11.76
N1 DTP K . 7.10 6.60 10.45
C2 DTP K . 7.88 6.51 9.36
N3 DTP K . 7.80 7.47 8.38
C4 DTP K . 6.95 8.50 8.49
MG MG L . 5.27 17.13 6.06
CL CL M . 9.69 -7.69 -4.65
CL CL N . 1.80 -0.54 -29.22
CL CL O . 24.32 23.00 -26.28
C1 GOL P . -11.71 19.26 -44.37
O1 GOL P . -12.16 18.43 -45.43
C2 GOL P . -11.53 20.68 -44.88
O2 GOL P . -10.26 20.80 -45.49
C3 GOL P . -11.64 21.65 -43.70
O3 GOL P . -11.38 22.96 -44.14
#